data_9MTL
#
_entry.id   9MTL
#
_cell.length_a   1.00
_cell.length_b   1.00
_cell.length_c   1.00
_cell.angle_alpha   90.00
_cell.angle_beta   90.00
_cell.angle_gamma   90.00
#
_symmetry.space_group_name_H-M   'P 1'
#
loop_
_entity.id
_entity.type
_entity.pdbx_description
1 polymer Hemagglutinin
2 polymer 'Heavy chain of Fab from porcine antibody 24-1G23'
3 polymer 'Light chain of Fab from porcine antibody 24-1G23'
4 polymer Hemagglutinin
#
loop_
_entity_poly.entity_id
_entity_poly.type
_entity_poly.pdbx_seq_one_letter_code
_entity_poly.pdbx_strand_id
1 'polypeptide(L)'
;DTLCIGYHANNSTDTVDTVLEKNVTVTHSVNLLEDKHNGKLCKLRGVAPLHLGKCNIAGWILGNPECESLSTARSWSYIV
ETSNSDNGTCYPGDFINYEELREQLSSVSSFERFEIFPKTSSWPNHDSDKGVTAACPHAGAKSFYKNLIWLVKKGNSYPK
LNQTYINDKGKEVLVLWGIHHPPTIAAQESLYQNADAYVFVGTSRYSKKFKPEIATRPKVRDQEGRMNYYWTLVEPGDKI
TFEATGNLVVPRYAFTMERDAGSGIIISDTPVHDCNTTCQTPEGAINTSLPFQNVHPITIGKCPKYVKSTKLRLATGLRN
VPSIQSR
;
A,C,E
2 'polypeptide(L)'
;EEKLVESGGGLVQPGGSLRLSCVGSGFTFSSTYIGWVRQAPGGGLEWLGSISVNGDITDYAESAEGRFTISKDNSQNMAW
LQMNSLRTEDTARYYCATGRFFGIVVTYAMNLWGPGVEVVVSSASTKGPS
;
H,I,M
3 'polypeptide(L)'
;QTVIQEPAMSVSPGGTVTLTCAFRSGSVTTSNYPSWFQQTPGQPPRLLIYNTNSRPTGVPSRFSGRISGNKAALTITGAQ
TEDEADYFCALYKTALNVRFGGGTHLTVLGQPKAAP
;
J,L,N
4 'polypeptide(L)'
;GLFGAIAGFIEGGWTGMVDGWYGYHHQNEQGSGYAADLKSTQNAIDKITNKVNSVIEKMNTQFTAVGKEFNHLEKRIENL
NKKVDDGFLDIWTYNAELLVLLENERTLDYHDSNVKNLYEKVRNQLKNNAKEIGNGCFEFYHKCDNTCMESVKNGTYDYP
KYSEEAKLNREKID
;
B,D,F
#
# COMPACT_ATOMS: atom_id res chain seq x y z
N ASP A 1 -37.52 17.46 -39.52
CA ASP A 1 -37.37 17.73 -38.10
C ASP A 1 -36.44 16.71 -37.47
N THR A 2 -35.37 17.18 -36.85
CA THR A 2 -34.32 16.28 -36.37
C THR A 2 -33.97 16.61 -34.92
N LEU A 3 -33.72 15.57 -34.12
CA LEU A 3 -33.29 15.73 -32.75
C LEU A 3 -32.02 14.91 -32.53
N CYS A 4 -30.92 15.58 -32.20
CA CYS A 4 -29.62 14.92 -32.09
C CYS A 4 -29.08 14.97 -30.66
N ILE A 5 -28.58 13.83 -30.20
CA ILE A 5 -28.00 13.68 -28.87
C ILE A 5 -26.50 13.91 -28.99
N GLY A 6 -25.94 14.70 -28.08
CA GLY A 6 -24.52 14.95 -28.12
C GLY A 6 -23.93 15.35 -26.79
N TYR A 7 -22.63 15.62 -26.77
CA TYR A 7 -21.93 15.92 -25.53
C TYR A 7 -21.05 17.14 -25.73
N HIS A 8 -20.41 17.57 -24.65
CA HIS A 8 -19.71 18.83 -24.59
C HIS A 8 -18.27 18.70 -25.05
N ALA A 9 -17.78 19.73 -25.74
CA ALA A 9 -16.39 19.83 -26.14
C ALA A 9 -15.96 21.28 -26.02
N ASN A 10 -14.66 21.48 -25.79
CA ASN A 10 -14.09 22.81 -25.67
C ASN A 10 -12.66 22.79 -26.17
N ASN A 11 -12.00 23.93 -26.06
CA ASN A 11 -10.61 24.08 -26.51
C ASN A 11 -9.60 23.81 -25.40
N SER A 12 -9.95 22.96 -24.45
CA SER A 12 -9.01 22.62 -23.38
C SER A 12 -7.85 21.80 -23.92
N THR A 13 -6.68 22.04 -23.34
CA THR A 13 -5.46 21.30 -23.66
C THR A 13 -5.12 20.27 -22.59
N ASP A 14 -5.83 20.30 -21.46
CA ASP A 14 -5.52 19.44 -20.32
C ASP A 14 -5.47 17.97 -20.71
N THR A 15 -4.44 17.28 -20.25
CA THR A 15 -4.18 15.90 -20.61
C THR A 15 -4.11 15.05 -19.35
N VAL A 16 -4.78 13.90 -19.37
CA VAL A 16 -4.74 12.97 -18.27
C VAL A 16 -4.12 11.66 -18.74
N ASP A 17 -3.67 10.85 -17.79
CA ASP A 17 -3.10 9.55 -18.08
C ASP A 17 -4.10 8.46 -17.70
N THR A 18 -4.26 7.49 -18.60
CA THR A 18 -5.25 6.44 -18.47
C THR A 18 -4.54 5.10 -18.63
N VAL A 19 -4.98 4.10 -17.87
CA VAL A 19 -4.22 2.84 -17.80
C VAL A 19 -4.32 2.09 -19.13
N LEU A 20 -5.21 2.54 -20.02
CA LEU A 20 -5.26 1.95 -21.35
C LEU A 20 -4.71 2.90 -22.42
N GLU A 21 -4.56 4.19 -22.10
CA GLU A 21 -4.15 5.17 -23.08
C GLU A 21 -3.40 6.32 -22.42
N LYS A 22 -2.27 6.71 -23.00
CA LYS A 22 -1.56 7.89 -22.53
C LYS A 22 -2.00 9.11 -23.33
N ASN A 23 -1.77 10.29 -22.74
CA ASN A 23 -1.99 11.57 -23.41
C ASN A 23 -3.43 11.71 -23.91
N VAL A 24 -4.39 11.58 -23.00
CA VAL A 24 -5.80 11.68 -23.33
C VAL A 24 -6.27 13.09 -22.96
N THR A 25 -6.71 13.85 -23.96
CA THR A 25 -7.20 15.18 -23.69
C THR A 25 -8.63 15.12 -23.15
N VAL A 26 -8.89 15.95 -22.14
CA VAL A 26 -10.18 15.97 -21.47
C VAL A 26 -10.59 17.42 -21.28
N THR A 27 -11.89 17.63 -21.03
CA THR A 27 -12.41 18.99 -20.92
C THR A 27 -11.96 19.65 -19.63
N HIS A 28 -11.81 18.89 -18.55
CA HIS A 28 -11.39 19.45 -17.28
C HIS A 28 -10.61 18.42 -16.49
N SER A 29 -9.75 18.91 -15.60
CA SER A 29 -8.94 18.05 -14.74
C SER A 29 -8.66 18.77 -13.43
N VAL A 30 -8.32 17.98 -12.41
CA VAL A 30 -7.90 18.52 -11.12
C VAL A 30 -6.53 17.94 -10.79
N ASN A 31 -5.80 18.65 -9.95
CA ASN A 31 -4.44 18.28 -9.59
C ASN A 31 -4.42 17.54 -8.27
N LEU A 32 -3.75 16.39 -8.24
CA LEU A 32 -3.59 15.60 -7.03
C LEU A 32 -2.19 15.67 -6.47
N LEU A 33 -1.26 16.32 -7.18
CA LEU A 33 0.13 16.42 -6.78
C LEU A 33 0.51 17.89 -6.76
N GLU A 34 1.24 18.28 -5.73
CA GLU A 34 1.66 19.66 -5.56
C GLU A 34 3.17 19.75 -5.54
N ASP A 35 3.71 20.70 -6.31
CA ASP A 35 5.14 20.85 -6.49
C ASP A 35 5.59 22.29 -6.27
N LYS A 36 4.84 23.07 -5.49
CA LYS A 36 5.16 24.47 -5.26
C LYS A 36 5.30 24.72 -3.77
N HIS A 37 6.22 25.61 -3.42
CA HIS A 37 6.43 26.06 -2.05
C HIS A 37 6.77 27.53 -2.09
N ASN A 38 6.57 28.21 -0.96
CA ASN A 38 6.81 29.64 -0.89
C ASN A 38 8.28 29.98 -0.69
N GLY A 39 9.15 28.98 -0.55
CA GLY A 39 10.57 29.24 -0.41
C GLY A 39 10.90 30.06 0.82
N LYS A 40 10.29 29.74 1.94
CA LYS A 40 10.30 30.65 3.09
C LYS A 40 9.88 29.86 4.33
N LEU A 41 10.74 29.84 5.35
CA LEU A 41 10.40 29.15 6.58
C LEU A 41 9.32 29.91 7.33
N CYS A 42 8.42 29.15 7.96
CA CYS A 42 7.16 29.70 8.44
C CYS A 42 6.78 29.05 9.76
N LYS A 43 5.84 29.68 10.45
CA LYS A 43 5.39 29.20 11.75
C LYS A 43 4.57 27.93 11.60
N LEU A 44 4.72 27.02 12.55
CA LEU A 44 4.02 25.75 12.55
C LEU A 44 3.09 25.70 13.75
N ARG A 45 1.80 25.49 13.49
CA ARG A 45 0.75 25.50 14.51
C ARG A 45 0.77 26.80 15.31
N GLY A 46 1.09 27.91 14.64
CA GLY A 46 1.08 29.20 15.28
C GLY A 46 2.39 29.56 15.96
N VAL A 47 3.11 28.57 16.45
CA VAL A 47 4.34 28.80 17.19
C VAL A 47 5.50 28.96 16.22
N ALA A 48 6.28 30.01 16.41
CA ALA A 48 7.40 30.30 15.54
C ALA A 48 8.57 29.36 15.79
N PRO A 49 9.37 29.08 14.76
CA PRO A 49 10.54 28.22 14.96
C PRO A 49 11.64 28.95 15.71
N LEU A 50 12.56 28.16 16.26
CA LEU A 50 13.76 28.67 16.88
C LEU A 50 14.86 28.71 15.82
N HIS A 51 15.27 29.90 15.43
CA HIS A 51 16.32 30.05 14.43
C HIS A 51 17.67 30.23 15.12
N LEU A 52 18.64 29.44 14.72
CA LEU A 52 20.00 29.53 15.21
C LEU A 52 20.90 29.90 14.03
N GLY A 53 21.34 31.15 14.00
CA GLY A 53 22.08 31.64 12.85
C GLY A 53 23.41 30.96 12.64
N LYS A 54 24.37 31.25 13.51
CA LYS A 54 25.70 30.66 13.42
C LYS A 54 25.98 29.62 14.49
N CYS A 55 25.08 29.50 15.46
CA CYS A 55 25.28 28.51 16.53
C CYS A 55 24.45 27.27 16.24
N ASN A 56 24.82 26.11 16.80
CA ASN A 56 24.01 24.92 16.74
C ASN A 56 23.47 24.61 18.12
N ILE A 57 22.84 23.45 18.30
CA ILE A 57 22.24 23.12 19.59
C ILE A 57 23.30 23.13 20.69
N ALA A 58 24.47 22.57 20.42
CA ALA A 58 25.52 22.52 21.43
C ALA A 58 25.93 23.91 21.88
N GLY A 59 26.24 24.79 20.93
CA GLY A 59 26.68 26.12 21.28
C GLY A 59 25.59 26.94 21.95
N TRP A 60 24.36 26.83 21.46
CA TRP A 60 23.24 27.57 22.04
C TRP A 60 22.95 27.12 23.46
N ILE A 61 22.97 25.81 23.70
CA ILE A 61 22.59 25.31 25.02
C ILE A 61 23.74 25.45 26.01
N LEU A 62 24.99 25.45 25.54
CA LEU A 62 26.11 25.68 26.44
C LEU A 62 26.43 27.16 26.59
N GLY A 63 25.93 28.00 25.69
CA GLY A 63 26.25 29.42 25.74
C GLY A 63 27.59 29.75 25.15
N ASN A 64 27.78 29.40 23.88
CA ASN A 64 29.01 29.74 23.19
C ASN A 64 29.16 31.27 23.14
N PRO A 65 30.36 31.79 23.40
CA PRO A 65 30.53 33.25 23.48
C PRO A 65 30.17 34.00 22.21
N GLU A 66 29.86 33.30 21.12
CA GLU A 66 29.39 33.92 19.89
C GLU A 66 27.91 33.62 19.66
N CYS A 67 27.13 33.61 20.74
CA CYS A 67 25.70 33.27 20.62
C CYS A 67 24.89 34.18 21.56
N ALA A 73 11.75 31.88 21.70
CA ALA A 73 11.70 32.41 23.06
C ALA A 73 11.34 31.32 24.05
N ARG A 74 9.95 31.55 24.56
CA ARG A 74 9.54 30.51 25.53
C ARG A 74 9.02 29.26 24.80
N SER A 75 8.84 29.24 23.54
CA SER A 75 8.19 28.15 22.83
C SER A 75 8.61 28.14 21.37
N TRP A 76 8.79 26.94 20.80
CA TRP A 76 9.08 26.83 19.38
C TRP A 76 8.60 25.46 18.89
N SER A 77 7.98 25.45 17.71
CA SER A 77 7.51 24.20 17.13
C SER A 77 8.67 23.33 16.69
N TYR A 78 9.62 23.92 15.97
CA TYR A 78 10.83 23.24 15.53
C TYR A 78 11.98 24.22 15.61
N ILE A 79 13.19 23.75 15.33
CA ILE A 79 14.35 24.62 15.30
C ILE A 79 14.94 24.59 13.90
N VAL A 80 15.64 25.68 13.57
CA VAL A 80 16.29 25.83 12.28
C VAL A 80 17.77 26.07 12.51
N GLU A 81 18.60 25.26 11.87
CA GLU A 81 20.03 25.48 11.82
C GLU A 81 20.40 25.90 10.40
N THR A 82 21.70 26.13 10.19
CA THR A 82 22.19 26.62 8.92
C THR A 82 23.42 25.81 8.51
N SER A 83 23.71 25.83 7.21
CA SER A 83 24.90 25.17 6.71
C SER A 83 26.18 25.79 7.26
N ASN A 84 26.11 27.02 7.75
CA ASN A 84 27.26 27.69 8.37
C ASN A 84 27.12 27.77 9.89
N SER A 85 26.40 26.82 10.51
CA SER A 85 26.25 26.76 11.95
C SER A 85 27.40 25.92 12.52
N ASP A 86 28.58 26.51 12.61
CA ASP A 86 29.76 25.81 13.10
C ASP A 86 30.18 26.20 14.51
N ASN A 87 29.60 27.26 15.07
CA ASN A 87 29.99 27.70 16.42
C ASN A 87 29.26 26.83 17.43
N GLY A 88 29.92 25.75 17.82
CA GLY A 88 29.37 24.82 18.78
C GLY A 88 30.16 24.74 20.06
N THR A 89 30.73 23.57 20.33
CA THR A 89 31.58 23.37 21.51
C THR A 89 32.97 23.91 21.17
N CYS A 90 33.24 25.13 21.64
CA CYS A 90 34.51 25.77 21.32
C CYS A 90 35.69 24.99 21.90
N TYR A 91 35.58 24.58 23.16
CA TYR A 91 36.63 23.72 23.69
C TYR A 91 36.45 22.30 23.16
N PRO A 92 37.52 21.67 22.69
CA PRO A 92 37.39 20.33 22.12
C PRO A 92 36.90 19.32 23.15
N GLY A 93 36.10 18.37 22.68
CA GLY A 93 35.59 17.34 23.55
C GLY A 93 34.41 16.64 22.92
N ASP A 94 33.70 15.86 23.74
CA ASP A 94 32.51 15.11 23.27
C ASP A 94 31.28 15.55 24.04
N PHE A 95 30.14 15.65 23.36
CA PHE A 95 28.87 15.96 24.04
C PHE A 95 28.12 14.66 24.10
N ILE A 96 28.04 14.07 25.28
CA ILE A 96 27.44 12.72 25.42
C ILE A 96 25.94 12.78 25.12
N ASN A 97 25.47 11.85 24.30
CA ASN A 97 24.06 11.80 23.93
C ASN A 97 23.60 13.11 23.30
N TYR A 98 24.42 13.67 22.41
CA TYR A 98 24.10 14.93 21.76
C TYR A 98 22.86 14.82 20.90
N GLU A 99 22.74 13.71 20.14
CA GLU A 99 21.57 13.54 19.27
C GLU A 99 20.30 13.37 20.08
N GLU A 100 20.38 12.67 21.22
CA GLU A 100 19.22 12.54 22.09
C GLU A 100 18.76 13.90 22.59
N LEU A 101 19.71 14.74 23.02
CA LEU A 101 19.37 16.08 23.46
C LEU A 101 18.77 16.91 22.33
N ARG A 102 19.32 16.77 21.13
CA ARG A 102 18.74 17.45 19.98
C ARG A 102 17.29 17.06 19.76
N GLU A 103 16.98 15.77 19.89
CA GLU A 103 15.59 15.34 19.77
C GLU A 103 14.72 15.93 20.88
N GLN A 104 15.22 15.89 22.12
CA GLN A 104 14.40 16.36 23.24
C GLN A 104 14.11 17.85 23.13
N LEU A 105 15.06 18.63 22.63
CA LEU A 105 14.92 20.08 22.57
C LEU A 105 14.16 20.55 21.33
N SER A 106 13.70 19.64 20.48
CA SER A 106 13.17 20.02 19.18
C SER A 106 11.87 20.80 19.28
N SER A 107 10.98 20.39 20.18
CA SER A 107 9.60 20.90 20.20
C SER A 107 9.14 21.24 21.61
N VAL A 108 9.87 22.11 22.31
CA VAL A 108 9.47 22.45 23.67
C VAL A 108 8.16 23.23 23.66
N SER A 109 7.47 23.20 24.80
CA SER A 109 6.29 24.02 25.03
C SER A 109 6.54 25.16 26.00
N SER A 110 7.48 25.00 26.93
CA SER A 110 7.93 26.08 27.81
C SER A 110 9.42 25.93 28.03
N PHE A 111 10.12 27.06 27.99
CA PHE A 111 11.58 27.07 28.12
C PHE A 111 12.05 28.32 28.84
N GLU A 112 12.65 28.15 30.02
CA GLU A 112 13.14 29.27 30.81
C GLU A 112 14.57 28.99 31.25
N ARG A 113 15.42 30.01 31.17
CA ARG A 113 16.79 29.91 31.64
C ARG A 113 16.90 30.58 33.00
N PHE A 114 17.30 29.80 34.02
CA PHE A 114 17.40 30.33 35.37
C PHE A 114 18.75 29.95 35.97
N GLU A 115 19.22 30.79 36.89
CA GLU A 115 20.52 30.60 37.53
C GLU A 115 20.39 29.51 38.57
N ILE A 116 20.80 28.30 38.21
CA ILE A 116 20.73 27.17 39.13
C ILE A 116 21.73 27.35 40.27
N PHE A 117 22.91 27.85 39.96
CA PHE A 117 23.98 28.05 40.94
C PHE A 117 24.53 29.45 40.78
N PRO A 118 24.10 30.41 41.59
CA PRO A 118 24.62 31.77 41.49
C PRO A 118 26.14 31.82 41.67
N LYS A 119 26.78 32.60 40.82
CA LYS A 119 28.24 32.67 40.81
C LYS A 119 28.77 33.35 42.06
N THR A 120 28.06 34.34 42.59
CA THR A 120 28.58 35.15 43.68
C THR A 120 28.55 34.43 45.02
N SER A 121 27.74 33.38 45.18
CA SER A 121 27.55 32.76 46.47
C SER A 121 27.76 31.25 46.51
N SER A 122 27.62 30.55 45.38
CA SER A 122 27.67 29.09 45.42
C SER A 122 29.09 28.57 45.59
N TRP A 123 30.10 29.35 45.23
CA TRP A 123 31.49 28.90 45.21
C TRP A 123 32.35 29.87 46.00
N PRO A 124 32.31 29.80 47.34
CA PRO A 124 33.16 30.68 48.14
C PRO A 124 34.57 30.18 48.32
N ASN A 125 34.81 28.86 48.18
CA ASN A 125 36.11 28.28 48.41
C ASN A 125 36.90 28.03 47.12
N HIS A 126 36.33 28.35 45.96
CA HIS A 126 36.99 28.11 44.69
C HIS A 126 36.96 29.37 43.85
N ASP A 127 37.83 29.41 42.85
CA ASP A 127 37.95 30.56 41.96
C ASP A 127 37.10 30.32 40.72
N SER A 128 36.26 31.31 40.39
CA SER A 128 35.37 31.22 39.24
C SER A 128 35.67 32.27 38.19
N ASP A 129 36.83 32.92 38.26
CA ASP A 129 37.18 33.99 37.32
C ASP A 129 38.27 33.58 36.35
N LYS A 130 39.17 32.69 36.76
CA LYS A 130 40.31 32.31 35.93
C LYS A 130 39.98 31.18 34.96
N GLY A 131 38.74 30.70 34.95
CA GLY A 131 38.36 29.63 34.06
C GLY A 131 38.00 30.10 32.66
N VAL A 132 38.93 30.78 32.00
CA VAL A 132 38.75 31.25 30.65
C VAL A 132 39.86 30.69 29.78
N THR A 133 39.53 30.37 28.53
CA THR A 133 40.48 29.75 27.61
C THR A 133 40.52 30.51 26.31
N ALA A 134 41.63 30.38 25.59
CA ALA A 134 41.80 31.02 24.30
C ALA A 134 41.08 30.31 23.17
N ALA A 135 40.55 29.11 23.42
CA ALA A 135 39.77 28.39 22.42
C ALA A 135 38.33 28.87 22.34
N CYS A 136 37.91 29.75 23.25
CA CYS A 136 36.57 30.33 23.24
C CYS A 136 36.69 31.84 23.32
N PRO A 137 37.15 32.48 22.25
CA PRO A 137 37.47 33.91 22.32
C PRO A 137 36.23 34.77 22.14
N HIS A 138 36.07 35.74 23.02
CA HIS A 138 35.06 36.78 22.90
C HIS A 138 35.72 38.13 22.81
N ALA A 139 35.48 38.84 21.71
CA ALA A 139 36.10 40.14 21.45
C ALA A 139 37.62 40.06 21.48
N GLY A 140 38.17 38.93 21.06
CA GLY A 140 39.61 38.75 21.02
C GLY A 140 40.24 38.39 22.35
N ALA A 141 39.45 38.26 23.40
CA ALA A 141 39.96 37.93 24.73
C ALA A 141 39.51 36.54 25.13
N LYS A 142 40.28 35.93 26.04
CA LYS A 142 39.93 34.61 26.56
C LYS A 142 38.60 34.67 27.30
N SER A 143 37.76 33.68 27.05
CA SER A 143 36.45 33.63 27.69
C SER A 143 36.04 32.16 27.82
N PHE A 144 34.78 31.96 28.20
CA PHE A 144 34.24 30.63 28.41
C PHE A 144 32.75 30.67 28.13
N TYR A 145 32.09 29.54 28.31
CA TYR A 145 30.65 29.46 28.08
C TYR A 145 29.90 30.31 29.09
N LYS A 146 28.77 30.86 28.67
CA LYS A 146 27.95 31.62 29.60
C LYS A 146 27.18 30.76 30.57
N ASN A 147 26.85 29.52 30.22
CA ASN A 147 26.04 28.65 31.05
C ASN A 147 26.87 27.77 31.96
N LEU A 148 28.19 27.92 31.96
CA LEU A 148 29.06 27.05 32.74
C LEU A 148 30.16 27.86 33.38
N ILE A 149 30.60 27.44 34.56
CA ILE A 149 31.73 28.03 35.26
C ILE A 149 32.81 26.97 35.39
N TRP A 150 34.03 27.32 34.99
CA TRP A 150 35.19 26.43 35.10
C TRP A 150 35.93 26.80 36.37
N LEU A 151 35.68 26.06 37.45
CA LEU A 151 36.28 26.35 38.74
C LEU A 151 37.74 25.89 38.76
N VAL A 152 38.59 26.72 39.39
CA VAL A 152 40.00 26.43 39.56
C VAL A 152 40.37 26.70 41.01
N LYS A 153 41.63 26.38 41.34
CA LYS A 153 42.12 26.53 42.71
C LYS A 153 42.16 28.01 43.10
N LYS A 154 41.72 28.30 44.32
CA LYS A 154 41.83 29.65 44.87
C LYS A 154 43.11 29.71 45.72
N GLY A 155 44.19 29.27 45.09
CA GLY A 155 45.51 29.40 45.67
C GLY A 155 45.96 28.16 46.38
N ASN A 156 46.73 27.32 45.69
CA ASN A 156 47.31 26.11 46.28
C ASN A 156 46.30 25.31 47.12
N SER A 157 45.04 25.29 46.69
CA SER A 157 44.02 24.58 47.44
C SER A 157 42.78 24.41 46.58
N TYR A 158 42.27 23.18 46.56
CA TYR A 158 40.98 22.88 45.92
C TYR A 158 40.17 22.03 46.88
N PRO A 159 39.48 22.65 47.83
CA PRO A 159 38.70 21.89 48.81
C PRO A 159 37.54 21.16 48.14
N LYS A 160 37.05 20.14 48.83
CA LYS A 160 36.02 19.28 48.28
C LYS A 160 34.75 20.06 48.01
N LEU A 161 34.32 20.04 46.76
CA LEU A 161 33.11 20.72 46.30
C LEU A 161 31.91 19.83 46.54
N ASN A 162 30.89 20.37 47.21
CA ASN A 162 29.67 19.64 47.54
C ASN A 162 28.54 20.64 47.32
N GLN A 163 27.72 20.42 46.30
CA GLN A 163 26.57 21.27 46.03
C GLN A 163 25.36 20.43 45.67
N THR A 164 24.17 20.98 45.92
CA THR A 164 22.92 20.29 45.66
C THR A 164 21.87 21.30 45.22
N TYR A 165 21.00 20.86 44.31
CA TYR A 165 19.89 21.68 43.85
C TYR A 165 18.61 20.85 43.90
N ILE A 166 17.60 21.38 44.59
CA ILE A 166 16.30 20.73 44.71
C ILE A 166 15.34 21.43 43.78
N ASN A 167 14.60 20.65 42.99
CA ASN A 167 13.72 21.19 41.95
C ASN A 167 12.45 21.71 42.60
N ASP A 168 12.42 23.00 42.89
CA ASP A 168 11.22 23.66 43.37
C ASP A 168 10.31 24.12 42.24
N LYS A 169 10.78 24.07 41.00
CA LYS A 169 9.92 24.36 39.87
C LYS A 169 8.91 23.23 39.68
N GLY A 170 7.85 23.52 38.92
CA GLY A 170 6.83 22.53 38.70
C GLY A 170 7.04 21.58 37.56
N LYS A 171 8.19 21.68 36.87
CA LYS A 171 8.42 20.87 35.69
C LYS A 171 9.90 20.50 35.60
N GLU A 172 10.24 19.78 34.54
CA GLU A 172 11.57 19.19 34.42
C GLU A 172 12.62 20.27 34.25
N VAL A 173 13.83 19.99 34.73
CA VAL A 173 14.95 20.92 34.63
C VAL A 173 16.09 20.23 33.90
N LEU A 174 16.58 20.87 32.85
CA LEU A 174 17.73 20.39 32.09
C LEU A 174 18.98 21.01 32.71
N VAL A 175 19.92 20.15 33.09
CA VAL A 175 21.17 20.54 33.74
C VAL A 175 22.33 20.06 32.89
N LEU A 176 23.27 20.95 32.61
CA LEU A 176 24.44 20.66 31.79
C LEU A 176 25.69 20.91 32.62
N TRP A 177 26.65 19.99 32.54
CA TRP A 177 27.93 20.15 33.21
C TRP A 177 29.03 19.61 32.31
N GLY A 178 30.26 19.74 32.75
CA GLY A 178 31.39 19.27 31.97
C GLY A 178 32.48 18.72 32.86
N ILE A 179 33.25 17.79 32.31
CA ILE A 179 34.42 17.21 32.95
C ILE A 179 35.64 17.52 32.09
N HIS A 180 36.68 18.03 32.72
CA HIS A 180 37.89 18.48 32.03
C HIS A 180 38.99 17.44 32.15
N HIS A 181 39.70 17.22 31.04
CA HIS A 181 40.83 16.30 30.99
C HIS A 181 42.09 17.09 30.62
N PRO A 182 42.96 17.39 31.58
CA PRO A 182 44.16 18.15 31.28
C PRO A 182 45.12 17.34 30.44
N PRO A 183 46.00 17.99 29.66
CA PRO A 183 46.93 17.23 28.84
C PRO A 183 48.08 16.61 29.62
N THR A 184 48.48 17.21 30.73
CA THR A 184 49.61 16.72 31.50
C THR A 184 49.29 16.79 32.99
N ILE A 185 50.05 16.01 33.77
CA ILE A 185 49.86 16.01 35.22
C ILE A 185 50.18 17.39 35.79
N ALA A 186 51.16 18.08 35.20
CA ALA A 186 51.49 19.42 35.64
C ALA A 186 50.30 20.36 35.48
N ALA A 187 49.55 20.22 34.39
CA ALA A 187 48.34 21.02 34.21
C ALA A 187 47.31 20.69 35.27
N GLN A 188 47.19 19.41 35.62
CA GLN A 188 46.27 19.00 36.68
C GLN A 188 46.62 19.66 38.00
N GLU A 189 47.92 19.68 38.35
CA GLU A 189 48.33 20.33 39.58
C GLU A 189 48.13 21.84 39.52
N SER A 190 48.41 22.44 38.37
CA SER A 190 48.27 23.89 38.23
C SER A 190 46.83 24.34 38.26
N LEU A 191 45.89 23.47 37.90
CA LEU A 191 44.49 23.84 37.90
C LEU A 191 43.75 23.43 39.17
N TYR A 192 44.08 22.27 39.75
CA TYR A 192 43.27 21.70 40.81
C TYR A 192 44.05 21.21 42.02
N GLN A 193 45.38 21.18 41.98
CA GLN A 193 46.22 20.80 43.13
C GLN A 193 45.92 19.38 43.62
N ASN A 194 45.31 18.55 42.79
CA ASN A 194 44.91 17.20 43.20
C ASN A 194 45.18 16.27 42.03
N ALA A 195 46.29 15.53 42.11
CA ALA A 195 46.63 14.60 41.05
C ALA A 195 45.58 13.51 40.92
N ASP A 196 45.10 13.00 42.06
CA ASP A 196 44.08 11.95 42.07
C ASP A 196 42.73 12.61 42.34
N ALA A 197 42.13 13.16 41.30
CA ALA A 197 40.87 13.86 41.40
C ALA A 197 39.74 12.97 40.90
N TYR A 198 38.52 13.32 41.29
CA TYR A 198 37.34 12.60 40.88
C TYR A 198 36.13 13.53 40.92
N VAL A 199 35.11 13.17 40.15
CA VAL A 199 33.84 13.89 40.15
C VAL A 199 32.73 12.87 40.34
N PHE A 200 31.62 13.30 40.92
CA PHE A 200 30.45 12.46 41.08
C PHE A 200 29.21 13.33 40.89
N VAL A 201 28.35 12.92 39.97
CA VAL A 201 27.08 13.60 39.73
C VAL A 201 25.96 12.59 39.96
N GLY A 202 25.01 12.96 40.82
CA GLY A 202 23.96 12.04 41.17
C GLY A 202 22.56 12.62 41.30
N THR A 203 21.56 11.90 40.77
CA THR A 203 20.17 12.20 41.03
C THR A 203 19.47 10.95 41.54
N SER A 204 18.14 10.99 41.64
CA SER A 204 17.41 9.80 42.08
C SER A 204 17.55 8.67 41.08
N ARG A 205 17.54 8.97 39.78
CA ARG A 205 17.64 7.95 38.75
C ARG A 205 18.96 7.99 37.98
N TYR A 206 19.91 8.81 38.41
CA TYR A 206 21.17 9.00 37.70
C TYR A 206 22.29 9.08 38.72
N SER A 207 23.41 8.42 38.43
CA SER A 207 24.58 8.47 39.28
C SER A 207 25.79 8.02 38.48
N LYS A 208 26.80 8.88 38.38
CA LYS A 208 28.02 8.49 37.69
C LYS A 208 29.23 9.20 38.30
N LYS A 209 30.33 8.46 38.31
CA LYS A 209 31.62 8.93 38.82
C LYS A 209 32.56 9.10 37.65
N PHE A 210 33.17 10.27 37.54
CA PHE A 210 34.05 10.62 36.43
C PHE A 210 35.48 10.73 36.93
N LYS A 211 36.39 10.07 36.25
CA LYS A 211 37.80 10.22 36.63
C LYS A 211 38.51 10.91 35.46
N PRO A 212 39.42 11.84 35.73
CA PRO A 212 40.21 12.51 34.69
C PRO A 212 41.07 11.53 33.92
N GLU A 213 41.22 11.80 32.63
CA GLU A 213 42.03 10.99 31.72
C GLU A 213 43.15 11.88 31.23
N ILE A 214 44.25 11.92 31.99
CA ILE A 214 45.34 12.86 31.75
C ILE A 214 46.26 12.26 30.69
N ALA A 215 46.16 12.78 29.47
CA ALA A 215 47.03 12.37 28.37
C ALA A 215 47.05 13.50 27.35
N THR A 216 48.03 13.45 26.46
CA THR A 216 48.22 14.49 25.45
C THR A 216 47.48 14.09 24.19
N ARG A 217 46.35 14.74 23.93
CA ARG A 217 45.57 14.48 22.75
C ARG A 217 46.16 15.23 21.56
N PRO A 218 45.82 14.81 20.33
CA PRO A 218 46.13 15.64 19.17
C PRO A 218 45.49 17.01 19.30
N LYS A 219 46.23 18.04 18.89
CA LYS A 219 45.86 19.42 19.15
C LYS A 219 44.83 19.87 18.12
N VAL A 220 43.62 20.16 18.59
CA VAL A 220 42.58 20.78 17.77
C VAL A 220 42.10 22.03 18.49
N ARG A 221 41.93 23.11 17.74
CA ARG A 221 41.63 24.44 18.28
C ARG A 221 42.64 24.85 19.35
N ASP A 222 43.92 24.56 19.11
CA ASP A 222 45.07 24.97 19.90
C ASP A 222 45.15 24.28 21.26
N GLN A 223 44.26 23.34 21.57
CA GLN A 223 44.19 22.72 22.88
C GLN A 223 44.52 21.24 22.78
N GLU A 224 45.30 20.74 23.73
CA GLU A 224 45.67 19.33 23.80
C GLU A 224 44.87 18.56 24.83
N GLY A 225 44.19 19.26 25.76
CA GLY A 225 43.27 18.63 26.67
C GLY A 225 41.91 18.45 26.03
N ARG A 226 40.93 18.04 26.84
CA ARG A 226 39.60 17.81 26.34
C ARG A 226 38.57 18.22 27.39
N MET A 227 37.33 18.35 26.94
CA MET A 227 36.21 18.63 27.88
C MET A 227 34.99 17.86 27.42
N ASN A 228 34.55 16.87 28.18
CA ASN A 228 33.35 16.12 27.89
C ASN A 228 32.15 16.80 28.52
N TYR A 229 31.07 16.97 27.75
CA TYR A 229 29.89 17.68 28.19
C TYR A 229 28.76 16.68 28.43
N TYR A 230 28.15 16.76 29.61
CA TYR A 230 27.11 15.84 30.02
C TYR A 230 25.85 16.63 30.36
N TRP A 231 24.70 15.98 30.18
CA TRP A 231 23.42 16.61 30.46
C TRP A 231 22.52 15.61 31.16
N THR A 232 21.55 16.14 31.90
CA THR A 232 20.56 15.30 32.56
C THR A 232 19.28 16.09 32.79
N LEU A 233 18.20 15.35 33.02
CA LEU A 233 16.90 15.92 33.33
C LEU A 233 16.53 15.58 34.77
N VAL A 234 16.31 16.62 35.57
CA VAL A 234 15.89 16.48 36.95
C VAL A 234 14.38 16.65 37.00
N GLU A 235 13.69 15.65 37.52
CA GLU A 235 12.25 15.61 37.61
C GLU A 235 11.75 16.58 38.66
N PRO A 236 10.49 17.02 38.57
CA PRO A 236 9.94 17.88 39.62
C PRO A 236 9.97 17.19 40.97
N GLY A 237 10.51 17.89 41.96
CA GLY A 237 10.67 17.34 43.30
C GLY A 237 11.96 16.58 43.51
N ASP A 238 12.73 16.34 42.47
CA ASP A 238 14.00 15.63 42.56
C ASP A 238 15.15 16.61 42.78
N LYS A 239 16.29 16.07 43.19
CA LYS A 239 17.46 16.89 43.47
C LYS A 239 18.67 16.34 42.72
N ILE A 240 19.58 17.23 42.37
CA ILE A 240 20.84 16.86 41.73
C ILE A 240 21.98 17.25 42.65
N THR A 241 22.98 16.37 42.75
CA THR A 241 24.10 16.55 43.66
C THR A 241 25.41 16.46 42.91
N PHE A 242 26.26 17.46 43.11
CA PHE A 242 27.59 17.51 42.53
C PHE A 242 28.63 17.41 43.65
N GLU A 243 29.57 16.49 43.48
CA GLU A 243 30.69 16.32 44.40
C GLU A 243 31.96 16.27 43.58
N ALA A 244 33.00 16.96 44.01
CA ALA A 244 34.16 17.07 43.15
C ALA A 244 35.42 17.40 43.94
N THR A 245 36.53 16.81 43.52
CA THR A 245 37.85 17.22 43.96
C THR A 245 38.65 17.89 42.85
N GLY A 246 38.01 18.19 41.73
CA GLY A 246 38.69 18.83 40.62
C GLY A 246 38.01 18.44 39.32
N ASN A 247 38.47 19.08 38.25
CA ASN A 247 38.09 18.74 36.88
C ASN A 247 36.59 18.87 36.62
N LEU A 248 35.90 19.76 37.33
CA LEU A 248 34.46 19.90 37.18
C LEU A 248 34.14 21.29 36.63
N VAL A 249 33.32 21.34 35.59
CA VAL A 249 32.83 22.60 35.04
C VAL A 249 31.36 22.69 35.47
N VAL A 250 31.12 23.41 36.55
CA VAL A 250 29.83 23.43 37.24
C VAL A 250 28.78 24.16 36.40
N PRO A 251 27.50 23.80 36.54
CA PRO A 251 26.46 24.58 35.89
C PRO A 251 26.34 25.97 36.49
N ARG A 252 25.92 26.91 35.66
CA ARG A 252 25.50 28.23 36.12
C ARG A 252 24.06 28.54 35.75
N TYR A 253 23.60 28.08 34.59
CA TYR A 253 22.25 28.31 34.13
C TYR A 253 21.62 26.98 33.72
N ALA A 254 20.53 26.63 34.37
CA ALA A 254 19.74 25.45 34.01
C ALA A 254 18.48 25.90 33.28
N PHE A 255 17.79 24.93 32.68
CA PHE A 255 16.67 25.23 31.80
C PHE A 255 15.41 24.53 32.29
N THR A 256 14.48 25.30 32.83
CA THR A 256 13.15 24.79 33.16
C THR A 256 12.40 24.56 31.86
N MET A 257 12.09 23.30 31.56
CA MET A 257 11.66 22.92 30.23
C MET A 257 10.43 22.00 30.31
N GLU A 258 9.53 22.19 29.36
CA GLU A 258 8.33 21.36 29.23
C GLU A 258 8.24 20.90 27.79
N ARG A 259 8.05 19.58 27.62
CA ARG A 259 8.19 18.95 26.33
C ARG A 259 6.84 18.72 25.68
N ASP A 260 6.87 18.22 24.44
CA ASP A 260 5.69 17.96 23.64
C ASP A 260 5.89 16.62 22.94
N ALA A 261 5.07 16.38 21.92
CA ALA A 261 5.14 15.13 21.16
C ALA A 261 6.50 14.98 20.48
N GLY A 262 6.99 16.06 19.87
CA GLY A 262 8.28 16.01 19.22
C GLY A 262 8.27 16.53 17.80
N SER A 263 9.35 17.19 17.40
CA SER A 263 9.50 17.72 16.05
C SER A 263 10.93 17.43 15.60
N GLY A 264 11.35 18.11 14.52
CA GLY A 264 12.66 17.92 13.96
C GLY A 264 13.50 19.19 13.96
N ILE A 265 14.62 19.10 13.27
CA ILE A 265 15.55 20.21 13.09
C ILE A 265 15.71 20.42 11.59
N ILE A 266 15.28 21.58 11.10
CA ILE A 266 15.44 21.91 9.69
C ILE A 266 16.77 22.60 9.48
N ILE A 267 17.63 22.00 8.67
CA ILE A 267 18.94 22.55 8.35
C ILE A 267 18.83 23.16 6.96
N SER A 268 18.73 24.49 6.90
CA SER A 268 18.54 25.15 5.62
C SER A 268 18.96 26.61 5.72
N ASP A 269 19.22 27.21 4.56
CA ASP A 269 19.50 28.63 4.43
C ASP A 269 18.25 29.45 4.09
N THR A 270 17.08 28.81 4.07
CA THR A 270 15.86 29.50 3.68
C THR A 270 15.53 30.58 4.70
N PRO A 271 15.08 31.76 4.26
CA PRO A 271 14.72 32.82 5.20
C PRO A 271 13.51 32.45 6.04
N VAL A 272 13.45 33.04 7.23
CA VAL A 272 12.38 32.79 8.19
C VAL A 272 11.46 34.00 8.19
N HIS A 273 10.18 33.78 7.85
CA HIS A 273 9.19 34.85 7.84
C HIS A 273 8.01 34.44 8.72
N ASP A 274 7.02 35.33 8.78
CA ASP A 274 5.82 35.10 9.58
C ASP A 274 4.74 34.52 8.68
N CYS A 275 4.41 33.26 8.88
CA CYS A 275 3.41 32.54 8.12
C CYS A 275 2.45 31.84 9.09
N ASN A 276 1.65 30.94 8.52
CA ASN A 276 0.93 29.94 9.29
C ASN A 276 0.72 28.74 8.37
N THR A 277 1.59 27.74 8.51
CA THR A 277 1.55 26.56 7.67
C THR A 277 1.35 25.31 8.54
N THR A 278 0.87 24.25 7.89
CA THR A 278 0.77 22.95 8.53
C THR A 278 1.83 21.96 8.07
N CYS A 279 2.59 22.30 7.03
CA CYS A 279 3.62 21.43 6.49
C CYS A 279 4.85 22.26 6.15
N GLN A 280 6.00 21.84 6.67
CA GLN A 280 7.25 22.54 6.47
C GLN A 280 8.29 21.62 5.85
N THR A 281 9.06 22.15 4.91
CA THR A 281 10.17 21.48 4.26
C THR A 281 11.35 22.42 4.29
N PRO A 282 12.58 21.88 4.26
CA PRO A 282 13.76 22.75 4.29
C PRO A 282 13.79 23.82 3.21
N GLU A 283 12.98 23.70 2.16
CA GLU A 283 12.97 24.68 1.09
C GLU A 283 11.67 25.48 1.02
N GLY A 284 10.79 25.34 1.98
CA GLY A 284 9.60 26.18 2.02
C GLY A 284 8.43 25.48 2.66
N ALA A 285 7.34 26.21 2.77
CA ALA A 285 6.10 25.70 3.35
C ALA A 285 5.24 25.06 2.25
N ILE A 286 4.28 24.25 2.69
CA ILE A 286 3.45 23.47 1.80
C ILE A 286 1.99 23.60 2.22
N ASN A 287 1.12 23.79 1.22
CA ASN A 287 -0.31 23.87 1.44
C ASN A 287 -0.89 22.46 1.49
N THR A 288 -1.40 22.07 2.65
CA THR A 288 -1.90 20.71 2.86
C THR A 288 -3.38 20.61 2.44
N SER A 289 -3.61 20.79 1.15
CA SER A 289 -4.94 20.65 0.58
C SER A 289 -5.07 19.45 -0.34
N LEU A 290 -3.99 19.06 -1.00
CA LEU A 290 -3.91 17.93 -1.90
C LEU A 290 -3.26 16.74 -1.19
N PRO A 291 -3.59 15.51 -1.59
CA PRO A 291 -3.12 14.33 -0.86
C PRO A 291 -1.68 13.94 -1.11
N PHE A 292 -1.04 14.43 -2.17
CA PHE A 292 0.30 14.00 -2.52
C PHE A 292 1.18 15.22 -2.76
N GLN A 293 2.49 15.00 -2.75
CA GLN A 293 3.48 16.06 -2.85
C GLN A 293 4.80 15.47 -3.32
N ASN A 294 5.48 16.19 -4.21
CA ASN A 294 6.83 15.80 -4.63
C ASN A 294 7.84 16.89 -4.37
N VAL A 295 7.63 17.70 -3.35
CA VAL A 295 8.51 18.84 -3.09
C VAL A 295 9.79 18.40 -2.39
N HIS A 296 9.66 17.79 -1.21
CA HIS A 296 10.82 17.35 -0.46
C HIS A 296 10.48 16.11 0.35
N PRO A 297 11.39 15.12 0.40
CA PRO A 297 11.13 13.94 1.24
C PRO A 297 11.00 14.27 2.71
N ILE A 298 11.76 15.23 3.21
CA ILE A 298 11.81 15.52 4.64
C ILE A 298 10.79 16.62 4.94
N THR A 299 9.91 16.35 5.90
CA THR A 299 8.81 17.25 6.21
C THR A 299 8.57 17.28 7.71
N ILE A 300 7.98 18.37 8.18
CA ILE A 300 7.54 18.51 9.56
C ILE A 300 6.08 18.96 9.54
N GLY A 301 5.24 18.26 10.29
CA GLY A 301 3.83 18.57 10.41
C GLY A 301 2.97 17.63 9.61
N LYS A 302 1.67 17.91 9.62
CA LYS A 302 0.71 17.16 8.83
C LYS A 302 0.98 17.42 7.35
N CYS A 303 1.50 16.42 6.65
CA CYS A 303 2.03 16.66 5.32
C CYS A 303 1.51 15.66 4.30
N PRO A 304 1.38 16.07 3.04
CA PRO A 304 1.05 15.12 1.99
C PRO A 304 2.16 14.10 1.81
N LYS A 305 1.79 12.91 1.37
CA LYS A 305 2.74 11.83 1.19
C LYS A 305 3.68 12.15 0.03
N TYR A 306 4.96 11.83 0.22
CA TYR A 306 5.96 12.12 -0.80
C TYR A 306 5.97 11.02 -1.85
N VAL A 307 5.81 11.39 -3.11
CA VAL A 307 5.85 10.45 -4.22
C VAL A 307 6.79 11.00 -5.29
N LYS A 308 7.55 10.10 -5.89
CA LYS A 308 8.48 10.47 -6.96
C LYS A 308 7.75 10.57 -8.30
N SER A 309 6.73 11.40 -8.33
CA SER A 309 5.88 11.57 -9.50
C SER A 309 5.97 13.00 -10.02
N THR A 310 5.77 13.14 -11.32
CA THR A 310 5.75 14.45 -11.95
C THR A 310 4.34 14.95 -12.26
N LYS A 311 3.38 14.06 -12.46
CA LYS A 311 2.03 14.46 -12.85
C LYS A 311 1.03 13.46 -12.30
N LEU A 312 0.09 13.94 -11.51
CA LEU A 312 -1.03 13.14 -11.03
C LEU A 312 -2.29 13.96 -11.23
N ARG A 313 -2.91 13.83 -12.40
CA ARG A 313 -4.08 14.61 -12.76
C ARG A 313 -5.30 13.71 -12.81
N LEU A 314 -6.34 14.08 -12.08
CA LEU A 314 -7.59 13.35 -12.04
C LEU A 314 -8.56 13.97 -13.03
N ALA A 315 -9.12 13.13 -13.91
CA ALA A 315 -10.05 13.62 -14.92
C ALA A 315 -11.43 13.84 -14.29
N THR A 316 -12.00 15.01 -14.52
CA THR A 316 -13.33 15.34 -14.03
C THR A 316 -14.32 15.58 -15.15
N GLY A 317 -13.84 15.92 -16.35
CA GLY A 317 -14.69 16.19 -17.49
C GLY A 317 -14.66 15.08 -18.51
N LEU A 318 -15.31 15.36 -19.64
CA LEU A 318 -15.39 14.39 -20.72
C LEU A 318 -14.10 14.35 -21.53
N ARG A 319 -13.93 13.29 -22.29
CA ARG A 319 -12.89 13.25 -23.29
C ARG A 319 -13.18 14.29 -24.36
N ASN A 320 -12.16 15.09 -24.70
CA ASN A 320 -12.33 16.20 -25.62
C ASN A 320 -12.20 15.71 -27.05
N VAL A 321 -13.32 15.60 -27.75
CA VAL A 321 -13.34 15.12 -29.13
C VAL A 321 -14.04 16.14 -30.00
N PRO A 322 -13.37 17.21 -30.44
CA PRO A 322 -13.98 18.21 -31.32
C PRO A 322 -14.07 17.72 -32.76
N ASP B 1 -27.40 -15.65 -47.58
CA ASP B 1 -26.17 -14.90 -47.40
C ASP B 1 -26.05 -14.46 -45.96
N THR B 2 -25.01 -14.92 -45.27
CA THR B 2 -24.91 -14.73 -43.83
C THR B 2 -23.60 -14.05 -43.47
N LEU B 3 -23.64 -13.20 -42.45
CA LEU B 3 -22.45 -12.54 -41.91
C LEU B 3 -22.48 -12.66 -40.41
N CYS B 4 -21.55 -13.46 -39.88
CA CYS B 4 -21.48 -13.70 -38.42
C CYS B 4 -20.33 -12.93 -37.76
N ILE B 5 -20.55 -12.37 -36.57
CA ILE B 5 -19.54 -11.69 -35.78
C ILE B 5 -19.01 -12.65 -34.73
N GLY B 6 -17.69 -12.77 -34.62
CA GLY B 6 -17.14 -13.69 -33.66
C GLY B 6 -15.79 -13.24 -33.18
N TYR B 7 -15.17 -14.08 -32.34
CA TYR B 7 -13.91 -13.76 -31.71
C TYR B 7 -12.98 -14.96 -31.73
N HIS B 8 -11.73 -14.70 -31.38
CA HIS B 8 -10.66 -15.69 -31.46
C HIS B 8 -10.76 -16.71 -30.34
N ALA B 9 -10.31 -17.92 -30.63
CA ALA B 9 -10.20 -18.98 -29.65
C ALA B 9 -9.05 -19.89 -30.05
N ASN B 10 -8.29 -20.36 -29.06
CA ASN B 10 -7.18 -21.26 -29.34
C ASN B 10 -7.15 -22.42 -28.36
N ASN B 11 -6.13 -23.27 -28.45
CA ASN B 11 -5.97 -24.41 -27.56
C ASN B 11 -5.12 -24.09 -26.34
N SER B 12 -5.06 -22.82 -25.93
CA SER B 12 -4.25 -22.43 -24.79
C SER B 12 -4.83 -22.98 -23.49
N THR B 13 -3.95 -23.45 -22.62
CA THR B 13 -4.32 -23.94 -21.30
C THR B 13 -4.12 -22.87 -20.23
N ASP B 14 -3.51 -21.74 -20.58
CA ASP B 14 -3.15 -20.71 -19.61
C ASP B 14 -4.37 -20.23 -18.83
N THR B 15 -4.17 -20.07 -17.52
CA THR B 15 -5.23 -19.74 -16.58
C THR B 15 -4.87 -18.48 -15.80
N VAL B 16 -5.85 -17.58 -15.66
CA VAL B 16 -5.70 -16.38 -14.87
C VAL B 16 -6.78 -16.37 -13.80
N ASP B 17 -6.63 -15.47 -12.83
CA ASP B 17 -7.55 -15.35 -11.71
C ASP B 17 -8.25 -14.01 -11.76
N THR B 18 -9.54 -14.03 -11.43
CA THR B 18 -10.37 -12.83 -11.42
C THR B 18 -11.05 -12.73 -10.05
N VAL B 19 -11.44 -11.51 -9.67
CA VAL B 19 -12.07 -11.32 -8.37
C VAL B 19 -13.41 -12.03 -8.33
N LEU B 20 -14.01 -12.26 -9.49
CA LEU B 20 -15.31 -12.92 -9.54
C LEU B 20 -15.19 -14.40 -9.89
N GLU B 21 -14.15 -14.77 -10.65
CA GLU B 21 -13.99 -16.14 -11.12
C GLU B 21 -12.55 -16.59 -10.93
N LYS B 22 -12.38 -17.87 -10.58
CA LYS B 22 -11.08 -18.49 -10.50
C LYS B 22 -10.94 -19.53 -11.60
N ASN B 23 -9.70 -19.85 -11.94
CA ASN B 23 -9.38 -20.85 -12.96
C ASN B 23 -10.02 -20.51 -14.29
N VAL B 24 -9.74 -19.30 -14.78
CA VAL B 24 -10.30 -18.80 -16.02
C VAL B 24 -9.27 -18.98 -17.13
N THR B 25 -9.61 -19.79 -18.12
CA THR B 25 -8.70 -20.02 -19.23
C THR B 25 -8.76 -18.86 -20.22
N VAL B 26 -7.59 -18.44 -20.71
CA VAL B 26 -7.47 -17.30 -21.61
C VAL B 26 -6.53 -17.65 -22.75
N THR B 27 -6.60 -16.85 -23.81
CA THR B 27 -5.77 -17.10 -24.99
C THR B 27 -4.31 -16.76 -24.74
N HIS B 28 -4.04 -15.73 -23.95
CA HIS B 28 -2.66 -15.36 -23.66
C HIS B 28 -2.60 -14.70 -22.28
N SER B 29 -1.40 -14.73 -21.68
CA SER B 29 -1.15 -14.10 -20.39
C SER B 29 0.31 -13.71 -20.31
N VAL B 30 0.61 -12.83 -19.36
CA VAL B 30 1.97 -12.43 -19.05
C VAL B 30 2.23 -12.68 -17.58
N ASN B 31 3.51 -12.82 -17.24
CA ASN B 31 3.92 -13.13 -15.87
C ASN B 31 4.39 -11.87 -15.18
N LEU B 32 3.84 -11.58 -14.02
CA LEU B 32 4.22 -10.44 -13.21
C LEU B 32 5.11 -10.83 -12.04
N LEU B 33 5.51 -12.10 -11.96
CA LEU B 33 6.20 -12.63 -10.80
C LEU B 33 7.16 -13.70 -11.29
N GLU B 34 8.47 -13.47 -11.14
CA GLU B 34 9.44 -14.50 -11.47
C GLU B 34 9.96 -15.18 -10.22
N ASP B 35 10.11 -16.49 -10.30
CA ASP B 35 10.54 -17.31 -9.18
C ASP B 35 11.70 -18.20 -9.55
N LYS B 36 12.54 -17.75 -10.48
CA LYS B 36 13.70 -18.50 -10.92
C LYS B 36 14.95 -17.68 -10.66
N HIS B 37 15.98 -18.36 -10.15
CA HIS B 37 17.28 -17.74 -9.92
C HIS B 37 18.34 -18.59 -10.58
N ASN B 38 19.46 -17.97 -10.91
CA ASN B 38 20.53 -18.69 -11.60
C ASN B 38 21.40 -19.51 -10.65
N GLY B 39 21.13 -19.47 -9.35
CA GLY B 39 21.91 -20.23 -8.40
C GLY B 39 23.38 -19.90 -8.43
N LYS B 40 23.71 -18.61 -8.43
CA LYS B 40 25.04 -18.17 -8.84
C LYS B 40 25.27 -16.75 -8.35
N LEU B 41 26.22 -16.58 -7.45
CA LEU B 41 26.60 -15.23 -7.03
C LEU B 41 27.41 -14.54 -8.13
N CYS B 42 27.03 -13.32 -8.45
CA CYS B 42 27.68 -12.61 -9.54
C CYS B 42 27.81 -11.12 -9.24
N LYS B 43 28.53 -10.45 -10.13
CA LYS B 43 28.91 -9.06 -9.98
C LYS B 43 27.70 -8.15 -9.95
N LEU B 44 27.77 -7.13 -9.10
CA LEU B 44 26.73 -6.12 -8.95
C LEU B 44 27.28 -4.78 -9.40
N ARG B 45 26.59 -4.13 -10.34
CA ARG B 45 27.00 -2.85 -10.90
C ARG B 45 28.35 -2.94 -11.60
N GLY B 46 28.78 -4.14 -11.99
CA GLY B 46 30.03 -4.36 -12.66
C GLY B 46 31.16 -4.81 -11.76
N VAL B 47 31.13 -4.44 -10.49
CA VAL B 47 32.20 -4.79 -9.57
C VAL B 47 31.87 -6.11 -8.88
N ALA B 48 32.84 -6.99 -8.86
CA ALA B 48 32.77 -8.32 -8.28
C ALA B 48 32.72 -8.26 -6.76
N PRO B 49 32.00 -9.19 -6.13
CA PRO B 49 31.96 -9.20 -4.66
C PRO B 49 33.27 -9.67 -4.07
N LEU B 50 33.46 -9.34 -2.79
CA LEU B 50 34.59 -9.86 -2.02
C LEU B 50 34.17 -11.17 -1.38
N HIS B 51 34.86 -12.25 -1.71
CA HIS B 51 34.54 -13.56 -1.18
C HIS B 51 35.50 -13.93 -0.06
N LEU B 52 34.93 -14.24 1.11
CA LEU B 52 35.68 -14.68 2.28
C LEU B 52 35.39 -16.17 2.46
N GLY B 53 36.33 -17.01 2.02
CA GLY B 53 36.09 -18.44 2.00
C GLY B 53 35.93 -19.06 3.37
N LYS B 54 37.01 -19.07 4.14
CA LYS B 54 36.99 -19.69 5.49
C LYS B 54 37.05 -18.60 6.57
N CYS B 55 37.37 -17.36 6.21
CA CYS B 55 37.46 -16.27 7.17
C CYS B 55 36.13 -15.52 7.23
N ASN B 56 36.01 -14.66 8.22
CA ASN B 56 34.95 -13.67 8.30
C ASN B 56 35.57 -12.28 8.22
N ILE B 57 34.75 -11.25 8.36
CA ILE B 57 35.24 -9.89 8.25
C ILE B 57 36.24 -9.58 9.35
N ALA B 58 36.00 -10.07 10.57
CA ALA B 58 36.96 -9.87 11.65
C ALA B 58 38.30 -10.50 11.34
N GLY B 59 38.29 -11.76 10.91
CA GLY B 59 39.55 -12.43 10.60
C GLY B 59 40.27 -11.80 9.42
N TRP B 60 39.50 -11.42 8.39
CA TRP B 60 40.11 -10.81 7.22
C TRP B 60 40.70 -9.44 7.54
N ILE B 61 40.01 -8.66 8.35
CA ILE B 61 40.49 -7.32 8.68
C ILE B 61 41.68 -7.39 9.64
N LEU B 62 41.67 -8.35 10.56
CA LEU B 62 42.76 -8.47 11.51
C LEU B 62 43.94 -9.26 10.95
N GLY B 63 43.74 -9.98 9.84
CA GLY B 63 44.81 -10.77 9.27
C GLY B 63 45.06 -12.06 10.00
N ASN B 64 44.04 -12.91 10.04
CA ASN B 64 44.18 -14.21 10.68
C ASN B 64 45.22 -15.04 9.92
N PRO B 65 45.98 -15.88 10.63
CA PRO B 65 47.00 -16.69 9.94
C PRO B 65 46.42 -17.60 8.87
N GLU B 66 45.14 -17.93 8.94
CA GLU B 66 44.48 -18.77 7.95
C GLU B 66 43.78 -17.95 6.89
N CYS B 67 44.34 -16.79 6.52
CA CYS B 67 43.67 -15.90 5.59
C CYS B 67 44.60 -15.30 4.54
N GLU B 68 45.90 -15.62 4.58
CA GLU B 68 46.81 -15.10 3.56
C GLU B 68 46.52 -15.68 2.17
N SER B 69 45.77 -16.78 2.11
CA SER B 69 45.41 -17.37 0.83
C SER B 69 44.51 -16.48 -0.01
N LEU B 70 43.82 -15.52 0.62
CA LEU B 70 42.94 -14.62 -0.11
C LEU B 70 43.72 -13.53 -0.82
N ALA B 73 41.41 -7.00 -3.68
CA ALA B 73 40.49 -6.24 -4.52
C ALA B 73 40.36 -4.81 -4.00
N ARG B 74 40.61 -3.85 -4.90
CA ARG B 74 40.50 -2.45 -4.50
C ARG B 74 39.06 -2.02 -4.28
N SER B 75 38.12 -2.63 -5.00
CA SER B 75 36.71 -2.29 -4.86
C SER B 75 35.88 -3.56 -4.92
N TRP B 76 34.75 -3.54 -4.24
CA TRP B 76 33.78 -4.63 -4.29
C TRP B 76 32.39 -4.09 -4.08
N SER B 77 31.39 -4.83 -4.56
CA SER B 77 30.01 -4.40 -4.44
C SER B 77 29.38 -4.88 -3.14
N TYR B 78 29.72 -6.10 -2.72
CA TYR B 78 29.21 -6.66 -1.48
C TYR B 78 30.16 -7.74 -1.02
N ILE B 79 30.00 -8.16 0.23
CA ILE B 79 30.84 -9.18 0.85
C ILE B 79 30.07 -10.48 0.93
N VAL B 80 30.76 -11.60 0.71
CA VAL B 80 30.18 -12.92 0.79
C VAL B 80 30.89 -13.70 1.88
N GLU B 81 30.12 -14.21 2.82
CA GLU B 81 30.58 -15.10 3.86
C GLU B 81 30.13 -16.53 3.53
N THR B 82 30.39 -17.45 4.44
CA THR B 82 30.03 -18.84 4.22
C THR B 82 29.62 -19.44 5.55
N SER B 83 28.89 -20.56 5.48
CA SER B 83 28.47 -21.24 6.70
C SER B 83 29.66 -21.73 7.53
N ASN B 84 30.78 -22.02 6.88
CA ASN B 84 32.00 -22.43 7.58
C ASN B 84 33.02 -21.32 7.66
N SER B 85 32.55 -20.08 7.89
CA SER B 85 33.43 -18.94 8.11
C SER B 85 33.60 -18.75 9.61
N ASP B 86 34.48 -19.57 10.19
CA ASP B 86 34.68 -19.55 11.63
C ASP B 86 36.02 -18.96 12.05
N ASN B 87 36.98 -18.86 11.13
CA ASN B 87 38.32 -18.36 11.47
C ASN B 87 38.25 -16.85 11.56
N GLY B 88 38.04 -16.35 12.78
CA GLY B 88 38.00 -14.93 13.02
C GLY B 88 39.04 -14.44 14.01
N THR B 89 38.58 -13.88 15.12
CA THR B 89 39.49 -13.46 16.20
C THR B 89 39.96 -14.73 16.91
N CYS B 90 41.13 -15.21 16.49
CA CYS B 90 41.67 -16.44 17.06
C CYS B 90 41.94 -16.29 18.55
N TYR B 91 42.60 -15.20 18.94
CA TYR B 91 42.77 -14.92 20.35
C TYR B 91 41.43 -14.46 20.93
N PRO B 92 40.98 -15.06 22.03
CA PRO B 92 39.67 -14.69 22.58
C PRO B 92 39.60 -13.22 22.97
N GLY B 93 38.42 -12.64 22.78
CA GLY B 93 38.21 -11.26 23.15
C GLY B 93 36.98 -10.71 22.47
N ASP B 94 36.81 -9.39 22.60
CA ASP B 94 35.66 -8.68 22.06
C ASP B 94 36.09 -7.75 20.95
N PHE B 95 35.30 -7.74 19.88
CA PHE B 95 35.48 -6.82 18.76
C PHE B 95 34.46 -5.71 18.90
N ILE B 96 34.91 -4.56 19.39
CA ILE B 96 34.02 -3.45 19.72
C ILE B 96 33.46 -2.87 18.44
N ASN B 97 32.14 -2.71 18.40
CA ASN B 97 31.43 -2.18 17.23
C ASN B 97 31.73 -3.00 15.99
N TYR B 98 31.70 -4.32 16.15
CA TYR B 98 32.00 -5.22 15.04
C TYR B 98 30.95 -5.09 13.94
N GLU B 99 29.67 -5.02 14.31
CA GLU B 99 28.61 -4.92 13.32
C GLU B 99 28.67 -3.59 12.58
N GLU B 100 29.06 -2.52 13.28
CA GLU B 100 29.26 -1.23 12.62
C GLU B 100 30.36 -1.32 11.58
N LEU B 101 31.46 -2.00 11.92
CA LEU B 101 32.54 -2.18 10.97
C LEU B 101 32.09 -3.01 9.76
N ARG B 102 31.29 -4.05 10.01
CA ARG B 102 30.76 -4.85 8.91
C ARG B 102 29.91 -3.99 7.98
N GLU B 103 29.07 -3.13 8.56
CA GLU B 103 28.26 -2.23 7.74
C GLU B 103 29.10 -1.24 6.96
N GLN B 104 30.17 -0.73 7.57
CA GLN B 104 31.00 0.27 6.90
C GLN B 104 31.93 -0.32 5.85
N LEU B 105 32.23 -1.62 5.93
CA LEU B 105 33.13 -2.27 4.99
C LEU B 105 32.42 -2.99 3.86
N SER B 106 31.10 -2.87 3.76
CA SER B 106 30.34 -3.71 2.84
C SER B 106 30.47 -3.25 1.39
N SER B 107 30.62 -1.95 1.16
CA SER B 107 30.53 -1.38 -0.18
C SER B 107 31.63 -0.37 -0.43
N VAL B 108 32.89 -0.77 -0.26
CA VAL B 108 33.99 0.15 -0.52
C VAL B 108 34.16 0.36 -2.02
N SER B 109 34.72 1.52 -2.37
CA SER B 109 35.10 1.83 -3.75
C SER B 109 36.61 1.86 -3.96
N SER B 110 37.38 2.15 -2.93
CA SER B 110 38.84 2.09 -2.99
C SER B 110 39.35 1.52 -1.68
N PHE B 111 40.22 0.52 -1.77
CA PHE B 111 40.75 -0.16 -0.60
C PHE B 111 42.20 -0.52 -0.86
N GLU B 112 43.10 -0.04 0.00
CA GLU B 112 44.53 -0.29 -0.15
C GLU B 112 45.13 -0.49 1.23
N ARG B 113 45.78 -1.63 1.44
CA ARG B 113 46.45 -1.94 2.69
C ARG B 113 47.85 -1.36 2.65
N PHE B 114 48.20 -0.56 3.66
CA PHE B 114 49.51 0.09 3.70
C PHE B 114 50.09 -0.02 5.09
N GLU B 115 51.40 -0.16 5.16
CA GLU B 115 52.09 -0.31 6.44
C GLU B 115 52.07 1.01 7.19
N ILE B 116 51.16 1.14 8.15
CA ILE B 116 51.06 2.37 8.92
C ILE B 116 52.29 2.58 9.79
N PHE B 117 52.78 1.52 10.43
CA PHE B 117 53.97 1.59 11.27
C PHE B 117 54.95 0.50 10.83
N PRO B 118 56.00 0.85 10.09
CA PRO B 118 56.98 -0.17 9.69
C PRO B 118 57.56 -0.89 10.89
N LYS B 119 57.63 -2.22 10.79
CA LYS B 119 58.03 -3.04 11.91
C LYS B 119 59.51 -2.84 12.26
N THR B 120 60.35 -2.63 11.26
CA THR B 120 61.79 -2.57 11.47
C THR B 120 62.28 -1.23 12.00
N SER B 121 61.42 -0.22 12.09
CA SER B 121 61.85 1.10 12.53
C SER B 121 60.96 1.77 13.56
N SER B 122 59.69 1.37 13.68
CA SER B 122 58.77 2.09 14.54
C SER B 122 59.00 1.82 16.01
N TRP B 123 59.50 0.62 16.36
CA TRP B 123 59.62 0.21 17.75
C TRP B 123 61.04 -0.25 18.03
N PRO B 124 61.97 0.69 18.20
CA PRO B 124 63.35 0.31 18.53
C PRO B 124 63.55 -0.07 19.97
N ASN B 125 62.68 0.39 20.87
CA ASN B 125 62.84 0.16 22.30
C ASN B 125 62.11 -1.06 22.81
N HIS B 126 61.13 -1.58 22.06
CA HIS B 126 60.34 -2.72 22.47
C HIS B 126 60.62 -3.91 21.57
N ASP B 127 60.05 -5.04 21.93
CA ASP B 127 60.26 -6.30 21.23
C ASP B 127 59.02 -6.63 20.39
N SER B 128 59.25 -6.88 19.11
CA SER B 128 58.16 -7.14 18.16
C SER B 128 58.27 -8.54 17.56
N ASP B 129 58.88 -9.47 18.29
CA ASP B 129 59.08 -10.83 17.79
C ASP B 129 58.54 -11.92 18.70
N LYS B 130 58.34 -11.65 19.99
CA LYS B 130 57.88 -12.67 20.93
C LYS B 130 56.36 -12.69 21.10
N GLY B 131 55.64 -11.89 20.33
CA GLY B 131 54.19 -11.87 20.44
C GLY B 131 53.51 -12.92 19.58
N VAL B 132 53.66 -14.18 19.95
CA VAL B 132 53.05 -15.30 19.23
C VAL B 132 52.37 -16.21 20.23
N THR B 133 51.18 -16.71 19.86
CA THR B 133 50.40 -17.56 20.74
C THR B 133 50.00 -18.84 20.01
N ALA B 134 49.71 -19.87 20.81
CA ALA B 134 49.20 -21.11 20.25
C ALA B 134 47.73 -21.01 19.86
N ALA B 135 47.04 -19.95 20.28
CA ALA B 135 45.66 -19.75 19.89
C ALA B 135 45.53 -19.32 18.43
N CYS B 136 46.62 -18.87 17.82
CA CYS B 136 46.65 -18.45 16.42
C CYS B 136 47.78 -19.17 15.72
N PRO B 137 47.61 -20.46 15.43
CA PRO B 137 48.70 -21.25 14.87
C PRO B 137 48.76 -21.15 13.35
N HIS B 138 49.99 -21.09 12.83
CA HIS B 138 50.24 -21.16 11.40
C HIS B 138 51.26 -22.26 11.15
N ALA B 139 50.88 -23.23 10.31
CA ALA B 139 51.71 -24.38 9.98
C ALA B 139 52.17 -25.13 11.22
N GLY B 140 51.33 -25.18 12.26
CA GLY B 140 51.66 -25.87 13.49
C GLY B 140 52.51 -25.08 14.45
N ALA B 141 52.95 -23.88 14.08
CA ALA B 141 53.78 -23.05 14.94
C ALA B 141 52.99 -21.87 15.47
N LYS B 142 53.45 -21.33 16.59
CA LYS B 142 52.81 -20.18 17.20
C LYS B 142 52.97 -18.96 16.30
N SER B 143 51.90 -18.19 16.17
CA SER B 143 51.89 -17.02 15.30
C SER B 143 50.92 -15.99 15.87
N PHE B 144 50.67 -14.96 15.08
CA PHE B 144 49.80 -13.86 15.49
C PHE B 144 49.18 -13.27 14.23
N TYR B 145 48.37 -12.23 14.42
CA TYR B 145 47.72 -11.57 13.30
C TYR B 145 48.74 -10.86 12.42
N LYS B 146 48.46 -10.82 11.12
CA LYS B 146 49.37 -10.18 10.18
C LYS B 146 49.37 -8.67 10.34
N ASN B 147 48.21 -8.07 10.59
CA ASN B 147 48.06 -6.62 10.60
C ASN B 147 48.38 -5.99 11.95
N LEU B 148 48.77 -6.79 12.94
CA LEU B 148 49.02 -6.27 14.27
C LEU B 148 50.30 -6.86 14.84
N ILE B 149 50.99 -6.06 15.65
CA ILE B 149 52.18 -6.51 16.37
C ILE B 149 51.89 -6.48 17.86
N TRP B 150 52.17 -7.58 18.55
CA TRP B 150 52.03 -7.65 20.00
C TRP B 150 53.38 -7.37 20.62
N LEU B 151 53.57 -6.12 21.07
CA LEU B 151 54.84 -5.71 21.62
C LEU B 151 54.99 -6.19 23.06
N VAL B 152 56.19 -6.63 23.41
CA VAL B 152 56.54 -7.09 24.74
C VAL B 152 57.83 -6.39 25.17
N LYS B 153 58.27 -6.70 26.38
CA LYS B 153 59.48 -6.10 26.93
C LYS B 153 60.71 -6.52 26.13
N LYS B 154 61.64 -5.58 25.94
CA LYS B 154 62.95 -5.92 25.40
C LYS B 154 63.94 -6.11 26.57
N GLY B 155 63.48 -6.91 27.52
CA GLY B 155 64.34 -7.34 28.61
C GLY B 155 64.21 -6.45 29.83
N ASN B 156 63.43 -6.90 30.81
CA ASN B 156 63.25 -6.21 32.09
C ASN B 156 62.98 -4.71 31.91
N SER B 157 62.36 -4.32 30.80
CA SER B 157 62.09 -2.91 30.58
C SER B 157 61.05 -2.75 29.48
N TYR B 158 60.00 -1.98 29.78
CA TYR B 158 58.98 -1.60 28.80
C TYR B 158 58.85 -0.09 28.87
N PRO B 159 59.69 0.65 28.16
CA PRO B 159 59.63 2.11 28.25
C PRO B 159 58.35 2.65 27.64
N LYS B 160 58.06 3.91 27.98
CA LYS B 160 56.87 4.57 27.48
C LYS B 160 56.84 4.57 25.96
N LEU B 161 55.74 4.09 25.40
CA LEU B 161 55.55 4.00 23.96
C LEU B 161 54.74 5.20 23.50
N ASN B 162 55.28 5.94 22.53
CA ASN B 162 54.65 7.16 22.03
C ASN B 162 54.86 7.19 20.52
N GLN B 163 53.78 6.94 19.77
CA GLN B 163 53.87 6.91 18.32
C GLN B 163 52.71 7.71 17.74
N THR B 164 52.93 8.29 16.56
CA THR B 164 51.91 9.09 15.89
C THR B 164 51.92 8.78 14.40
N TYR B 165 50.77 9.01 13.77
CA TYR B 165 50.64 8.85 12.32
C TYR B 165 49.72 9.93 11.78
N ILE B 166 50.23 10.74 10.86
CA ILE B 166 49.45 11.77 10.20
C ILE B 166 48.93 11.22 8.88
N ASN B 167 47.62 11.36 8.65
CA ASN B 167 46.97 10.83 7.46
C ASN B 167 47.35 11.69 6.27
N ASP B 168 48.38 11.26 5.54
CA ASP B 168 48.79 11.92 4.31
C ASP B 168 48.01 11.45 3.10
N LYS B 169 47.24 10.37 3.22
CA LYS B 169 46.41 9.91 2.13
C LYS B 169 45.26 10.89 1.89
N GLY B 170 44.64 10.77 0.74
CA GLY B 170 43.53 11.64 0.41
C GLY B 170 42.17 11.19 0.85
N LYS B 171 42.05 10.00 1.44
CA LYS B 171 40.75 9.47 1.83
C LYS B 171 40.86 8.89 3.23
N GLU B 172 39.84 8.14 3.63
CA GLU B 172 39.77 7.69 5.02
C GLU B 172 40.83 6.64 5.29
N VAL B 173 41.24 6.52 6.55
CA VAL B 173 42.15 5.45 6.93
C VAL B 173 41.57 4.69 8.11
N LEU B 174 41.37 3.39 7.93
CA LEU B 174 40.90 2.52 8.99
C LEU B 174 42.10 1.99 9.74
N VAL B 175 42.15 2.24 11.04
CA VAL B 175 43.25 1.82 11.91
C VAL B 175 42.67 0.92 12.98
N LEU B 176 43.22 -0.28 13.12
CA LEU B 176 42.78 -1.25 14.11
C LEU B 176 43.89 -1.53 15.10
N TRP B 177 43.55 -1.59 16.38
CA TRP B 177 44.50 -1.95 17.43
C TRP B 177 43.86 -2.89 18.42
N GLY B 178 44.61 -3.30 19.44
CA GLY B 178 44.09 -4.24 20.42
C GLY B 178 44.68 -3.97 21.79
N ILE B 179 43.91 -4.34 22.80
CA ILE B 179 44.30 -4.23 24.20
C ILE B 179 44.28 -5.63 24.81
N HIS B 180 45.37 -6.00 25.46
CA HIS B 180 45.53 -7.34 26.02
C HIS B 180 45.28 -7.32 27.52
N HIS B 181 44.52 -8.31 28.00
CA HIS B 181 44.21 -8.47 29.42
C HIS B 181 44.79 -9.79 29.90
N PRO B 182 45.93 -9.76 30.60
CA PRO B 182 46.53 -11.00 31.07
C PRO B 182 45.69 -11.63 32.16
N PRO B 183 45.81 -12.94 32.37
CA PRO B 183 44.99 -13.58 33.40
C PRO B 183 45.54 -13.38 34.80
N THR B 184 46.84 -13.17 34.94
CA THR B 184 47.49 -13.16 36.24
C THR B 184 48.49 -12.01 36.28
N ILE B 185 48.72 -11.47 37.47
CA ILE B 185 49.68 -10.39 37.66
C ILE B 185 51.07 -10.82 37.17
N ALA B 186 51.46 -12.06 37.46
CA ALA B 186 52.73 -12.56 36.98
C ALA B 186 52.80 -12.53 35.46
N ALA B 187 51.67 -12.79 34.79
CA ALA B 187 51.63 -12.68 33.34
C ALA B 187 51.82 -11.24 32.89
N GLN B 188 51.33 -10.29 33.69
CA GLN B 188 51.52 -8.87 33.39
C GLN B 188 52.99 -8.50 33.48
N GLU B 189 53.67 -8.91 34.55
CA GLU B 189 55.09 -8.60 34.67
C GLU B 189 55.97 -9.34 33.69
N SER B 190 55.61 -10.58 33.31
CA SER B 190 56.43 -11.33 32.37
C SER B 190 56.38 -10.77 30.97
N LEU B 191 55.46 -9.85 30.68
CA LEU B 191 55.32 -9.30 29.35
C LEU B 191 55.63 -7.81 29.30
N TYR B 192 55.18 -7.05 30.31
CA TYR B 192 55.28 -5.59 30.27
C TYR B 192 56.01 -4.98 31.46
N GLN B 193 56.32 -5.74 32.50
CA GLN B 193 57.11 -5.25 33.63
C GLN B 193 56.48 -4.02 34.27
N ASN B 194 55.16 -3.92 34.23
CA ASN B 194 54.43 -2.79 34.81
C ASN B 194 53.12 -3.34 35.34
N ALA B 195 52.97 -3.40 36.66
CA ALA B 195 51.73 -3.89 37.25
C ALA B 195 50.56 -2.98 36.88
N ASP B 196 50.78 -1.67 36.92
CA ASP B 196 49.74 -0.70 36.59
C ASP B 196 50.10 -0.02 35.28
N ALA B 197 49.67 -0.64 34.18
CA ALA B 197 49.89 -0.12 32.85
C ALA B 197 48.63 0.57 32.33
N TYR B 198 48.79 1.34 31.27
CA TYR B 198 47.66 2.03 30.66
C TYR B 198 47.95 2.27 29.19
N VAL B 199 46.89 2.38 28.41
CA VAL B 199 46.97 2.70 26.99
C VAL B 199 46.11 3.92 26.74
N PHE B 200 46.49 4.72 25.75
CA PHE B 200 45.71 5.88 25.36
C PHE B 200 45.77 6.02 23.85
N VAL B 201 44.62 6.02 23.21
CA VAL B 201 44.52 6.20 21.76
C VAL B 201 43.76 7.49 21.50
N GLY B 202 44.37 8.37 20.69
CA GLY B 202 43.80 9.68 20.49
C GLY B 202 43.73 10.15 19.06
N THR B 203 42.61 10.80 18.72
CA THR B 203 42.40 11.45 17.43
C THR B 203 41.71 12.78 17.71
N SER B 204 41.49 13.57 16.65
CA SER B 204 40.82 14.84 16.81
C SER B 204 39.39 14.68 17.30
N ARG B 205 38.73 13.59 16.94
CA ARG B 205 37.38 13.32 17.41
C ARG B 205 37.28 12.14 18.37
N TYR B 206 38.35 11.36 18.51
CA TYR B 206 38.33 10.14 19.31
C TYR B 206 39.46 10.19 20.33
N SER B 207 39.15 9.81 21.56
CA SER B 207 40.15 9.75 22.62
C SER B 207 39.67 8.78 23.67
N LYS B 208 40.44 7.79 24.00
CA LYS B 208 40.02 6.80 25.01
C LYS B 208 41.22 6.25 25.75
N LYS B 209 41.11 6.04 27.00
CA LYS B 209 42.11 5.46 27.89
C LYS B 209 41.67 4.06 28.28
N PHE B 210 42.57 3.10 28.13
CA PHE B 210 42.31 1.70 28.39
C PHE B 210 43.16 1.22 29.56
N LYS B 211 42.54 0.52 30.48
CA LYS B 211 43.17 -0.07 31.65
C LYS B 211 43.06 -1.58 31.60
N PRO B 212 44.16 -2.30 31.79
CA PRO B 212 44.09 -3.77 31.81
C PRO B 212 43.20 -4.27 32.93
N GLU B 213 42.48 -5.35 32.64
CA GLU B 213 41.64 -6.04 33.61
C GLU B 213 42.25 -7.42 33.84
N ILE B 214 43.12 -7.53 34.84
CA ILE B 214 43.91 -8.72 35.10
C ILE B 214 43.04 -9.64 35.96
N ALA B 215 42.46 -10.66 35.33
CA ALA B 215 41.65 -11.64 36.03
C ALA B 215 41.61 -12.91 35.20
N THR B 216 41.25 -14.02 35.86
CA THR B 216 41.21 -15.32 35.20
C THR B 216 39.85 -15.53 34.55
N ARG B 217 39.84 -15.61 33.22
CA ARG B 217 38.63 -15.86 32.48
C ARG B 217 38.45 -17.37 32.27
N PRO B 218 37.23 -17.80 31.93
CA PRO B 218 37.06 -19.16 31.43
C PRO B 218 37.92 -19.39 30.19
N LYS B 219 38.46 -20.59 30.10
CA LYS B 219 39.50 -20.91 29.12
C LYS B 219 38.86 -21.32 27.80
N VAL B 220 39.00 -20.48 26.79
CA VAL B 220 38.56 -20.81 25.43
C VAL B 220 39.77 -20.69 24.52
N ARG B 221 39.92 -21.66 23.62
CA ARG B 221 41.11 -21.81 22.79
C ARG B 221 42.38 -21.79 23.63
N ASP B 222 42.34 -22.50 24.75
CA ASP B 222 43.47 -22.73 25.65
C ASP B 222 43.92 -21.45 26.37
N GLN B 223 43.33 -20.31 26.06
CA GLN B 223 43.77 -19.02 26.58
C GLN B 223 42.87 -18.57 27.70
N GLU B 224 43.49 -18.10 28.79
CA GLU B 224 42.78 -17.64 29.97
C GLU B 224 42.67 -16.12 30.03
N GLY B 225 43.53 -15.40 29.31
CA GLY B 225 43.42 -13.97 29.17
C GLY B 225 42.49 -13.59 28.02
N ARG B 226 42.48 -12.30 27.71
CA ARG B 226 41.58 -11.81 26.67
C ARG B 226 42.30 -10.75 25.85
N MET B 227 41.69 -10.40 24.71
CA MET B 227 42.23 -9.35 23.86
C MET B 227 41.06 -8.65 23.16
N ASN B 228 40.81 -7.40 23.54
CA ASN B 228 39.74 -6.60 22.95
C ASN B 228 40.28 -5.84 21.75
N TYR B 229 39.53 -5.90 20.65
CA TYR B 229 39.95 -5.28 19.39
C TYR B 229 39.14 -4.02 19.12
N TYR B 230 39.83 -2.93 18.81
CA TYR B 230 39.21 -1.65 18.57
C TYR B 230 39.63 -1.14 17.20
N TRP B 231 38.82 -0.24 16.65
CA TRP B 231 39.08 0.34 15.34
C TRP B 231 38.61 1.78 15.32
N THR B 232 39.17 2.55 14.39
CA THR B 232 38.75 3.93 14.21
C THR B 232 39.06 4.37 12.78
N LEU B 233 38.42 5.46 12.38
CA LEU B 233 38.64 6.07 11.07
C LEU B 233 39.33 7.41 11.25
N VAL B 234 40.50 7.55 10.63
CA VAL B 234 41.26 8.79 10.61
C VAL B 234 40.91 9.52 9.32
N GLU B 235 40.43 10.75 9.46
CA GLU B 235 40.09 11.59 8.34
C GLU B 235 41.35 12.17 7.70
N PRO B 236 41.25 12.65 6.45
CA PRO B 236 42.39 13.33 5.84
C PRO B 236 42.82 14.55 6.64
N GLY B 237 44.13 14.73 6.80
CA GLY B 237 44.65 15.84 7.56
C GLY B 237 44.59 15.64 9.06
N ASP B 238 44.10 14.47 9.48
CA ASP B 238 43.98 14.12 10.88
C ASP B 238 45.06 13.12 11.26
N LYS B 239 45.40 13.08 12.54
CA LYS B 239 46.47 12.23 13.02
C LYS B 239 45.98 11.36 14.18
N ILE B 240 46.57 10.18 14.29
CA ILE B 240 46.28 9.26 15.38
C ILE B 240 47.52 9.14 16.25
N THR B 241 47.30 8.99 17.56
CA THR B 241 48.38 8.92 18.54
C THR B 241 48.18 7.72 19.45
N PHE B 242 49.23 6.94 19.63
CA PHE B 242 49.24 5.79 20.52
C PHE B 242 50.23 6.06 21.66
N GLU B 243 49.76 5.93 22.88
CA GLU B 243 50.57 6.10 24.08
C GLU B 243 50.34 4.88 24.96
N ALA B 244 51.42 4.35 25.54
CA ALA B 244 51.23 3.10 26.27
C ALA B 244 52.37 2.86 27.25
N THR B 245 52.03 2.20 28.35
CA THR B 245 53.01 1.62 29.26
C THR B 245 52.88 0.11 29.32
N GLY B 246 52.10 -0.49 28.42
CA GLY B 246 51.89 -1.91 28.39
C GLY B 246 50.52 -2.23 27.84
N ASN B 247 50.33 -3.50 27.50
CA ASN B 247 49.02 -4.03 27.09
C ASN B 247 48.52 -3.37 25.80
N LEU B 248 49.40 -3.20 24.82
CA LEU B 248 49.03 -2.60 23.55
C LEU B 248 49.49 -3.47 22.39
N VAL B 249 48.56 -3.77 21.49
CA VAL B 249 48.88 -4.49 20.26
C VAL B 249 48.82 -3.49 19.12
N VAL B 250 49.98 -2.98 18.73
CA VAL B 250 50.06 -1.83 17.83
C VAL B 250 49.66 -2.22 16.41
N PRO B 251 49.10 -1.30 15.65
CA PRO B 251 48.84 -1.58 14.23
C PRO B 251 50.13 -1.79 13.45
N ARG B 252 50.06 -2.66 12.45
CA ARG B 252 51.11 -2.83 11.47
C ARG B 252 50.66 -2.37 10.09
N TYR B 253 49.46 -2.76 9.69
CA TYR B 253 48.87 -2.37 8.41
C TYR B 253 47.54 -1.69 8.65
N ALA B 254 47.38 -0.49 8.12
CA ALA B 254 46.12 0.21 8.10
C ALA B 254 45.53 0.15 6.70
N PHE B 255 44.28 0.59 6.56
CA PHE B 255 43.56 0.43 5.31
C PHE B 255 43.06 1.77 4.80
N THR B 256 43.69 2.28 3.74
CA THR B 256 43.20 3.45 3.05
C THR B 256 41.93 3.09 2.29
N MET B 257 40.82 3.77 2.59
CA MET B 257 39.53 3.34 2.12
C MET B 257 38.66 4.54 1.75
N GLU B 258 37.76 4.28 0.80
CA GLU B 258 36.74 5.21 0.35
C GLU B 258 35.38 4.51 0.39
N ARG B 259 34.40 5.13 1.05
CA ARG B 259 33.13 4.40 1.24
C ARG B 259 32.10 4.87 0.22
N ASP B 260 31.12 4.02 -0.09
CA ASP B 260 30.04 4.33 -1.05
C ASP B 260 28.71 4.41 -0.31
N ALA B 261 27.59 4.35 -1.03
CA ALA B 261 26.26 4.48 -0.43
C ALA B 261 25.97 3.39 0.59
N GLY B 262 26.27 2.14 0.26
CA GLY B 262 26.03 1.06 1.19
C GLY B 262 25.56 -0.24 0.54
N SER B 263 25.93 -1.35 1.14
CA SER B 263 25.51 -2.67 0.69
C SER B 263 25.41 -3.58 1.90
N GLY B 264 25.38 -4.89 1.66
CA GLY B 264 25.23 -5.86 2.72
C GLY B 264 26.19 -7.03 2.56
N ILE B 265 26.08 -7.96 3.50
CA ILE B 265 26.89 -9.17 3.52
C ILE B 265 25.97 -10.35 3.29
N ILE B 266 26.26 -11.13 2.26
CA ILE B 266 25.47 -12.33 1.96
C ILE B 266 26.18 -13.55 2.53
N ILE B 267 25.48 -14.29 3.38
CA ILE B 267 26.00 -15.51 3.96
C ILE B 267 25.41 -16.69 3.20
N SER B 268 26.20 -17.32 2.35
CA SER B 268 25.71 -18.39 1.50
C SER B 268 26.86 -19.28 1.05
N ASP B 269 26.51 -20.49 0.63
CA ASP B 269 27.46 -21.43 0.06
C ASP B 269 27.41 -21.46 -1.46
N THR B 270 26.65 -20.56 -2.08
CA THR B 270 26.51 -20.54 -3.52
C THR B 270 27.85 -20.18 -4.18
N PRO B 271 28.19 -20.85 -5.28
CA PRO B 271 29.44 -20.52 -5.98
C PRO B 271 29.40 -19.13 -6.60
N VAL B 272 30.59 -18.56 -6.77
CA VAL B 272 30.75 -17.23 -7.34
C VAL B 272 31.20 -17.37 -8.78
N HIS B 273 30.47 -16.73 -9.70
CA HIS B 273 30.82 -16.75 -11.12
C HIS B 273 30.82 -15.32 -11.65
N ASP B 274 31.18 -15.18 -12.91
CA ASP B 274 31.25 -13.89 -13.58
C ASP B 274 29.95 -13.66 -14.33
N CYS B 275 29.12 -12.78 -13.80
CA CYS B 275 27.86 -12.41 -14.41
C CYS B 275 27.80 -10.90 -14.48
N ASN B 276 26.60 -10.40 -14.74
CA ASN B 276 26.25 -9.00 -14.51
C ASN B 276 24.77 -8.94 -14.16
N THR B 277 24.47 -8.72 -12.88
CA THR B 277 23.11 -8.73 -12.39
C THR B 277 22.78 -7.43 -11.68
N THR B 278 21.49 -7.11 -11.63
CA THR B 278 21.03 -5.93 -10.91
C THR B 278 20.54 -6.29 -9.52
N CYS B 279 20.10 -7.52 -9.32
CA CYS B 279 19.55 -7.97 -8.05
C CYS B 279 20.15 -9.31 -7.66
N GLN B 280 20.65 -9.39 -6.42
CA GLN B 280 21.33 -10.56 -5.91
C GLN B 280 20.65 -11.06 -4.64
N THR B 281 20.56 -12.38 -4.51
CA THR B 281 19.99 -13.06 -3.35
C THR B 281 20.97 -14.14 -2.91
N PRO B 282 20.93 -14.57 -1.66
CA PRO B 282 21.88 -15.61 -1.22
C PRO B 282 21.82 -16.88 -2.04
N GLU B 283 20.75 -17.12 -2.79
CA GLU B 283 20.65 -18.30 -3.62
C GLU B 283 20.72 -18.02 -5.12
N GLY B 284 21.07 -16.81 -5.54
CA GLY B 284 21.30 -16.57 -6.95
C GLY B 284 20.87 -15.17 -7.35
N ALA B 285 21.11 -14.86 -8.61
CA ALA B 285 20.75 -13.56 -9.18
C ALA B 285 19.32 -13.59 -9.70
N ILE B 286 18.76 -12.39 -9.87
CA ILE B 286 17.39 -12.24 -10.33
C ILE B 286 17.34 -11.21 -11.44
N ASN B 287 16.62 -11.56 -12.50
CA ASN B 287 16.39 -10.63 -13.60
C ASN B 287 15.33 -9.62 -13.19
N THR B 288 15.75 -8.37 -13.02
CA THR B 288 14.86 -7.31 -12.55
C THR B 288 14.15 -6.67 -13.74
N SER B 289 13.19 -7.42 -14.28
CA SER B 289 12.34 -6.94 -15.36
C SER B 289 10.86 -6.97 -15.01
N LEU B 290 10.47 -7.72 -14.00
CA LEU B 290 9.10 -7.81 -13.53
C LEU B 290 8.96 -7.12 -12.18
N PRO B 291 7.77 -6.62 -11.85
CA PRO B 291 7.63 -5.82 -10.63
C PRO B 291 7.68 -6.60 -9.33
N PHE B 292 7.44 -7.91 -9.36
CA PHE B 292 7.30 -8.67 -8.13
C PHE B 292 8.19 -9.90 -8.19
N GLN B 293 8.64 -10.38 -7.04
CA GLN B 293 9.62 -11.49 -6.93
C GLN B 293 9.20 -12.45 -5.83
N ASN B 294 9.50 -13.72 -6.00
CA ASN B 294 9.17 -14.78 -5.06
C ASN B 294 10.39 -15.47 -4.45
N VAL B 295 11.60 -15.15 -4.91
CA VAL B 295 12.75 -16.00 -4.63
C VAL B 295 13.17 -15.88 -3.17
N HIS B 296 13.58 -14.69 -2.74
CA HIS B 296 14.14 -14.54 -1.42
C HIS B 296 13.84 -13.17 -0.84
N PRO B 297 13.54 -13.08 0.46
CA PRO B 297 13.30 -11.76 1.08
C PRO B 297 14.54 -10.88 1.11
N ILE B 298 15.68 -11.41 1.57
CA ILE B 298 16.90 -10.63 1.68
C ILE B 298 17.51 -10.45 0.30
N THR B 299 17.68 -9.21 -0.12
CA THR B 299 18.09 -8.89 -1.47
C THR B 299 19.10 -7.74 -1.44
N ILE B 300 19.98 -7.70 -2.42
CA ILE B 300 20.91 -6.59 -2.60
C ILE B 300 20.78 -6.07 -4.03
N GLY B 301 20.62 -4.77 -4.16
CA GLY B 301 20.49 -4.12 -5.45
C GLY B 301 19.06 -3.68 -5.72
N LYS B 302 18.89 -3.08 -6.91
CA LYS B 302 17.56 -2.71 -7.36
C LYS B 302 16.75 -3.97 -7.63
N CYS B 303 15.83 -4.30 -6.74
CA CYS B 303 15.23 -5.61 -6.75
C CYS B 303 13.72 -5.53 -6.84
N PRO B 304 13.09 -6.50 -7.51
CA PRO B 304 11.62 -6.55 -7.50
C PRO B 304 11.12 -6.83 -6.09
N LYS B 305 9.92 -6.32 -5.80
CA LYS B 305 9.38 -6.41 -4.46
C LYS B 305 9.02 -7.86 -4.12
N TYR B 306 9.29 -8.25 -2.88
CA TYR B 306 9.04 -9.61 -2.43
C TYR B 306 7.58 -9.77 -2.02
N VAL B 307 6.94 -10.82 -2.54
CA VAL B 307 5.54 -11.13 -2.23
C VAL B 307 5.44 -12.60 -1.90
N LYS B 308 4.57 -12.93 -0.94
CA LYS B 308 4.38 -14.34 -0.50
C LYS B 308 3.25 -14.94 -1.32
N SER B 309 3.38 -14.90 -2.62
CA SER B 309 2.38 -15.39 -3.56
C SER B 309 3.01 -16.46 -4.45
N THR B 310 2.18 -17.23 -5.12
CA THR B 310 2.64 -18.32 -5.96
C THR B 310 2.44 -18.07 -7.44
N LYS B 311 1.33 -17.43 -7.82
CA LYS B 311 1.04 -17.16 -9.22
C LYS B 311 0.53 -15.74 -9.35
N LEU B 312 1.14 -14.97 -10.25
CA LEU B 312 0.70 -13.61 -10.57
C LEU B 312 0.70 -13.50 -12.09
N ARG B 313 -0.42 -13.84 -12.72
CA ARG B 313 -0.56 -13.82 -14.16
C ARG B 313 -1.55 -12.74 -14.58
N LEU B 314 -1.12 -11.86 -15.48
CA LEU B 314 -1.95 -10.80 -16.00
C LEU B 314 -2.53 -11.20 -17.34
N ALA B 315 -3.85 -11.16 -17.44
CA ALA B 315 -4.56 -11.57 -18.64
C ALA B 315 -4.36 -10.53 -19.73
N THR B 316 -3.98 -11.01 -20.93
CA THR B 316 -3.78 -10.13 -22.08
C THR B 316 -4.63 -10.51 -23.27
N GLY B 317 -5.24 -11.68 -23.27
CA GLY B 317 -6.05 -12.10 -24.40
C GLY B 317 -7.49 -12.36 -24.03
N LEU B 318 -8.25 -12.91 -24.98
CA LEU B 318 -9.65 -13.18 -24.75
C LEU B 318 -9.83 -14.34 -23.76
N ARG B 319 -11.01 -14.40 -23.17
CA ARG B 319 -11.45 -15.62 -22.53
C ARG B 319 -11.59 -16.72 -23.57
N ASN B 320 -11.08 -17.90 -23.25
CA ASN B 320 -11.00 -19.02 -24.19
C ASN B 320 -12.28 -19.84 -24.09
N VAL B 321 -13.15 -19.69 -25.07
CA VAL B 321 -14.41 -20.42 -25.13
C VAL B 321 -14.53 -21.13 -26.48
N PRO B 322 -13.89 -22.29 -26.65
CA PRO B 322 -14.05 -23.05 -27.90
C PRO B 322 -15.28 -23.95 -27.88
N ASP C 1 -51.57 -10.37 -22.34
CA ASP C 1 -50.56 -11.22 -21.72
C ASP C 1 -49.24 -10.46 -21.64
N THR C 2 -48.73 -10.33 -20.43
CA THR C 2 -47.59 -9.45 -20.16
C THR C 2 -46.49 -10.20 -19.43
N LEU C 3 -45.24 -9.91 -19.81
CA LEU C 3 -44.08 -10.51 -19.12
C LEU C 3 -43.09 -9.40 -18.80
N CYS C 4 -42.93 -9.14 -17.50
CA CYS C 4 -42.04 -8.07 -17.00
C CYS C 4 -40.78 -8.65 -16.37
N ILE C 5 -39.61 -8.03 -16.60
CA ILE C 5 -38.34 -8.42 -16.01
C ILE C 5 -38.07 -7.47 -14.86
N GLY C 6 -37.72 -8.02 -13.70
CA GLY C 6 -37.47 -7.20 -12.55
C GLY C 6 -36.45 -7.78 -11.59
N TYR C 7 -36.23 -7.11 -10.47
CA TYR C 7 -35.19 -7.52 -9.55
C TYR C 7 -35.72 -7.41 -8.12
N HIS C 8 -34.97 -8.00 -7.19
CA HIS C 8 -35.38 -8.15 -5.81
C HIS C 8 -35.24 -6.84 -5.04
N ALA C 9 -36.14 -6.65 -4.07
CA ALA C 9 -36.07 -5.53 -3.15
C ALA C 9 -36.70 -5.96 -1.83
N ASN C 10 -36.22 -5.39 -0.73
CA ASN C 10 -36.72 -5.73 0.60
C ASN C 10 -36.68 -4.50 1.49
N ASN C 11 -37.03 -4.70 2.76
CA ASN C 11 -37.07 -3.63 3.75
C ASN C 11 -35.74 -3.44 4.47
N SER C 12 -34.63 -3.83 3.85
CA SER C 12 -33.32 -3.65 4.44
C SER C 12 -32.99 -2.18 4.61
N THR C 13 -32.37 -1.84 5.73
CA THR C 13 -32.01 -0.47 6.05
C THR C 13 -30.53 -0.17 5.85
N ASP C 14 -29.67 -1.18 5.98
CA ASP C 14 -28.23 -0.97 5.95
C ASP C 14 -27.78 -0.29 4.67
N THR C 15 -26.68 0.46 4.77
CA THR C 15 -26.19 1.29 3.68
C THR C 15 -24.71 1.03 3.47
N VAL C 16 -24.26 1.22 2.23
CA VAL C 16 -22.85 1.11 1.88
C VAL C 16 -22.40 2.44 1.29
N ASP C 17 -21.08 2.64 1.31
CA ASP C 17 -20.46 3.82 0.73
C ASP C 17 -19.80 3.44 -0.59
N THR C 18 -20.03 4.26 -1.61
CA THR C 18 -19.54 4.02 -2.95
C THR C 18 -18.73 5.24 -3.40
N VAL C 19 -17.81 5.02 -4.34
CA VAL C 19 -16.89 6.10 -4.73
C VAL C 19 -17.65 7.23 -5.40
N LEU C 20 -18.82 6.94 -5.96
CA LEU C 20 -19.63 7.97 -6.60
C LEU C 20 -20.81 8.40 -5.74
N GLU C 21 -21.32 7.52 -4.89
CA GLU C 21 -22.47 7.82 -4.04
C GLU C 21 -22.21 7.41 -2.61
N LYS C 22 -22.61 8.27 -1.68
CA LYS C 22 -22.57 7.94 -0.26
C LYS C 22 -23.98 7.60 0.21
N ASN C 23 -24.05 6.74 1.23
CA ASN C 23 -25.31 6.33 1.84
C ASN C 23 -26.22 5.66 0.82
N VAL C 24 -25.77 4.53 0.28
CA VAL C 24 -26.53 3.76 -0.68
C VAL C 24 -27.15 2.56 0.02
N THR C 25 -28.47 2.54 0.13
CA THR C 25 -29.14 1.42 0.75
C THR C 25 -29.10 0.20 -0.17
N VAL C 26 -28.80 -0.96 0.40
CA VAL C 26 -28.65 -2.19 -0.36
C VAL C 26 -29.41 -3.30 0.34
N THR C 27 -29.66 -4.38 -0.40
CA THR C 27 -30.38 -5.53 0.14
C THR C 27 -29.55 -6.35 1.10
N HIS C 28 -28.22 -6.32 0.99
CA HIS C 28 -27.37 -7.05 1.92
C HIS C 28 -25.99 -6.43 1.95
N SER C 29 -25.26 -6.69 3.04
CA SER C 29 -23.91 -6.20 3.21
C SER C 29 -23.14 -7.15 4.13
N VAL C 30 -21.82 -7.13 4.02
CA VAL C 30 -20.97 -7.90 4.92
C VAL C 30 -19.96 -6.96 5.56
N ASN C 31 -19.68 -7.22 6.83
CA ASN C 31 -18.78 -6.38 7.61
C ASN C 31 -17.34 -6.85 7.42
N LEU C 32 -16.47 -5.93 7.02
CA LEU C 32 -15.05 -6.20 6.88
C LEU C 32 -14.23 -5.69 8.05
N LEU C 33 -14.87 -5.05 9.03
CA LEU C 33 -14.19 -4.41 10.14
C LEU C 33 -14.93 -4.74 11.43
N GLU C 34 -14.27 -5.43 12.35
CA GLU C 34 -14.86 -5.68 13.65
C GLU C 34 -14.29 -4.72 14.67
N ASP C 35 -15.17 -4.13 15.48
CA ASP C 35 -14.78 -3.17 16.50
C ASP C 35 -15.16 -3.66 17.89
N LYS C 36 -15.39 -4.96 18.05
CA LYS C 36 -15.78 -5.53 19.32
C LYS C 36 -14.64 -6.37 19.89
N HIS C 37 -14.50 -6.32 21.21
CA HIS C 37 -13.54 -7.14 21.92
C HIS C 37 -14.24 -7.72 23.15
N ASN C 38 -13.72 -8.85 23.63
CA ASN C 38 -14.37 -9.51 24.76
C ASN C 38 -13.96 -8.94 26.11
N GLY C 39 -13.07 -7.95 26.14
CA GLY C 39 -12.67 -7.35 27.40
C GLY C 39 -12.06 -8.34 28.36
N LYS C 40 -11.14 -9.17 27.89
CA LYS C 40 -10.77 -10.37 28.62
C LYS C 40 -9.41 -10.84 28.11
N LEU C 41 -8.39 -10.78 28.96
CA LEU C 41 -7.11 -11.37 28.61
C LEU C 41 -7.22 -12.88 28.57
N CYS C 42 -6.68 -13.48 27.51
CA CYS C 42 -6.93 -14.88 27.23
C CYS C 42 -5.68 -15.52 26.68
N LYS C 43 -5.72 -16.85 26.53
CA LYS C 43 -4.56 -17.62 26.13
C LYS C 43 -4.25 -17.43 24.65
N LEU C 44 -2.96 -17.42 24.33
CA LEU C 44 -2.51 -17.38 22.94
C LEU C 44 -1.87 -18.72 22.60
N ARG C 45 -2.31 -19.31 21.49
CA ARG C 45 -1.87 -20.63 21.04
C ARG C 45 -2.00 -21.69 22.13
N GLY C 46 -2.96 -21.53 23.04
CA GLY C 46 -3.19 -22.49 24.10
C GLY C 46 -2.35 -22.30 25.33
N VAL C 47 -1.37 -21.40 25.29
CA VAL C 47 -0.49 -21.14 26.42
C VAL C 47 -0.97 -19.89 27.14
N ALA C 48 -1.19 -20.01 28.43
CA ALA C 48 -1.68 -18.91 29.23
C ALA C 48 -0.62 -17.84 29.43
N PRO C 49 -1.01 -16.58 29.50
CA PRO C 49 -0.04 -15.53 29.79
C PRO C 49 0.45 -15.60 31.23
N LEU C 50 1.65 -15.07 31.44
CA LEU C 50 2.20 -14.94 32.78
C LEU C 50 1.72 -13.62 33.37
N HIS C 51 0.95 -13.70 34.45
CA HIS C 51 0.36 -12.53 35.06
C HIS C 51 1.23 -12.07 36.22
N LEU C 52 1.69 -10.83 36.16
CA LEU C 52 2.46 -10.20 37.23
C LEU C 52 1.54 -9.17 37.88
N GLY C 53 0.99 -9.52 39.04
CA GLY C 53 -0.01 -8.68 39.66
C GLY C 53 0.47 -7.33 40.12
N LYS C 54 1.28 -7.30 41.18
CA LYS C 54 1.81 -6.06 41.72
C LYS C 54 3.30 -5.87 41.46
N CYS C 55 3.89 -6.82 40.76
CA CYS C 55 5.32 -6.79 40.49
C CYS C 55 5.58 -6.55 39.01
N ASN C 56 6.76 -6.06 38.66
CA ASN C 56 7.17 -5.97 37.28
C ASN C 56 8.20 -7.06 36.99
N ILE C 57 8.74 -7.04 35.77
CA ILE C 57 9.70 -8.07 35.38
C ILE C 57 10.95 -8.01 36.25
N ALA C 58 11.42 -6.81 36.59
CA ALA C 58 12.58 -6.68 37.44
C ALA C 58 12.32 -7.32 38.81
N GLY C 59 11.23 -6.94 39.45
CA GLY C 59 10.89 -7.47 40.75
C GLY C 59 10.63 -8.96 40.74
N TRP C 60 9.97 -9.43 39.68
CA TRP C 60 9.66 -10.85 39.59
C TRP C 60 10.91 -11.69 39.36
N ILE C 61 11.82 -11.25 38.50
CA ILE C 61 13.01 -12.05 38.21
C ILE C 61 14.07 -11.91 39.29
N LEU C 62 14.07 -10.80 40.05
CA LEU C 62 14.98 -10.67 41.18
C LEU C 62 14.44 -11.31 42.45
N GLY C 63 13.15 -11.66 42.49
CA GLY C 63 12.56 -12.24 43.67
C GLY C 63 12.28 -11.22 44.74
N ASN C 64 11.45 -10.23 44.41
CA ASN C 64 11.09 -9.19 45.37
C ASN C 64 10.30 -9.80 46.52
N PRO C 65 10.47 -9.27 47.73
CA PRO C 65 9.74 -9.83 48.89
C PRO C 65 8.23 -9.79 48.72
N GLU C 66 7.73 -8.86 47.90
CA GLU C 66 6.30 -8.72 47.65
C GLU C 66 5.86 -9.53 46.44
N CYS C 67 6.52 -10.63 46.15
CA CYS C 67 6.18 -11.37 44.90
C CYS C 67 6.21 -12.90 45.11
N GLU C 68 6.26 -13.38 46.35
CA GLU C 68 6.31 -14.82 46.58
C GLU C 68 5.07 -15.51 46.03
N SER C 69 3.91 -14.90 46.23
CA SER C 69 2.65 -15.48 45.75
C SER C 69 1.85 -14.45 44.98
N ALA C 73 4.55 -21.66 36.48
CA ALA C 73 4.29 -21.58 35.04
C ALA C 73 5.57 -21.80 34.26
N ARG C 74 5.70 -22.98 33.66
CA ARG C 74 6.87 -23.33 32.87
C ARG C 74 6.81 -22.79 31.44
N SER C 75 5.73 -22.13 31.07
CA SER C 75 5.59 -21.65 29.68
C SER C 75 4.53 -20.56 29.62
N TRP C 76 4.82 -19.50 28.89
CA TRP C 76 3.85 -18.44 28.67
C TRP C 76 4.04 -17.88 27.27
N SER C 77 2.95 -17.37 26.71
CA SER C 77 2.97 -16.76 25.39
C SER C 77 3.24 -15.26 25.43
N TYR C 78 2.75 -14.57 26.45
CA TYR C 78 3.07 -13.17 26.68
C TYR C 78 2.96 -12.94 28.18
N ILE C 79 3.32 -11.73 28.62
CA ILE C 79 3.30 -11.41 30.04
C ILE C 79 2.50 -10.13 30.25
N VAL C 80 1.70 -10.12 31.30
CA VAL C 80 0.76 -9.03 31.59
C VAL C 80 1.26 -8.29 32.82
N GLU C 81 1.53 -7.00 32.65
CA GLU C 81 1.84 -6.10 33.74
C GLU C 81 0.59 -5.26 34.04
N THR C 82 0.64 -4.49 35.10
CA THR C 82 -0.51 -3.74 35.55
C THR C 82 -0.09 -2.30 35.84
N SER C 83 -1.06 -1.38 35.78
CA SER C 83 -0.76 0.02 36.07
C SER C 83 -0.26 0.21 37.49
N ASN C 84 -0.54 -0.73 38.39
CA ASN C 84 -0.04 -0.69 39.76
C ASN C 84 1.08 -1.69 39.98
N SER C 85 1.86 -1.96 38.94
CA SER C 85 3.03 -2.84 39.04
C SER C 85 4.20 -1.97 39.46
N ASP C 86 4.26 -1.64 40.76
CA ASP C 86 5.28 -0.76 41.29
C ASP C 86 6.36 -1.45 42.10
N ASN C 87 6.13 -2.70 42.51
CA ASN C 87 7.10 -3.41 43.34
C ASN C 87 8.10 -4.09 42.42
N GLY C 88 9.19 -3.39 42.11
CA GLY C 88 10.26 -3.94 41.34
C GLY C 88 11.56 -4.02 42.12
N THR C 89 12.53 -3.19 41.75
CA THR C 89 13.80 -3.15 42.47
C THR C 89 13.65 -2.33 43.74
N CYS C 90 13.50 -3.01 44.88
CA CYS C 90 13.32 -2.31 46.15
C CYS C 90 14.56 -1.51 46.51
N TYR C 91 15.73 -2.09 46.35
CA TYR C 91 16.96 -1.34 46.58
C TYR C 91 17.28 -0.48 45.35
N PRO C 92 17.46 0.83 45.52
CA PRO C 92 17.68 1.69 44.36
C PRO C 92 18.92 1.31 43.57
N GLY C 93 18.84 1.47 42.26
CA GLY C 93 19.94 1.12 41.40
C GLY C 93 19.49 1.05 39.96
N ASP C 94 20.41 0.63 39.10
CA ASP C 94 20.17 0.52 37.67
C ASP C 94 20.15 -0.94 37.25
N PHE C 95 19.11 -1.33 36.53
CA PHE C 95 19.02 -2.65 35.92
C PHE C 95 19.56 -2.55 34.51
N ILE C 96 20.79 -2.99 34.31
CA ILE C 96 21.48 -2.81 33.04
C ILE C 96 20.83 -3.69 31.99
N ASN C 97 20.50 -3.09 30.84
CA ASN C 97 19.83 -3.77 29.73
C ASN C 97 18.54 -4.43 30.19
N TYR C 98 17.75 -3.68 30.96
CA TYR C 98 16.47 -4.16 31.45
C TYR C 98 15.46 -4.40 30.35
N GLU C 99 15.40 -3.50 29.36
CA GLU C 99 14.44 -3.67 28.27
C GLU C 99 14.79 -4.89 27.42
N GLU C 100 16.08 -5.12 27.19
CA GLU C 100 16.50 -6.31 26.46
C GLU C 100 16.04 -7.57 27.18
N LEU C 101 16.23 -7.62 28.50
CA LEU C 101 15.80 -8.78 29.27
C LEU C 101 14.29 -8.94 29.22
N ARG C 102 13.56 -7.82 29.28
CA ARG C 102 12.11 -7.88 29.14
C ARG C 102 11.72 -8.51 27.82
N GLU C 103 12.44 -8.18 26.74
CA GLU C 103 12.12 -8.79 25.45
C GLU C 103 12.47 -10.28 25.42
N GLN C 104 13.62 -10.67 25.99
CA GLN C 104 13.97 -12.09 25.98
C GLN C 104 12.99 -12.92 26.79
N LEU C 105 12.49 -12.37 27.90
CA LEU C 105 11.60 -13.13 28.77
C LEU C 105 10.15 -13.12 28.31
N SER C 106 9.84 -12.45 27.21
CA SER C 106 8.44 -12.23 26.84
C SER C 106 7.74 -13.53 26.43
N SER C 107 8.44 -14.41 25.71
CA SER C 107 7.82 -15.57 25.09
C SER C 107 8.66 -16.83 25.30
N VAL C 108 8.97 -17.17 26.54
CA VAL C 108 9.72 -18.39 26.81
C VAL C 108 8.86 -19.61 26.56
N SER C 109 9.51 -20.76 26.38
CA SER C 109 8.81 -22.06 26.18
C SER C 109 9.07 -22.98 27.37
N SER C 110 10.25 -22.90 27.99
CA SER C 110 10.52 -23.62 29.21
C SER C 110 11.23 -22.68 30.17
N PHE C 111 10.81 -22.70 31.43
CA PHE C 111 11.36 -21.82 32.46
C PHE C 111 11.40 -22.58 33.77
N GLU C 112 12.59 -22.81 34.30
CA GLU C 112 12.75 -23.52 35.58
C GLU C 112 13.71 -22.74 36.45
N ARG C 113 13.31 -22.49 37.69
CA ARG C 113 14.16 -21.81 38.66
C ARG C 113 14.92 -22.84 39.47
N PHE C 114 16.25 -22.77 39.44
CA PHE C 114 17.06 -23.76 40.14
C PHE C 114 18.15 -23.07 40.94
N GLU C 115 18.51 -23.68 42.07
CA GLU C 115 19.51 -23.13 42.98
C GLU C 115 20.89 -23.30 42.36
N ILE C 116 21.40 -22.25 41.74
CA ILE C 116 22.72 -22.30 41.12
C ILE C 116 23.80 -22.42 42.19
N PHE C 117 23.66 -21.66 43.27
CA PHE C 117 24.61 -21.68 44.39
C PHE C 117 23.85 -21.92 45.68
N PRO C 118 23.84 -23.14 46.21
CA PRO C 118 23.13 -23.39 47.48
C PRO C 118 23.69 -22.53 48.60
N LYS C 119 22.78 -21.95 49.38
CA LYS C 119 23.16 -21.04 50.46
C LYS C 119 23.94 -21.75 51.56
N THR C 120 23.59 -23.01 51.81
CA THR C 120 24.15 -23.71 52.97
C THR C 120 25.60 -24.12 52.76
N SER C 121 26.06 -24.24 51.52
CA SER C 121 27.39 -24.79 51.25
C SER C 121 28.27 -23.95 50.34
N SER C 122 27.72 -23.06 49.52
CA SER C 122 28.52 -22.36 48.53
C SER C 122 29.40 -21.26 49.13
N TRP C 123 29.04 -20.72 50.28
CA TRP C 123 29.73 -19.57 50.85
C TRP C 123 30.14 -19.88 52.29
N PRO C 124 31.19 -20.68 52.48
CA PRO C 124 31.61 -21.03 53.83
C PRO C 124 32.41 -19.95 54.55
N ASN C 125 33.11 -19.09 53.81
CA ASN C 125 33.98 -18.09 54.41
C ASN C 125 33.33 -16.72 54.54
N HIS C 126 32.12 -16.54 54.05
CA HIS C 126 31.42 -15.26 54.12
C HIS C 126 30.08 -15.45 54.81
N ASP C 127 29.46 -14.34 55.17
CA ASP C 127 28.20 -14.34 55.90
C ASP C 127 27.06 -14.08 54.93
N SER C 128 26.08 -14.99 54.92
CA SER C 128 24.93 -14.89 54.03
C SER C 128 23.63 -14.69 54.80
N ASP C 129 23.70 -14.15 56.01
CA ASP C 129 22.52 -13.95 56.83
C ASP C 129 22.26 -12.49 57.20
N LYS C 130 23.30 -11.65 57.25
CA LYS C 130 23.13 -10.25 57.62
C LYS C 130 22.89 -9.34 56.42
N GLY C 131 22.79 -9.91 55.22
CA GLY C 131 22.57 -9.10 54.03
C GLY C 131 21.11 -8.75 53.81
N VAL C 132 20.53 -8.04 54.77
CA VAL C 132 19.13 -7.62 54.70
C VAL C 132 19.07 -6.11 54.88
N THR C 133 18.04 -5.51 54.31
CA THR C 133 17.88 -4.07 54.32
C THR C 133 16.42 -3.71 54.59
N ALA C 134 16.22 -2.47 55.01
CA ALA C 134 14.87 -1.97 55.26
C ALA C 134 14.20 -1.46 54.00
N ALA C 135 14.95 -1.30 52.92
CA ALA C 135 14.35 -0.93 51.64
C ALA C 135 13.57 -2.06 51.01
N CYS C 136 13.73 -3.30 51.50
CA CYS C 136 12.99 -4.46 51.00
C CYS C 136 12.32 -5.14 52.18
N PRO C 137 11.26 -4.54 52.70
CA PRO C 137 10.64 -5.08 53.91
C PRO C 137 9.66 -6.20 53.61
N HIS C 138 9.76 -7.27 54.40
CA HIS C 138 8.82 -8.39 54.36
C HIS C 138 8.28 -8.59 55.76
N ALA C 139 6.95 -8.57 55.90
CA ALA C 139 6.28 -8.69 57.19
C ALA C 139 6.77 -7.63 58.18
N GLY C 140 7.05 -6.44 57.68
CA GLY C 140 7.51 -5.35 58.52
C GLY C 140 8.90 -5.53 59.09
N ALA C 141 9.73 -6.33 58.43
CA ALA C 141 11.09 -6.59 58.89
C ALA C 141 12.06 -6.48 57.73
N LYS C 142 13.31 -6.20 58.05
CA LYS C 142 14.34 -6.09 57.02
C LYS C 142 14.47 -7.40 56.27
N SER C 143 14.66 -7.31 54.96
CA SER C 143 14.79 -8.50 54.12
C SER C 143 15.57 -8.14 52.86
N PHE C 144 15.55 -9.07 51.91
CA PHE C 144 16.29 -8.93 50.66
C PHE C 144 15.59 -9.74 49.59
N TYR C 145 16.20 -9.79 48.41
CA TYR C 145 15.64 -10.54 47.30
C TYR C 145 15.74 -12.04 47.54
N LYS C 146 14.79 -12.78 46.97
CA LYS C 146 14.79 -14.23 47.12
C LYS C 146 15.83 -14.90 46.23
N ASN C 147 16.20 -14.28 45.11
CA ASN C 147 17.11 -14.88 44.15
C ASN C 147 18.56 -14.42 44.32
N LEU C 148 18.83 -13.51 45.26
CA LEU C 148 20.16 -12.96 45.43
C LEU C 148 20.56 -13.06 46.89
N ILE C 149 21.85 -13.31 47.13
CA ILE C 149 22.42 -13.28 48.47
C ILE C 149 23.37 -12.09 48.57
N TRP C 150 23.22 -11.30 49.61
CA TRP C 150 24.08 -10.15 49.85
C TRP C 150 25.15 -10.58 50.85
N LEU C 151 26.27 -11.08 50.34
CA LEU C 151 27.35 -11.53 51.20
C LEU C 151 28.08 -10.33 51.80
N VAL C 152 28.40 -10.44 53.09
CA VAL C 152 29.11 -9.40 53.81
C VAL C 152 30.26 -10.06 54.57
N LYS C 153 31.03 -9.23 55.28
CA LYS C 153 32.17 -9.74 56.04
C LYS C 153 31.69 -10.68 57.13
N LYS C 154 32.51 -11.68 57.43
CA LYS C 154 32.27 -12.59 58.55
C LYS C 154 33.40 -12.41 59.56
N GLY C 155 33.19 -11.52 60.51
CA GLY C 155 34.15 -11.34 61.58
C GLY C 155 35.44 -10.68 61.16
N ASN C 156 35.35 -9.42 60.75
CA ASN C 156 36.53 -8.59 60.44
C ASN C 156 37.39 -9.23 59.35
N SER C 157 36.74 -9.91 58.41
CA SER C 157 37.47 -10.52 57.30
C SER C 157 36.54 -10.84 56.13
N TYR C 158 36.93 -10.43 54.93
CA TYR C 158 36.22 -10.75 53.69
C TYR C 158 37.25 -11.32 52.72
N PRO C 159 37.52 -12.61 52.81
CA PRO C 159 38.54 -13.21 51.93
C PRO C 159 38.09 -13.21 50.48
N LYS C 160 39.01 -13.55 49.59
CA LYS C 160 38.71 -13.58 48.16
C LYS C 160 37.64 -14.63 47.87
N LEU C 161 36.68 -14.25 47.05
CA LEU C 161 35.54 -15.09 46.69
C LEU C 161 35.77 -15.61 45.28
N ASN C 162 35.74 -16.93 45.13
CA ASN C 162 35.98 -17.60 43.85
C ASN C 162 34.93 -18.68 43.71
N GLN C 163 34.02 -18.52 42.77
CA GLN C 163 32.95 -19.50 42.59
C GLN C 163 32.71 -19.69 41.11
N THR C 164 32.33 -20.91 40.73
CA THR C 164 32.12 -21.24 39.33
C THR C 164 30.87 -22.11 39.17
N TYR C 165 30.22 -21.97 38.03
CA TYR C 165 29.08 -22.80 37.67
C TYR C 165 29.21 -23.26 36.23
N ILE C 166 29.20 -24.57 36.03
CA ILE C 166 29.27 -25.17 34.70
C ILE C 166 27.86 -25.56 34.29
N ASN C 167 27.45 -25.14 33.10
CA ASN C 167 26.10 -25.36 32.61
C ASN C 167 25.94 -26.82 32.21
N ASP C 168 25.50 -27.64 33.17
CA ASP C 168 25.21 -29.04 32.88
C ASP C 168 23.84 -29.21 32.22
N LYS C 169 22.99 -28.20 32.27
CA LYS C 169 21.71 -28.25 31.59
C LYS C 169 21.92 -28.26 30.09
N GLY C 170 20.93 -28.76 29.36
CA GLY C 170 21.00 -28.75 27.92
C GLY C 170 20.57 -27.46 27.28
N LYS C 171 20.25 -26.43 28.08
CA LYS C 171 19.68 -25.21 27.56
C LYS C 171 20.29 -24.02 28.30
N GLU C 172 19.94 -22.82 27.81
CA GLU C 172 20.54 -21.59 28.31
C GLU C 172 20.12 -21.32 29.75
N VAL C 173 20.99 -20.65 30.50
CA VAL C 173 20.75 -20.30 31.88
C VAL C 173 20.90 -18.79 32.05
N LEU C 174 19.86 -18.16 32.56
CA LEU C 174 19.86 -16.75 32.90
C LEU C 174 20.40 -16.60 34.32
N VAL C 175 21.46 -15.81 34.45
CA VAL C 175 22.13 -15.59 35.74
C VAL C 175 22.08 -14.10 36.05
N LEU C 176 21.63 -13.76 37.24
CA LEU C 176 21.45 -12.38 37.68
C LEU C 176 22.31 -12.15 38.91
N TRP C 177 23.08 -11.06 38.91
CA TRP C 177 23.87 -10.69 40.07
C TRP C 177 23.78 -9.18 40.26
N GLY C 178 24.45 -8.69 41.31
CA GLY C 178 24.43 -7.28 41.61
C GLY C 178 25.72 -6.76 42.20
N ILE C 179 25.99 -5.49 41.98
CA ILE C 179 27.16 -4.79 42.53
C ILE C 179 26.66 -3.67 43.42
N HIS C 180 27.17 -3.61 44.64
CA HIS C 180 26.72 -2.68 45.66
C HIS C 180 27.69 -1.53 45.81
N HIS C 181 27.15 -0.31 45.86
CA HIS C 181 27.92 0.92 45.99
C HIS C 181 27.55 1.59 47.29
N PRO C 182 28.39 1.48 48.32
CA PRO C 182 28.09 2.09 49.61
C PRO C 182 28.22 3.60 49.53
N PRO C 183 27.55 4.33 50.44
CA PRO C 183 27.63 5.80 50.38
C PRO C 183 28.96 6.35 50.89
N THR C 184 29.59 5.71 51.87
CA THR C 184 30.79 6.21 52.47
C THR C 184 31.82 5.11 52.61
N ILE C 185 33.07 5.51 52.87
CA ILE C 185 34.15 4.55 53.12
C ILE C 185 33.84 3.73 54.36
N ALA C 186 33.21 4.36 55.36
CA ALA C 186 32.88 3.67 56.60
C ALA C 186 31.94 2.49 56.35
N ALA C 187 30.92 2.70 55.50
CA ALA C 187 30.03 1.59 55.14
C ALA C 187 30.77 0.49 54.39
N GLN C 188 31.71 0.88 53.51
CA GLN C 188 32.50 -0.10 52.79
C GLN C 188 33.31 -0.96 53.74
N GLU C 189 33.94 -0.34 54.74
CA GLU C 189 34.72 -1.09 55.71
C GLU C 189 33.83 -1.93 56.61
N SER C 190 32.64 -1.42 56.94
CA SER C 190 31.75 -2.16 57.84
C SER C 190 31.12 -3.36 57.14
N LEU C 191 30.97 -3.31 55.82
CA LEU C 191 30.35 -4.43 55.12
C LEU C 191 31.40 -5.42 54.60
N TYR C 192 32.49 -4.90 54.04
CA TYR C 192 33.43 -5.74 53.30
C TYR C 192 34.88 -5.63 53.75
N GLN C 193 35.23 -4.69 54.64
CA GLN C 193 36.56 -4.61 55.25
C GLN C 193 37.65 -4.39 54.20
N ASN C 194 37.25 -4.13 52.96
CA ASN C 194 38.22 -3.93 51.87
C ASN C 194 37.87 -2.60 51.21
N ALA C 195 38.69 -1.59 51.47
CA ALA C 195 38.47 -0.28 50.84
C ALA C 195 38.64 -0.37 49.33
N ASP C 196 39.63 -1.11 48.87
CA ASP C 196 39.89 -1.29 47.44
C ASP C 196 39.34 -2.65 47.04
N ALA C 197 38.06 -2.69 46.69
CA ALA C 197 37.38 -3.91 46.30
C ALA C 197 37.17 -3.95 44.80
N TYR C 198 36.97 -5.15 44.28
CA TYR C 198 36.72 -5.34 42.86
C TYR C 198 35.93 -6.63 42.65
N VAL C 199 35.17 -6.67 41.56
CA VAL C 199 34.41 -7.84 41.18
C VAL C 199 34.75 -8.15 39.72
N PHE C 200 34.85 -9.43 39.41
CA PHE C 200 35.05 -9.87 38.03
C PHE C 200 34.06 -10.99 37.73
N VAL C 201 33.30 -10.81 36.65
CA VAL C 201 32.36 -11.82 36.20
C VAL C 201 32.76 -12.24 34.80
N GLY C 202 32.88 -13.56 34.60
CA GLY C 202 33.36 -14.05 33.32
C GLY C 202 32.76 -15.35 32.81
N THR C 203 32.29 -15.32 31.58
CA THR C 203 31.91 -16.50 30.81
C THR C 203 32.79 -16.55 29.57
N SER C 204 32.48 -17.48 28.66
CA SER C 204 33.27 -17.61 27.44
C SER C 204 33.13 -16.38 26.54
N ARG C 205 31.95 -15.77 26.51
CA ARG C 205 31.70 -14.62 25.64
C ARG C 205 31.44 -13.33 26.41
N TYR C 206 31.61 -13.35 27.73
CA TYR C 206 31.33 -12.19 28.57
C TYR C 206 32.47 -12.02 29.56
N SER C 207 32.85 -10.78 29.82
CA SER C 207 33.92 -10.51 30.78
C SER C 207 33.85 -9.08 31.27
N LYS C 208 33.66 -8.87 32.57
CA LYS C 208 33.53 -7.51 33.07
C LYS C 208 34.13 -7.37 34.45
N LYS C 209 34.78 -6.23 34.68
CA LYS C 209 35.33 -5.85 35.97
C LYS C 209 34.53 -4.68 36.53
N PHE C 210 34.09 -4.81 37.77
CA PHE C 210 33.27 -3.82 38.44
C PHE C 210 34.03 -3.26 39.64
N LYS C 211 34.06 -1.98 39.75
CA LYS C 211 34.65 -1.32 40.90
C LYS C 211 33.60 -0.51 41.63
N PRO C 212 33.59 -0.56 42.96
CA PRO C 212 32.63 0.25 43.73
C PRO C 212 32.81 1.73 43.49
N GLU C 213 31.69 2.44 43.45
CA GLU C 213 31.66 3.89 43.31
C GLU C 213 31.10 4.45 44.62
N ILE C 214 31.98 4.84 45.52
CA ILE C 214 31.58 5.23 46.87
C ILE C 214 31.31 6.73 46.91
N ALA C 215 30.04 7.09 47.03
CA ALA C 215 29.63 8.49 47.14
C ALA C 215 28.21 8.51 47.69
N THR C 216 27.82 9.68 48.20
CA THR C 216 26.51 9.85 48.81
C THR C 216 25.51 10.32 47.75
N ARG C 217 24.56 9.47 47.43
CA ARG C 217 23.52 9.78 46.46
C ARG C 217 22.35 10.44 47.15
N PRO C 218 21.46 11.07 46.39
CA PRO C 218 20.18 11.50 46.97
C PRO C 218 19.43 10.31 47.54
N LYS C 219 18.79 10.54 48.68
CA LYS C 219 18.20 9.50 49.51
C LYS C 219 16.83 9.14 48.94
N VAL C 220 16.76 7.98 48.29
CA VAL C 220 15.49 7.41 47.85
C VAL C 220 15.29 6.08 48.56
N ARG C 221 14.08 5.87 49.08
CA ARG C 221 13.75 4.70 49.90
C ARG C 221 14.69 4.59 51.09
N ASP C 222 15.04 5.75 51.68
CA ASP C 222 15.88 5.85 52.87
C ASP C 222 17.25 5.22 52.68
N GLN C 223 17.74 5.16 51.44
CA GLN C 223 19.03 4.56 51.13
C GLN C 223 19.85 5.57 50.33
N GLU C 224 21.14 5.68 50.66
CA GLU C 224 22.06 6.56 49.96
C GLU C 224 23.01 5.80 49.05
N GLY C 225 23.20 4.51 49.27
CA GLY C 225 23.96 3.69 48.36
C GLY C 225 23.11 3.22 47.20
N ARG C 226 23.73 2.42 46.33
CA ARG C 226 23.04 1.95 45.14
C ARG C 226 23.37 0.48 44.91
N MET C 227 22.57 -0.15 44.06
CA MET C 227 22.79 -1.55 43.71
C MET C 227 22.50 -1.72 42.23
N ASN C 228 23.55 -1.87 41.42
CA ASN C 228 23.40 -2.13 40.00
C ASN C 228 23.18 -3.60 39.76
N TYR C 229 22.20 -3.93 38.93
CA TYR C 229 21.79 -5.30 38.67
C TYR C 229 22.20 -5.68 37.26
N TYR C 230 22.92 -6.79 37.13
CA TYR C 230 23.42 -7.27 35.85
C TYR C 230 22.93 -8.68 35.60
N TRP C 231 22.82 -9.03 34.33
CA TRP C 231 22.34 -10.34 33.93
C TRP C 231 23.14 -10.84 32.73
N THR C 232 23.17 -12.16 32.58
CA THR C 232 23.82 -12.77 31.43
C THR C 232 23.18 -14.12 31.13
N LEU C 233 23.42 -14.60 29.92
CA LEU C 233 22.97 -15.91 29.49
C LEU C 233 24.17 -16.81 29.27
N VAL C 234 24.15 -17.98 29.91
CA VAL C 234 25.20 -18.97 29.80
C VAL C 234 24.69 -20.11 28.93
N GLU C 235 25.42 -20.40 27.86
CA GLU C 235 25.06 -21.44 26.91
C GLU C 235 25.41 -22.82 27.47
N PRO C 236 24.84 -23.87 26.89
CA PRO C 236 25.23 -25.23 27.31
C PRO C 236 26.71 -25.46 27.07
N GLY C 237 27.35 -26.12 28.02
CA GLY C 237 28.78 -26.36 27.96
C GLY C 237 29.63 -25.17 28.35
N ASP C 238 29.02 -24.07 28.76
CA ASP C 238 29.72 -22.85 29.13
C ASP C 238 29.68 -22.68 30.65
N LYS C 239 30.68 -21.99 31.19
CA LYS C 239 30.77 -21.79 32.62
C LYS C 239 30.82 -20.31 32.95
N ILE C 240 30.27 -19.97 34.11
CA ILE C 240 30.27 -18.61 34.63
C ILE C 240 31.08 -18.58 35.91
N THR C 241 32.01 -17.63 36.01
CA THR C 241 32.91 -17.51 37.14
C THR C 241 32.72 -16.15 37.80
N PHE C 242 32.56 -16.17 39.12
CA PHE C 242 32.47 -14.98 39.95
C PHE C 242 33.71 -14.89 40.81
N GLU C 243 34.39 -13.75 40.75
CA GLU C 243 35.56 -13.47 41.57
C GLU C 243 35.32 -12.13 42.26
N ALA C 244 35.58 -12.07 43.56
CA ALA C 244 35.16 -10.90 44.31
C ALA C 244 36.10 -10.64 45.48
N THR C 245 36.27 -9.36 45.79
CA THR C 245 36.87 -8.93 47.04
C THR C 245 35.86 -8.19 47.90
N GLY C 246 34.69 -7.90 47.37
CA GLY C 246 33.62 -7.25 48.10
C GLY C 246 32.62 -6.69 47.14
N ASN C 247 31.50 -6.21 47.70
CA ASN C 247 30.47 -5.52 46.95
C ASN C 247 29.80 -6.40 45.90
N LEU C 248 29.74 -7.71 46.13
CA LEU C 248 29.12 -8.62 45.18
C LEU C 248 27.88 -9.24 45.80
N VAL C 249 26.75 -9.09 45.12
CA VAL C 249 25.49 -9.69 45.52
C VAL C 249 25.34 -10.94 44.65
N VAL C 250 25.75 -12.09 45.20
CA VAL C 250 25.89 -13.32 44.42
C VAL C 250 24.52 -13.88 44.05
N PRO C 251 24.43 -14.62 42.95
CA PRO C 251 23.17 -15.30 42.64
C PRO C 251 22.85 -16.39 43.65
N ARG C 252 21.55 -16.62 43.85
CA ARG C 252 21.06 -17.77 44.59
C ARG C 252 20.24 -18.70 43.71
N TYR C 253 19.42 -18.14 42.83
CA TYR C 253 18.60 -18.92 41.91
C TYR C 253 18.83 -18.42 40.50
N ALA C 254 19.13 -19.34 39.58
CA ALA C 254 19.26 -19.04 38.17
C ALA C 254 18.07 -19.66 37.43
N PHE C 255 17.92 -19.29 36.16
CA PHE C 255 16.73 -19.68 35.41
C PHE C 255 17.13 -20.43 34.14
N THR C 256 16.84 -21.73 34.10
CA THR C 256 17.00 -22.51 32.88
C THR C 256 15.85 -22.20 31.94
N MET C 257 16.18 -21.74 30.73
CA MET C 257 15.17 -21.15 29.85
C MET C 257 15.34 -21.59 28.41
N GLU C 258 14.20 -21.69 27.74
CA GLU C 258 14.09 -21.79 26.28
C GLU C 258 13.30 -20.62 25.77
N ARG C 259 13.67 -20.10 24.60
CA ARG C 259 12.97 -18.97 24.03
C ARG C 259 12.34 -19.33 22.68
N ASP C 260 11.38 -18.51 22.28
CA ASP C 260 10.67 -18.63 21.02
C ASP C 260 10.94 -17.40 20.17
N ALA C 261 10.20 -17.28 19.07
CA ALA C 261 10.41 -16.17 18.14
C ALA C 261 10.27 -14.81 18.82
N GLY C 262 9.29 -14.67 19.72
CA GLY C 262 9.15 -13.43 20.45
C GLY C 262 7.71 -12.99 20.65
N SER C 263 7.50 -12.17 21.67
CA SER C 263 6.19 -11.62 21.99
C SER C 263 6.39 -10.31 22.73
N GLY C 264 5.33 -9.83 23.36
CA GLY C 264 5.39 -8.55 24.02
C GLY C 264 4.82 -8.51 25.43
N ILE C 265 4.82 -7.33 26.01
CA ILE C 265 4.25 -7.08 27.33
C ILE C 265 2.92 -6.35 27.13
N ILE C 266 1.89 -6.83 27.82
CA ILE C 266 0.59 -6.16 27.81
C ILE C 266 0.41 -5.49 29.17
N ILE C 267 0.35 -4.16 29.18
CA ILE C 267 0.10 -3.41 30.39
C ILE C 267 -1.38 -3.06 30.43
N SER C 268 -2.14 -3.74 31.28
CA SER C 268 -3.58 -3.56 31.32
C SER C 268 -4.12 -3.97 32.67
N ASP C 269 -5.32 -3.47 32.98
CA ASP C 269 -6.04 -3.85 34.19
C ASP C 269 -7.14 -4.87 33.93
N THR C 270 -7.27 -5.35 32.70
CA THR C 270 -8.24 -6.31 32.17
C THR C 270 -8.03 -7.67 32.85
N PRO C 271 -9.10 -8.35 33.25
CA PRO C 271 -8.95 -9.66 33.89
C PRO C 271 -8.47 -10.73 32.93
N VAL C 272 -7.87 -11.76 33.50
CA VAL C 272 -7.34 -12.89 32.74
C VAL C 272 -8.29 -14.07 32.90
N HIS C 273 -8.64 -14.71 31.78
CA HIS C 273 -9.56 -15.83 31.78
C HIS C 273 -8.97 -16.99 30.99
N ASP C 274 -9.78 -18.04 30.85
CA ASP C 274 -9.38 -19.24 30.11
C ASP C 274 -10.10 -19.29 28.77
N CYS C 275 -9.46 -18.67 27.77
CA CYS C 275 -9.97 -18.64 26.41
C CYS C 275 -8.98 -19.31 25.47
N ASN C 276 -9.24 -19.16 24.18
CA ASN C 276 -8.30 -19.55 23.13
C ASN C 276 -8.45 -18.58 21.99
N THR C 277 -7.56 -17.60 21.92
CA THR C 277 -7.65 -16.52 20.94
C THR C 277 -6.38 -16.49 20.09
N THR C 278 -6.49 -15.80 18.96
CA THR C 278 -5.37 -15.60 18.05
C THR C 278 -4.80 -14.20 18.10
N CYS C 279 -5.61 -13.20 18.45
CA CYS C 279 -5.18 -11.81 18.51
C CYS C 279 -5.53 -11.23 19.87
N GLN C 280 -4.52 -10.70 20.55
CA GLN C 280 -4.71 -10.10 21.87
C GLN C 280 -4.39 -8.62 21.84
N THR C 281 -5.22 -7.83 22.51
CA THR C 281 -5.05 -6.40 22.65
C THR C 281 -5.17 -6.08 24.13
N PRO C 282 -4.57 -4.97 24.58
CA PRO C 282 -4.63 -4.64 26.00
C PRO C 282 -6.04 -4.52 26.56
N GLU C 283 -7.03 -4.21 25.72
CA GLU C 283 -8.40 -4.11 26.18
C GLU C 283 -9.24 -5.33 25.88
N GLY C 284 -8.66 -6.41 25.36
CA GLY C 284 -9.44 -7.61 25.11
C GLY C 284 -8.86 -8.55 24.09
N ALA C 285 -9.70 -9.35 23.46
CA ALA C 285 -9.27 -10.28 22.43
C ALA C 285 -10.11 -10.09 21.17
N ILE C 286 -9.52 -10.42 20.04
CA ILE C 286 -10.11 -10.13 18.74
C ILE C 286 -10.25 -11.43 17.95
N ASN C 287 -11.43 -11.62 17.37
CA ASN C 287 -11.65 -12.75 16.47
C ASN C 287 -11.06 -12.44 15.11
N THR C 288 -9.98 -13.14 14.76
CA THR C 288 -9.26 -12.88 13.50
C THR C 288 -9.92 -13.63 12.35
N SER C 289 -11.14 -13.21 12.02
CA SER C 289 -11.88 -13.74 10.89
C SER C 289 -12.01 -12.74 9.75
N LEU C 290 -11.97 -11.45 10.06
CA LEU C 290 -12.10 -10.32 9.16
C LEU C 290 -10.73 -9.69 8.92
N PRO C 291 -10.51 -9.05 7.77
CA PRO C 291 -9.16 -8.58 7.44
C PRO C 291 -8.73 -7.33 8.16
N PHE C 292 -9.64 -6.52 8.69
CA PHE C 292 -9.30 -5.22 9.26
C PHE C 292 -9.95 -5.07 10.63
N GLN C 293 -9.24 -4.40 11.53
CA GLN C 293 -9.73 -4.13 12.86
C GLN C 293 -9.45 -2.67 13.22
N ASN C 294 -10.23 -2.15 14.16
CA ASN C 294 -10.00 -0.81 14.69
C ASN C 294 -10.13 -0.77 16.21
N VAL C 295 -9.89 -1.89 16.89
CA VAL C 295 -10.05 -1.93 18.35
C VAL C 295 -8.86 -1.27 19.03
N HIS C 296 -7.65 -1.71 18.70
CA HIS C 296 -6.45 -1.17 19.35
C HIS C 296 -5.27 -1.28 18.42
N PRO C 297 -4.36 -0.31 18.42
CA PRO C 297 -3.16 -0.42 17.58
C PRO C 297 -2.22 -1.53 18.01
N ILE C 298 -1.90 -1.59 19.30
CA ILE C 298 -0.91 -2.54 19.81
C ILE C 298 -1.57 -3.88 20.01
N THR C 299 -1.09 -4.90 19.28
CA THR C 299 -1.68 -6.22 19.30
C THR C 299 -0.57 -7.26 19.37
N ILE C 300 -0.92 -8.46 19.82
CA ILE C 300 -0.03 -9.60 19.84
C ILE C 300 -0.71 -10.78 19.14
N GLY C 301 0.01 -11.40 18.22
CA GLY C 301 -0.50 -12.54 17.49
C GLY C 301 -0.85 -12.22 16.06
N LYS C 302 -1.39 -13.23 15.38
CA LYS C 302 -1.88 -13.06 14.02
C LYS C 302 -3.11 -12.17 14.04
N CYS C 303 -2.95 -10.91 13.61
CA CYS C 303 -3.96 -9.91 13.86
C CYS C 303 -4.39 -9.18 12.60
N PRO C 304 -5.64 -8.72 12.53
CA PRO C 304 -6.04 -7.87 11.42
C PRO C 304 -5.33 -6.52 11.48
N LYS C 305 -5.20 -5.90 10.32
CA LYS C 305 -4.49 -4.64 10.22
C LYS C 305 -5.30 -3.51 10.83
N TYR C 306 -4.65 -2.68 11.65
CA TYR C 306 -5.33 -1.58 12.31
C TYR C 306 -5.59 -0.45 11.33
N VAL C 307 -6.82 0.04 11.29
CA VAL C 307 -7.23 1.12 10.41
C VAL C 307 -8.02 2.14 11.21
N LYS C 308 -7.73 3.42 10.98
CA LYS C 308 -8.47 4.51 11.61
C LYS C 308 -9.73 4.77 10.79
N SER C 309 -10.61 3.78 10.78
CA SER C 309 -11.84 3.86 10.02
C SER C 309 -12.99 3.40 10.90
N THR C 310 -14.18 3.91 10.60
CA THR C 310 -15.37 3.62 11.39
C THR C 310 -16.26 2.58 10.74
N LYS C 311 -16.39 2.61 9.41
CA LYS C 311 -17.26 1.70 8.67
C LYS C 311 -16.52 1.16 7.47
N LEU C 312 -16.52 -0.16 7.30
CA LEU C 312 -16.01 -0.82 6.09
C LEU C 312 -16.99 -1.95 5.78
N ARG C 313 -17.99 -1.65 4.94
CA ARG C 313 -19.02 -2.62 4.58
C ARG C 313 -18.94 -2.91 3.09
N LEU C 314 -18.96 -4.19 2.76
CA LEU C 314 -18.89 -4.64 1.37
C LEU C 314 -20.28 -5.02 0.92
N ALA C 315 -20.71 -4.42 -0.19
CA ALA C 315 -22.04 -4.71 -0.74
C ALA C 315 -22.05 -6.09 -1.37
N THR C 316 -23.06 -6.87 -1.04
CA THR C 316 -23.25 -8.20 -1.60
C THR C 316 -24.56 -8.36 -2.37
N GLY C 317 -25.58 -7.60 -2.00
CA GLY C 317 -26.85 -7.64 -2.67
C GLY C 317 -27.07 -6.44 -3.58
N LEU C 318 -28.27 -6.36 -4.13
CA LEU C 318 -28.63 -5.30 -5.07
C LEU C 318 -28.81 -3.98 -4.35
N ARG C 319 -28.83 -2.91 -5.12
CA ARG C 319 -29.32 -1.64 -4.61
C ARG C 319 -30.81 -1.75 -4.31
N ASN C 320 -31.23 -1.24 -3.17
CA ASN C 320 -32.59 -1.37 -2.70
C ASN C 320 -33.42 -0.21 -3.25
N VAL C 321 -34.33 -0.53 -4.18
CA VAL C 321 -35.20 0.48 -4.78
C VAL C 321 -36.65 0.01 -4.67
N PRO C 322 -37.32 0.20 -3.53
CA PRO C 322 -38.73 -0.18 -3.38
C PRO C 322 -39.68 0.94 -3.80
N GLU D 2 -9.84 30.59 -12.21
CA GLU D 2 -11.10 31.25 -12.53
C GLU D 2 -11.41 32.34 -11.51
N LYS D 3 -11.28 33.59 -11.94
CA LYS D 3 -11.47 34.74 -11.06
C LYS D 3 -12.38 35.76 -11.72
N LEU D 4 -13.07 36.53 -10.88
CA LEU D 4 -13.84 37.69 -11.29
C LEU D 4 -13.37 38.91 -10.52
N VAL D 5 -13.18 40.03 -11.22
CA VAL D 5 -12.69 41.26 -10.61
C VAL D 5 -13.62 42.39 -11.01
N GLU D 6 -14.05 43.19 -10.04
CA GLU D 6 -15.02 44.24 -10.26
C GLU D 6 -14.39 45.61 -10.08
N SER D 7 -14.85 46.58 -10.86
CA SER D 7 -14.33 47.93 -10.81
C SER D 7 -15.43 48.90 -11.22
N GLY D 8 -15.21 50.18 -10.93
CA GLY D 8 -16.14 51.23 -11.30
C GLY D 8 -16.96 51.79 -10.16
N GLY D 9 -16.72 51.37 -8.92
CA GLY D 9 -17.46 51.88 -7.79
C GLY D 9 -16.90 53.20 -7.28
N GLY D 10 -17.49 53.68 -6.20
CA GLY D 10 -17.04 54.92 -5.59
C GLY D 10 -18.16 55.83 -5.12
N LEU D 11 -17.88 57.13 -5.09
CA LEU D 11 -18.84 58.13 -4.64
C LEU D 11 -19.74 58.55 -5.78
N VAL D 12 -21.04 58.65 -5.50
CA VAL D 12 -21.99 59.15 -6.48
C VAL D 12 -23.06 59.95 -5.76
N GLN D 13 -23.49 61.04 -6.37
CA GLN D 13 -24.53 61.87 -5.77
C GLN D 13 -25.90 61.22 -5.99
N PRO D 14 -26.83 61.40 -5.06
CA PRO D 14 -28.18 60.84 -5.25
C PRO D 14 -28.85 61.39 -6.49
N GLY D 15 -29.52 60.52 -7.23
CA GLY D 15 -30.12 60.88 -8.51
C GLY D 15 -29.23 60.64 -9.71
N GLY D 16 -27.94 60.37 -9.51
CA GLY D 16 -27.04 60.15 -10.61
C GLY D 16 -27.06 58.72 -11.10
N SER D 17 -26.10 58.42 -11.98
CA SER D 17 -25.97 57.10 -12.59
C SER D 17 -24.55 56.60 -12.41
N LEU D 18 -24.40 55.29 -12.50
CA LEU D 18 -23.07 54.68 -12.33
C LEU D 18 -23.01 53.43 -13.19
N ARG D 19 -21.78 53.00 -13.48
CA ARG D 19 -21.57 51.79 -14.27
C ARG D 19 -20.41 51.00 -13.68
N LEU D 20 -20.64 49.71 -13.44
CA LEU D 20 -19.64 48.81 -12.88
C LEU D 20 -19.32 47.71 -13.87
N SER D 21 -18.06 47.31 -13.88
CA SER D 21 -17.55 46.31 -14.81
C SER D 21 -16.99 45.13 -14.05
N CYS D 22 -17.41 43.93 -14.42
CA CYS D 22 -16.87 42.68 -13.91
C CYS D 22 -16.10 42.00 -15.04
N VAL D 23 -14.83 41.71 -14.80
CA VAL D 23 -13.95 41.08 -15.78
C VAL D 23 -13.53 39.72 -15.25
N GLY D 24 -13.65 38.70 -16.09
CA GLY D 24 -13.36 37.32 -15.71
C GLY D 24 -12.07 36.84 -16.34
N SER D 25 -11.32 36.05 -15.59
CA SER D 25 -10.08 35.46 -16.06
C SER D 25 -10.11 33.96 -15.81
N GLY D 26 -9.66 33.20 -16.81
CA GLY D 26 -9.64 31.75 -16.73
C GLY D 26 -10.80 31.04 -17.40
N PHE D 27 -11.85 31.76 -17.79
CA PHE D 27 -12.98 31.15 -18.47
C PHE D 27 -13.64 32.17 -19.39
N THR D 28 -14.22 31.66 -20.47
CA THR D 28 -14.85 32.53 -21.46
C THR D 28 -16.24 32.92 -21.01
N PHE D 29 -16.61 34.18 -21.27
CA PHE D 29 -17.92 34.67 -20.88
C PHE D 29 -19.03 34.14 -21.76
N SER D 30 -18.70 33.53 -22.91
CA SER D 30 -19.69 32.90 -23.76
C SER D 30 -20.23 31.61 -23.16
N SER D 31 -19.64 31.12 -22.08
CA SER D 31 -20.03 29.84 -21.49
C SER D 31 -20.42 30.00 -20.02
N THR D 32 -20.87 31.18 -19.62
CA THR D 32 -21.27 31.38 -18.23
C THR D 32 -22.31 32.49 -18.15
N TYR D 33 -23.10 32.44 -17.08
CA TYR D 33 -24.07 33.48 -16.76
C TYR D 33 -23.44 34.43 -15.75
N ILE D 34 -24.07 35.59 -15.55
CA ILE D 34 -23.53 36.57 -14.61
C ILE D 34 -24.65 37.09 -13.73
N GLY D 35 -24.45 37.01 -12.42
CA GLY D 35 -25.41 37.55 -11.47
C GLY D 35 -24.83 38.68 -10.65
N TRP D 36 -25.61 39.73 -10.47
CA TRP D 36 -25.20 40.88 -9.67
C TRP D 36 -25.98 40.89 -8.37
N VAL D 37 -25.25 40.98 -7.25
CA VAL D 37 -25.81 40.90 -5.91
C VAL D 37 -25.15 41.96 -5.04
N ARG D 38 -25.88 42.56 -4.10
CA ARG D 38 -25.32 43.59 -3.25
C ARG D 38 -25.55 43.28 -1.78
N GLN D 39 -24.65 43.78 -0.94
CA GLN D 39 -24.76 43.67 0.51
C GLN D 39 -24.73 45.06 1.12
N ALA D 40 -25.78 45.40 1.86
CA ALA D 40 -25.83 46.65 2.60
C ALA D 40 -24.77 46.63 3.70
N PRO D 41 -24.25 47.81 4.10
CA PRO D 41 -23.22 47.79 5.15
C PRO D 41 -23.71 47.19 6.45
N GLY D 42 -24.96 47.44 6.81
CA GLY D 42 -25.62 46.65 7.84
C GLY D 42 -26.81 45.93 7.26
N GLY D 43 -26.71 44.62 7.12
CA GLY D 43 -27.79 43.84 6.53
C GLY D 43 -27.25 42.60 5.87
N GLY D 44 -28.05 42.05 4.95
CA GLY D 44 -27.75 40.81 4.29
C GLY D 44 -27.68 40.96 2.78
N LEU D 45 -27.41 39.84 2.12
CA LEU D 45 -27.26 39.81 0.67
C LEU D 45 -28.60 40.07 0.00
N GLU D 46 -28.57 40.83 -1.09
CA GLU D 46 -29.77 41.16 -1.86
C GLU D 46 -29.48 40.97 -3.34
N TRP D 47 -30.18 40.03 -3.96
CA TRP D 47 -29.97 39.74 -5.37
C TRP D 47 -30.53 40.85 -6.24
N LEU D 48 -29.70 41.39 -7.12
CA LEU D 48 -30.11 42.45 -8.02
C LEU D 48 -30.56 41.94 -9.38
N GLY D 49 -29.75 41.11 -10.02
CA GLY D 49 -30.16 40.66 -11.34
C GLY D 49 -29.29 39.53 -11.84
N SER D 50 -29.68 39.01 -13.00
CA SER D 50 -28.92 37.94 -13.63
C SER D 50 -29.11 37.99 -15.14
N ILE D 51 -28.04 37.66 -15.85
CA ILE D 51 -28.04 37.56 -17.30
C ILE D 51 -27.58 36.15 -17.67
N SER D 52 -28.29 35.55 -18.62
CA SER D 52 -28.15 34.14 -18.97
C SER D 52 -26.86 33.90 -19.77
N VAL D 53 -26.64 32.62 -20.10
CA VAL D 53 -25.43 32.24 -20.82
C VAL D 53 -25.48 32.78 -22.25
N ASN D 54 -26.62 32.62 -22.92
CA ASN D 54 -26.75 33.11 -24.29
C ASN D 54 -26.89 34.62 -24.36
N GLY D 55 -27.21 35.28 -23.24
CA GLY D 55 -27.34 36.72 -23.22
C GLY D 55 -28.67 37.26 -23.66
N ASP D 56 -29.66 36.41 -23.90
CA ASP D 56 -30.97 36.84 -24.39
C ASP D 56 -31.98 37.03 -23.28
N ILE D 57 -31.92 36.23 -22.22
CA ILE D 57 -32.87 36.33 -21.11
C ILE D 57 -32.19 37.01 -19.93
N THR D 58 -32.80 38.08 -19.46
CA THR D 58 -32.28 38.84 -18.32
C THR D 58 -33.39 39.04 -17.31
N ASP D 59 -33.10 38.75 -16.05
CA ASP D 59 -34.11 38.82 -15.00
C ASP D 59 -33.60 39.69 -13.86
N TYR D 60 -34.37 40.69 -13.48
CA TYR D 60 -34.03 41.62 -12.41
C TYR D 60 -35.00 41.48 -11.25
N ALA D 61 -34.57 41.97 -10.09
CA ALA D 61 -35.40 41.96 -8.90
C ALA D 61 -36.35 43.14 -8.90
N GLU D 62 -37.25 43.16 -7.91
CA GLU D 62 -38.23 44.24 -7.81
C GLU D 62 -37.57 45.58 -7.55
N SER D 63 -36.55 45.61 -6.69
CA SER D 63 -35.84 46.84 -6.39
C SER D 63 -34.93 47.29 -7.53
N ALA D 64 -34.73 46.47 -8.55
CA ALA D 64 -33.85 46.79 -9.65
C ALA D 64 -34.55 46.83 -11.00
N GLU D 65 -35.79 46.35 -11.09
CA GLU D 65 -36.52 46.32 -12.35
C GLU D 65 -36.89 47.72 -12.80
N GLY D 66 -36.42 48.11 -14.00
CA GLY D 66 -36.72 49.39 -14.58
C GLY D 66 -35.58 50.40 -14.47
N ARG D 67 -34.69 50.20 -13.50
CA ARG D 67 -33.56 51.10 -13.31
C ARG D 67 -32.24 50.49 -13.74
N PHE D 68 -32.01 49.23 -13.40
CA PHE D 68 -30.68 48.62 -13.52
C PHE D 68 -30.63 47.82 -14.81
N THR D 69 -29.53 47.97 -15.55
CA THR D 69 -29.36 47.26 -16.82
C THR D 69 -28.09 46.41 -16.78
N ILE D 70 -28.21 45.16 -17.22
CA ILE D 70 -27.09 44.23 -17.24
C ILE D 70 -26.76 43.89 -18.69
N SER D 71 -25.48 44.05 -19.05
CA SER D 71 -25.01 43.74 -20.39
C SER D 71 -23.79 42.85 -20.29
N LYS D 72 -23.54 42.09 -21.34
CA LYS D 72 -22.42 41.14 -21.33
C LYS D 72 -21.75 41.13 -22.70
N ASP D 73 -20.47 41.47 -22.73
CA ASP D 73 -19.66 41.38 -23.93
C ASP D 73 -18.77 40.15 -23.82
N ASN D 74 -19.03 39.15 -24.66
CA ASN D 74 -18.31 37.89 -24.62
C ASN D 74 -16.90 38.02 -25.20
N SER D 75 -16.72 38.85 -26.22
CA SER D 75 -15.40 39.01 -26.82
C SER D 75 -14.41 39.62 -25.83
N GLN D 76 -14.86 40.61 -25.06
CA GLN D 76 -14.00 41.26 -24.08
C GLN D 76 -14.00 40.57 -22.73
N ASN D 77 -14.80 39.51 -22.56
CA ASN D 77 -14.94 38.80 -21.29
C ASN D 77 -15.34 39.76 -20.18
N MET D 78 -16.34 40.59 -20.47
CA MET D 78 -16.74 41.64 -19.55
C MET D 78 -18.25 41.65 -19.37
N ALA D 79 -18.68 42.09 -18.20
CA ALA D 79 -20.08 42.32 -17.91
C ALA D 79 -20.23 43.68 -17.25
N TRP D 80 -21.36 44.34 -17.51
CA TRP D 80 -21.58 45.70 -17.04
C TRP D 80 -22.93 45.79 -16.36
N LEU D 81 -22.94 46.40 -15.19
CA LEU D 81 -24.18 46.77 -14.51
C LEU D 81 -24.29 48.28 -14.48
N GLN D 82 -25.37 48.81 -15.02
CA GLN D 82 -25.60 50.24 -15.09
C GLN D 82 -26.76 50.60 -14.17
N MET D 83 -26.49 51.45 -13.19
CA MET D 83 -27.52 51.93 -12.29
C MET D 83 -27.93 53.34 -12.64
N ASN D 84 -29.24 53.57 -12.66
CA ASN D 84 -29.84 54.87 -12.88
C ASN D 84 -30.77 55.18 -11.72
N SER D 85 -30.98 56.47 -11.48
CA SER D 85 -31.79 56.98 -10.37
C SER D 85 -31.31 56.47 -9.03
N LEU D 86 -30.01 56.49 -8.76
CA LEU D 86 -29.47 56.00 -7.52
C LEU D 86 -30.01 56.77 -6.32
N ARG D 87 -30.37 56.04 -5.28
CA ARG D 87 -30.85 56.62 -4.03
C ARG D 87 -29.89 56.30 -2.89
N THR D 88 -30.16 56.88 -1.72
CA THR D 88 -29.30 56.68 -0.56
C THR D 88 -29.39 55.25 -0.03
N GLU D 89 -30.45 54.53 -0.40
CA GLU D 89 -30.60 53.14 0.01
C GLU D 89 -29.65 52.20 -0.74
N ASP D 90 -28.99 52.69 -1.78
CA ASP D 90 -28.15 51.85 -2.63
C ASP D 90 -26.68 51.86 -2.22
N THR D 91 -26.32 52.54 -1.14
CA THR D 91 -24.97 52.51 -0.63
C THR D 91 -24.65 51.11 -0.11
N ALA D 92 -23.79 50.38 -0.79
CA ALA D 92 -23.58 48.97 -0.46
C ALA D 92 -22.24 48.52 -1.04
N ARG D 93 -22.00 47.22 -0.94
CA ARG D 93 -20.88 46.56 -1.62
C ARG D 93 -21.44 45.60 -2.65
N TYR D 94 -21.00 45.75 -3.89
CA TYR D 94 -21.56 45.03 -5.02
C TYR D 94 -20.64 43.89 -5.43
N TYR D 95 -21.27 42.81 -5.92
CA TYR D 95 -20.61 41.56 -6.26
C TYR D 95 -21.13 41.05 -7.59
N CYS D 96 -20.20 40.61 -8.44
CA CYS D 96 -20.53 39.83 -9.62
C CYS D 96 -20.18 38.37 -9.33
N ALA D 97 -21.11 37.47 -9.64
CA ALA D 97 -20.98 36.07 -9.29
C ALA D 97 -21.39 35.20 -10.47
N THR D 98 -20.89 33.97 -10.46
CA THR D 98 -21.24 32.98 -11.47
C THR D 98 -21.00 31.60 -10.89
N GLY D 99 -21.57 30.59 -11.56
CA GLY D 99 -21.40 29.23 -11.11
C GLY D 99 -20.73 28.32 -12.12
N ARG D 100 -19.54 27.85 -11.82
CA ARG D 100 -18.82 26.92 -12.67
C ARG D 100 -18.40 25.71 -11.85
N PHE D 101 -18.74 24.51 -12.33
CA PHE D 101 -18.30 23.26 -11.74
C PHE D 101 -17.66 22.42 -12.82
N PHE D 102 -16.35 22.19 -12.70
CA PHE D 102 -15.62 21.33 -13.63
C PHE D 102 -15.72 21.85 -15.05
N GLY D 103 -15.74 23.17 -15.21
CA GLY D 103 -15.69 23.76 -16.52
C GLY D 103 -17.02 24.00 -17.21
N ILE D 104 -18.14 23.76 -16.53
CA ILE D 104 -19.43 24.04 -17.13
C ILE D 104 -20.26 24.91 -16.20
N VAL D 105 -21.31 25.52 -16.73
CA VAL D 105 -22.11 26.50 -16.00
C VAL D 105 -23.27 25.78 -15.33
N VAL D 106 -23.48 26.09 -14.06
CA VAL D 106 -24.66 25.68 -13.31
C VAL D 106 -25.39 26.95 -12.90
N THR D 107 -26.56 27.19 -13.50
CA THR D 107 -27.27 28.44 -13.29
C THR D 107 -27.85 28.58 -11.89
N TYR D 108 -28.02 27.48 -11.16
CA TYR D 108 -28.57 27.52 -9.81
C TYR D 108 -27.48 27.38 -8.77
N ALA D 109 -26.32 27.97 -9.04
CA ALA D 109 -25.21 27.95 -8.10
C ALA D 109 -24.40 29.23 -8.28
N MET D 110 -23.94 29.77 -7.15
CA MET D 110 -23.14 30.99 -7.11
C MET D 110 -21.91 30.68 -6.27
N ASN D 111 -20.87 30.14 -6.91
CA ASN D 111 -19.66 29.78 -6.18
C ASN D 111 -18.45 30.62 -6.55
N LEU D 112 -18.47 31.27 -7.71
CA LEU D 112 -17.37 32.13 -8.14
C LEU D 112 -17.76 33.57 -7.83
N TRP D 113 -17.14 34.13 -6.80
CA TRP D 113 -17.48 35.46 -6.31
C TRP D 113 -16.30 36.40 -6.50
N GLY D 114 -16.59 37.60 -6.97
CA GLY D 114 -15.59 38.64 -7.01
C GLY D 114 -15.38 39.25 -5.64
N PRO D 115 -14.28 40.01 -5.52
CA PRO D 115 -14.01 40.66 -4.23
C PRO D 115 -15.05 41.69 -3.84
N GLY D 116 -15.76 42.23 -4.82
CA GLY D 116 -16.75 43.25 -4.57
C GLY D 116 -16.16 44.65 -4.58
N VAL D 117 -17.01 45.63 -4.84
CA VAL D 117 -16.60 47.02 -4.90
C VAL D 117 -17.65 47.88 -4.22
N GLU D 118 -17.20 48.93 -3.54
CA GLU D 118 -18.08 49.74 -2.70
C GLU D 118 -18.67 50.89 -3.50
N VAL D 119 -19.97 51.11 -3.34
CA VAL D 119 -20.67 52.24 -3.93
C VAL D 119 -21.34 53.02 -2.82
N VAL D 120 -21.03 54.32 -2.74
CA VAL D 120 -21.55 55.20 -1.69
C VAL D 120 -22.38 56.28 -2.37
N VAL D 121 -23.68 56.30 -2.07
CA VAL D 121 -24.59 57.31 -2.59
C VAL D 121 -24.89 58.31 -1.48
N SER D 122 -24.20 59.46 -1.51
CA SER D 122 -24.36 60.46 -0.47
C SER D 122 -24.44 61.83 -1.10
N SER D 123 -25.30 62.68 -0.53
CA SER D 123 -25.41 64.07 -0.94
C SER D 123 -24.40 64.98 -0.26
N ALA D 124 -23.70 64.50 0.76
CA ALA D 124 -22.73 65.30 1.47
C ALA D 124 -21.35 65.27 0.84
N GLU E 2 8.57 -18.45 -27.79
CA GLU E 2 8.43 -18.25 -29.23
C GLU E 2 9.78 -17.95 -29.86
N LYS E 3 10.31 -18.91 -30.59
CA LYS E 3 11.63 -18.80 -31.21
C LYS E 3 11.57 -19.23 -32.67
N LEU E 4 12.40 -18.61 -33.49
CA LEU E 4 12.64 -19.03 -34.86
C LEU E 4 14.13 -19.33 -35.03
N VAL E 5 14.43 -20.49 -35.59
CA VAL E 5 15.81 -20.93 -35.79
C VAL E 5 16.00 -21.28 -37.26
N GLU E 6 17.09 -20.79 -37.84
CA GLU E 6 17.34 -20.93 -39.27
C GLU E 6 18.52 -21.85 -39.52
N SER E 7 18.45 -22.57 -40.63
CA SER E 7 19.52 -23.49 -41.01
C SER E 7 19.52 -23.62 -42.52
N GLY E 8 20.60 -24.18 -43.05
CA GLY E 8 20.71 -24.47 -44.46
C GLY E 8 21.67 -23.61 -45.25
N GLY E 9 22.45 -22.76 -44.60
CA GLY E 9 23.40 -21.92 -45.28
C GLY E 9 24.74 -22.61 -45.50
N GLY E 10 25.66 -21.86 -46.09
CA GLY E 10 26.99 -22.35 -46.33
C GLY E 10 27.52 -21.85 -47.65
N LEU E 11 28.57 -22.51 -48.13
CA LEU E 11 29.23 -22.11 -49.36
C LEU E 11 28.43 -22.55 -50.58
N VAL E 12 28.23 -21.64 -51.51
CA VAL E 12 27.50 -21.92 -52.75
C VAL E 12 28.29 -21.35 -53.91
N GLN E 13 28.48 -22.17 -54.95
CA GLN E 13 29.10 -21.62 -56.15
C GLN E 13 28.13 -20.68 -56.86
N PRO E 14 28.64 -19.65 -57.52
CA PRO E 14 27.75 -18.72 -58.24
C PRO E 14 26.94 -19.45 -59.29
N GLY E 15 25.68 -19.05 -59.44
CA GLY E 15 24.76 -19.69 -60.33
C GLY E 15 24.09 -20.93 -59.77
N GLY E 16 24.41 -21.29 -58.53
CA GLY E 16 23.87 -22.48 -57.90
C GLY E 16 22.53 -22.22 -57.24
N SER E 17 22.13 -23.18 -56.41
CA SER E 17 20.86 -23.12 -55.70
C SER E 17 21.07 -23.50 -54.24
N LEU E 18 20.16 -23.03 -53.39
CA LEU E 18 20.27 -23.29 -51.96
C LEU E 18 18.88 -23.33 -51.36
N ARG E 19 18.75 -23.99 -50.21
CA ARG E 19 17.48 -24.08 -49.51
C ARG E 19 17.70 -23.78 -48.05
N LEU E 20 16.88 -22.89 -47.50
CA LEU E 20 17.01 -22.43 -46.13
C LEU E 20 15.73 -22.71 -45.38
N SER E 21 15.84 -23.27 -44.17
CA SER E 21 14.70 -23.69 -43.39
C SER E 21 14.64 -22.87 -42.11
N CYS E 22 13.47 -22.30 -41.84
CA CYS E 22 13.17 -21.62 -40.58
C CYS E 22 12.18 -22.47 -39.81
N VAL E 23 12.54 -22.84 -38.58
CA VAL E 23 11.74 -23.69 -37.71
C VAL E 23 11.26 -22.87 -36.54
N GLY E 24 9.98 -22.98 -36.21
CA GLY E 24 9.37 -22.22 -35.14
C GLY E 24 9.04 -23.10 -33.96
N SER E 25 9.29 -22.59 -32.77
CA SER E 25 8.99 -23.28 -31.52
C SER E 25 8.18 -22.36 -30.62
N GLY E 26 7.11 -22.89 -30.04
CA GLY E 26 6.24 -22.13 -29.17
C GLY E 26 4.97 -21.62 -29.81
N PHE E 27 4.82 -21.75 -31.13
CA PHE E 27 3.62 -21.31 -31.81
C PHE E 27 3.46 -22.12 -33.08
N THR E 28 2.24 -22.13 -33.61
CA THR E 28 1.90 -22.89 -34.79
C THR E 28 1.99 -22.00 -36.03
N PHE E 29 2.58 -22.54 -37.10
CA PHE E 29 2.76 -21.78 -38.33
C PHE E 29 1.45 -21.54 -39.06
N SER E 30 0.38 -22.25 -38.70
CA SER E 30 -0.91 -21.99 -39.30
C SER E 30 -1.51 -20.68 -38.85
N SER E 31 -0.91 -20.02 -37.86
CA SER E 31 -1.40 -18.77 -37.31
C SER E 31 -0.38 -17.64 -37.45
N THR E 32 0.55 -17.74 -38.38
CA THR E 32 1.55 -16.71 -38.57
C THR E 32 2.00 -16.64 -40.02
N TYR E 33 2.54 -15.48 -40.39
CA TYR E 33 3.17 -15.25 -41.68
C TYR E 33 4.69 -15.30 -41.52
N ILE E 34 5.38 -15.53 -42.63
CA ILE E 34 6.84 -15.63 -42.56
C ILE E 34 7.46 -14.68 -43.56
N GLY E 35 8.37 -13.84 -43.09
CA GLY E 35 9.10 -12.93 -43.96
C GLY E 35 10.57 -13.26 -43.98
N TRP E 36 11.17 -13.11 -45.14
CA TRP E 36 12.58 -13.40 -45.35
C TRP E 36 13.27 -12.10 -45.73
N VAL E 37 14.31 -11.74 -44.96
CA VAL E 37 15.04 -10.50 -45.13
C VAL E 37 16.53 -10.74 -44.92
N ARG E 38 17.36 -10.13 -45.77
CA ARG E 38 18.80 -10.35 -45.73
C ARG E 38 19.54 -9.06 -45.43
N GLN E 39 20.77 -9.22 -44.93
CA GLN E 39 21.66 -8.10 -44.66
C GLN E 39 23.04 -8.40 -45.22
N ALA E 40 23.51 -7.55 -46.11
CA ALA E 40 24.86 -7.67 -46.66
C ALA E 40 25.89 -7.44 -45.56
N PRO E 41 27.10 -7.99 -45.71
CA PRO E 41 28.11 -7.80 -44.65
C PRO E 41 28.39 -6.35 -44.35
N GLY E 42 28.46 -5.51 -45.38
CA GLY E 42 28.43 -4.08 -45.20
C GLY E 42 27.22 -3.48 -45.88
N GLY E 43 26.25 -3.02 -45.12
CA GLY E 43 25.04 -2.47 -45.69
C GLY E 43 23.88 -2.64 -44.73
N GLY E 44 22.68 -2.44 -45.26
CA GLY E 44 21.47 -2.45 -44.47
C GLY E 44 20.57 -3.63 -44.81
N LEU E 45 19.43 -3.66 -44.11
CA LEU E 45 18.46 -4.72 -44.29
C LEU E 45 17.80 -4.62 -45.65
N GLU E 46 17.51 -5.76 -46.27
CA GLU E 46 16.84 -5.82 -47.56
C GLU E 46 15.76 -6.88 -47.49
N TRP E 47 14.50 -6.46 -47.59
CA TRP E 47 13.39 -7.40 -47.56
C TRP E 47 13.36 -8.21 -48.84
N LEU E 48 13.33 -9.54 -48.70
CA LEU E 48 13.28 -10.45 -49.84
C LEU E 48 11.86 -10.89 -50.15
N GLY E 49 11.13 -11.40 -49.17
CA GLY E 49 9.80 -11.89 -49.49
C GLY E 49 8.98 -12.15 -48.26
N SER E 50 7.73 -12.56 -48.49
CA SER E 50 6.82 -12.87 -47.40
C SER E 50 5.75 -13.82 -47.89
N ILE E 51 5.37 -14.75 -47.02
CA ILE E 51 4.26 -15.68 -47.23
C ILE E 51 3.21 -15.42 -46.16
N SER E 52 1.96 -15.38 -46.59
CA SER E 52 0.83 -14.96 -45.76
C SER E 52 0.47 -16.04 -44.74
N VAL E 53 -0.54 -15.73 -43.92
CA VAL E 53 -0.95 -16.64 -42.86
C VAL E 53 -1.59 -17.89 -43.45
N ASN E 54 -2.49 -17.71 -44.42
CA ASN E 54 -3.16 -18.84 -45.04
C ASN E 54 -2.30 -19.51 -46.10
N GLY E 55 -1.21 -18.87 -46.52
CA GLY E 55 -0.31 -19.46 -47.50
C GLY E 55 -0.72 -19.28 -48.94
N ASP E 56 -1.82 -18.57 -49.20
CA ASP E 56 -2.30 -18.40 -50.56
C ASP E 56 -1.64 -17.23 -51.28
N ILE E 57 -1.24 -16.19 -50.55
CA ILE E 57 -0.64 -15.00 -51.14
C ILE E 57 0.82 -14.94 -50.71
N THR E 58 1.72 -14.90 -51.69
CA THR E 58 3.14 -14.72 -51.43
C THR E 58 3.64 -13.56 -52.28
N ASP E 59 4.45 -12.70 -51.66
CA ASP E 59 4.93 -11.51 -52.33
C ASP E 59 6.44 -11.45 -52.24
N TYR E 60 7.09 -11.02 -53.33
CA TYR E 60 8.54 -10.94 -53.40
C TYR E 60 8.96 -9.54 -53.82
N ALA E 61 10.22 -9.21 -53.54
CA ALA E 61 10.78 -7.93 -53.93
C ALA E 61 11.25 -7.99 -55.38
N GLU E 62 11.66 -6.83 -55.89
CA GLU E 62 12.14 -6.74 -57.27
C GLU E 62 13.39 -7.58 -57.48
N SER E 63 14.30 -7.56 -56.51
CA SER E 63 15.53 -8.34 -56.62
C SER E 63 15.34 -9.81 -56.27
N ALA E 64 14.13 -10.20 -55.85
CA ALA E 64 13.86 -11.58 -55.47
C ALA E 64 12.74 -12.21 -56.29
N GLU E 65 12.12 -11.46 -57.20
CA GLU E 65 11.00 -11.98 -57.99
C GLU E 65 11.57 -12.72 -59.19
N GLY E 66 11.15 -13.98 -59.35
CA GLY E 66 11.60 -14.81 -60.44
C GLY E 66 12.70 -15.78 -60.08
N ARG E 67 13.40 -15.58 -58.97
CA ARG E 67 14.45 -16.48 -58.53
C ARG E 67 14.14 -17.20 -57.23
N PHE E 68 13.42 -16.53 -56.32
CA PHE E 68 13.27 -17.01 -54.96
C PHE E 68 11.87 -17.60 -54.79
N THR E 69 11.78 -18.71 -54.06
CA THR E 69 10.49 -19.33 -53.78
C THR E 69 10.32 -19.50 -52.28
N ILE E 70 9.19 -19.02 -51.75
CA ILE E 70 8.90 -19.15 -50.33
C ILE E 70 7.72 -20.09 -50.15
N SER E 71 7.89 -21.09 -49.29
CA SER E 71 6.83 -22.04 -49.02
C SER E 71 6.75 -22.28 -47.51
N LYS E 72 5.57 -22.70 -47.06
CA LYS E 72 5.32 -22.90 -45.64
C LYS E 72 4.60 -24.23 -45.42
N ASP E 73 5.11 -25.04 -44.50
CA ASP E 73 4.48 -26.28 -44.09
C ASP E 73 4.03 -26.12 -42.65
N ASN E 74 2.71 -26.15 -42.44
CA ASN E 74 2.15 -25.94 -41.11
C ASN E 74 2.30 -27.17 -40.23
N SER E 75 2.20 -28.37 -40.81
CA SER E 75 2.30 -29.60 -40.04
C SER E 75 3.65 -29.77 -39.37
N GLN E 76 4.73 -29.44 -40.05
CA GLN E 76 6.06 -29.50 -39.49
C GLN E 76 6.50 -28.18 -38.86
N ASN E 77 5.67 -27.14 -38.96
CA ASN E 77 6.01 -25.80 -38.49
C ASN E 77 7.35 -25.34 -39.07
N MET E 78 7.42 -25.30 -40.40
CA MET E 78 8.67 -24.93 -41.03
C MET E 78 8.38 -24.08 -42.26
N ALA E 79 9.34 -23.23 -42.61
CA ALA E 79 9.23 -22.37 -43.79
C ALA E 79 10.52 -22.46 -44.59
N TRP E 80 10.39 -22.64 -45.89
CA TRP E 80 11.52 -22.84 -46.78
C TRP E 80 11.67 -21.66 -47.73
N LEU E 81 12.90 -21.17 -47.83
CA LEU E 81 13.29 -20.20 -48.85
C LEU E 81 14.24 -20.91 -49.82
N GLN E 82 13.84 -20.99 -51.08
CA GLN E 82 14.62 -21.64 -52.12
C GLN E 82 15.23 -20.57 -53.01
N MET E 83 16.56 -20.56 -53.09
CA MET E 83 17.32 -19.64 -53.92
C MET E 83 17.78 -20.38 -55.17
N ASN E 84 17.57 -19.78 -56.33
CA ASN E 84 18.06 -20.29 -57.60
C ASN E 84 18.83 -19.20 -58.33
N SER E 85 19.88 -19.61 -59.05
CA SER E 85 20.72 -18.69 -59.82
C SER E 85 21.32 -17.62 -58.92
N LEU E 86 22.01 -18.03 -57.87
CA LEU E 86 22.64 -17.10 -56.97
C LEU E 86 23.81 -16.40 -57.63
N ARG E 87 23.93 -15.09 -57.37
CA ARG E 87 25.07 -14.30 -57.80
C ARG E 87 25.96 -13.99 -56.60
N THR E 88 27.05 -13.27 -56.85
CA THR E 88 27.98 -12.90 -55.80
C THR E 88 27.47 -11.76 -54.94
N GLU E 89 26.39 -11.09 -55.36
CA GLU E 89 25.78 -10.02 -54.59
C GLU E 89 24.84 -10.54 -53.52
N ASP E 90 24.63 -11.85 -53.44
CA ASP E 90 23.70 -12.46 -52.51
C ASP E 90 24.39 -12.96 -51.24
N THR E 91 25.69 -12.70 -51.12
CA THR E 91 26.44 -13.08 -49.93
C THR E 91 25.97 -12.20 -48.77
N ALA E 92 25.25 -12.80 -47.82
CA ALA E 92 24.61 -12.01 -46.79
C ALA E 92 24.22 -12.91 -45.63
N ARG E 93 23.79 -12.29 -44.54
CA ARG E 93 23.18 -12.99 -43.43
C ARG E 93 21.67 -12.91 -43.59
N TYR E 94 21.02 -14.06 -43.63
CA TYR E 94 19.59 -14.15 -43.91
C TYR E 94 18.82 -14.37 -42.62
N TYR E 95 17.58 -13.87 -42.60
CA TYR E 95 16.73 -13.85 -41.42
C TYR E 95 15.31 -14.22 -41.81
N CYS E 96 14.68 -15.06 -40.97
CA CYS E 96 13.24 -15.24 -41.02
C CYS E 96 12.60 -14.49 -39.85
N ALA E 97 11.53 -13.77 -40.14
CA ALA E 97 10.90 -12.88 -39.18
C ALA E 97 9.39 -13.06 -39.24
N THR E 98 8.75 -12.67 -38.14
CA THR E 98 7.29 -12.69 -38.04
C THR E 98 6.87 -11.72 -36.96
N GLY E 99 5.59 -11.34 -36.97
CA GLY E 99 5.04 -10.45 -35.98
C GLY E 99 3.97 -11.15 -35.16
N ARG E 100 4.19 -11.22 -33.85
CA ARG E 100 3.23 -11.89 -32.93
C ARG E 100 3.09 -11.07 -31.65
N PHE E 101 1.91 -10.51 -31.39
CA PHE E 101 1.62 -9.70 -30.21
C PHE E 101 0.51 -10.38 -29.43
N PHE E 102 0.83 -10.87 -28.24
CA PHE E 102 -0.13 -11.52 -27.36
C PHE E 102 -0.83 -12.70 -28.06
N GLY E 103 -0.06 -13.47 -28.82
CA GLY E 103 -0.58 -14.71 -29.36
C GLY E 103 -1.33 -14.61 -30.67
N ILE E 104 -1.33 -13.45 -31.33
CA ILE E 104 -1.99 -13.28 -32.62
C ILE E 104 -1.01 -12.62 -33.58
N VAL E 105 -1.29 -12.77 -34.87
CA VAL E 105 -0.39 -12.33 -35.94
C VAL E 105 -0.70 -10.89 -36.30
N VAL E 106 0.35 -10.08 -36.41
CA VAL E 106 0.27 -8.73 -36.96
C VAL E 106 1.18 -8.69 -38.18
N THR E 107 0.59 -8.49 -39.35
CA THR E 107 1.33 -8.56 -40.60
C THR E 107 2.29 -7.39 -40.80
N TYR E 108 1.94 -6.20 -40.34
CA TYR E 108 2.77 -5.02 -40.53
C TYR E 108 3.77 -4.82 -39.41
N ALA E 109 4.14 -5.88 -38.69
CA ALA E 109 5.16 -5.82 -37.66
C ALA E 109 6.09 -7.01 -37.80
N MET E 110 7.36 -6.79 -37.50
CA MET E 110 8.38 -7.84 -37.54
C MET E 110 9.17 -7.76 -36.24
N ASN E 111 8.70 -8.47 -35.21
CA ASN E 111 9.34 -8.42 -33.91
C ASN E 111 9.96 -9.74 -33.47
N LEU E 112 9.60 -10.86 -34.09
CA LEU E 112 10.24 -12.14 -33.82
C LEU E 112 11.28 -12.38 -34.90
N TRP E 113 12.54 -12.52 -34.51
CA TRP E 113 13.65 -12.63 -35.45
C TRP E 113 14.47 -13.86 -35.13
N GLY E 114 14.91 -14.56 -36.18
CA GLY E 114 15.84 -15.64 -36.02
C GLY E 114 17.25 -15.13 -35.87
N PRO E 115 18.16 -15.98 -35.38
CA PRO E 115 19.56 -15.57 -35.27
C PRO E 115 20.20 -15.24 -36.61
N GLY E 116 19.65 -15.77 -37.69
CA GLY E 116 20.21 -15.56 -39.02
C GLY E 116 21.22 -16.64 -39.39
N VAL E 117 21.36 -16.84 -40.69
CA VAL E 117 22.29 -17.84 -41.22
C VAL E 117 23.14 -17.18 -42.30
N GLU E 118 24.43 -17.47 -42.29
CA GLU E 118 25.38 -16.87 -43.23
C GLU E 118 25.35 -17.63 -44.54
N VAL E 119 25.23 -16.90 -45.65
CA VAL E 119 25.27 -17.47 -46.99
C VAL E 119 26.37 -16.75 -47.76
N VAL E 120 27.37 -17.50 -48.20
CA VAL E 120 28.49 -16.96 -48.97
C VAL E 120 28.49 -17.57 -50.35
N VAL E 121 28.50 -16.71 -51.36
CA VAL E 121 28.48 -17.14 -52.75
C VAL E 121 29.74 -16.65 -53.43
N SER E 122 30.76 -17.49 -53.48
CA SER E 122 32.05 -17.14 -54.06
C SER E 122 32.50 -18.24 -55.01
N SER E 123 33.18 -17.83 -56.07
CA SER E 123 33.72 -18.78 -57.04
C SER E 123 35.10 -19.29 -56.65
N ALA E 124 35.72 -18.73 -55.61
CA ALA E 124 37.03 -19.16 -55.18
C ALA E 124 36.92 -20.26 -54.12
N VAL F 3 13.19 4.44 -50.26
CA VAL F 3 13.11 4.91 -48.89
C VAL F 3 14.41 5.60 -48.49
N ILE F 4 14.30 6.76 -47.86
CA ILE F 4 15.44 7.65 -47.64
C ILE F 4 15.57 7.94 -46.15
N GLN F 5 16.80 7.79 -45.64
CA GLN F 5 17.15 8.18 -44.28
C GLN F 5 18.45 8.98 -44.30
N GLU F 6 18.68 9.73 -43.23
CA GLU F 6 19.94 10.44 -43.09
C GLU F 6 21.05 9.49 -42.66
N PRO F 7 22.22 9.43 -43.34
CA PRO F 7 23.26 8.42 -43.05
C PRO F 7 23.69 8.41 -41.59
N ALA F 8 23.81 9.57 -40.96
CA ALA F 8 24.35 9.58 -39.61
C ALA F 8 23.79 10.75 -38.82
N MET F 9 23.65 10.55 -37.52
CA MET F 9 23.25 11.58 -36.58
C MET F 9 24.09 11.43 -35.30
N SER F 10 24.12 12.50 -34.51
CA SER F 10 24.86 12.50 -33.26
C SER F 10 23.97 13.04 -32.16
N VAL F 11 24.14 12.48 -30.96
CA VAL F 11 23.35 12.88 -29.79
C VAL F 11 24.30 13.08 -28.62
N SER F 12 23.95 14.01 -27.74
CA SER F 12 24.63 14.12 -26.47
C SER F 12 23.86 13.32 -25.43
N PRO F 13 24.56 12.72 -24.46
CA PRO F 13 23.86 11.93 -23.44
C PRO F 13 22.83 12.75 -22.70
N GLY F 14 21.65 12.15 -22.51
CA GLY F 14 20.55 12.87 -21.92
C GLY F 14 19.84 13.83 -22.84
N GLY F 15 20.15 13.80 -24.13
CA GLY F 15 19.56 14.73 -25.08
C GLY F 15 18.41 14.13 -25.85
N THR F 16 17.85 14.95 -26.74
CA THR F 16 16.71 14.57 -27.57
C THR F 16 17.09 14.64 -29.04
N VAL F 17 16.74 13.58 -29.78
CA VAL F 17 17.05 13.48 -31.20
C VAL F 17 15.81 13.00 -31.93
N THR F 18 15.70 13.38 -33.20
CA THR F 18 14.63 12.91 -34.07
C THR F 18 15.24 12.40 -35.37
N LEU F 19 14.86 11.19 -35.76
CA LEU F 19 15.31 10.56 -36.99
C LEU F 19 14.17 10.56 -37.98
N THR F 20 14.47 10.82 -39.25
CA THR F 20 13.45 11.01 -40.26
C THR F 20 13.52 9.94 -41.34
N CYS F 21 12.36 9.39 -41.68
CA CYS F 21 12.21 8.43 -42.75
C CYS F 21 11.16 8.93 -43.73
N ALA F 22 11.49 8.92 -45.01
CA ALA F 22 10.61 9.50 -46.00
C ALA F 22 10.77 8.76 -47.32
N PHE F 23 9.72 8.82 -48.14
CA PHE F 23 9.71 8.19 -49.44
C PHE F 23 10.54 9.01 -50.44
N ARG F 24 10.93 8.36 -51.53
CA ARG F 24 11.67 9.06 -52.57
C ARG F 24 10.74 9.71 -53.59
N SER F 25 9.53 9.20 -53.76
CA SER F 25 8.62 9.74 -54.77
C SER F 25 7.18 9.82 -54.27
N GLY F 26 6.97 10.09 -52.98
CA GLY F 26 5.61 10.16 -52.47
C GLY F 26 5.59 10.65 -51.04
N SER F 27 4.44 10.53 -50.42
CA SER F 27 4.23 10.95 -49.04
C SER F 27 4.04 9.73 -48.15
N VAL F 28 4.45 9.88 -46.89
CA VAL F 28 4.34 8.82 -45.91
C VAL F 28 3.12 9.10 -45.03
N THR F 29 2.26 8.08 -44.90
CA THR F 29 1.03 8.23 -44.13
C THR F 29 0.84 7.00 -43.27
N THR F 30 -0.27 7.01 -42.52
CA THR F 30 -0.56 5.92 -41.59
C THR F 30 -0.74 4.60 -42.33
N SER F 31 -1.33 4.64 -43.52
CA SER F 31 -1.56 3.42 -44.29
C SER F 31 -0.26 2.75 -44.70
N ASN F 32 0.87 3.45 -44.61
CA ASN F 32 2.16 2.85 -44.92
C ASN F 32 2.78 2.13 -43.73
N TYR F 33 2.21 2.29 -42.54
CA TYR F 33 2.69 1.61 -41.33
C TYR F 33 4.20 1.75 -41.12
N PRO F 34 4.69 2.95 -40.81
CA PRO F 34 6.10 3.08 -40.45
C PRO F 34 6.48 2.18 -39.28
N SER F 35 7.64 1.53 -39.41
CA SER F 35 8.20 0.72 -38.36
C SER F 35 9.66 1.10 -38.16
N TRP F 36 10.12 1.04 -36.92
CA TRP F 36 11.46 1.46 -36.57
C TRP F 36 12.19 0.31 -35.89
N PHE F 37 13.45 0.11 -36.29
CA PHE F 37 14.26 -1.01 -35.85
C PHE F 37 15.59 -0.50 -35.32
N GLN F 38 16.04 -1.08 -34.22
CA GLN F 38 17.36 -0.79 -33.65
C GLN F 38 18.21 -2.04 -33.75
N GLN F 39 19.37 -1.92 -34.41
CA GLN F 39 20.25 -3.05 -34.65
C GLN F 39 21.66 -2.71 -34.19
N THR F 40 22.20 -3.54 -33.30
CA THR F 40 23.64 -3.53 -33.04
C THR F 40 24.32 -4.41 -34.08
N PRO F 41 25.61 -4.18 -34.37
CA PRO F 41 26.25 -4.83 -35.52
C PRO F 41 26.20 -6.35 -35.49
N GLY F 42 26.25 -6.96 -34.31
CA GLY F 42 26.32 -8.41 -34.23
C GLY F 42 25.08 -9.11 -33.72
N GLN F 43 23.93 -8.45 -33.79
CA GLN F 43 22.68 -8.98 -33.25
C GLN F 43 21.56 -8.80 -34.26
N PRO F 44 20.52 -9.63 -34.18
CA PRO F 44 19.36 -9.44 -35.06
C PRO F 44 18.60 -8.19 -34.71
N PRO F 45 17.87 -7.60 -35.66
CA PRO F 45 17.20 -6.33 -35.40
C PRO F 45 16.11 -6.45 -34.35
N ARG F 46 15.83 -5.32 -33.72
CA ARG F 46 14.84 -5.22 -32.65
C ARG F 46 13.80 -4.17 -33.02
N LEU F 47 12.53 -4.53 -32.94
CA LEU F 47 11.46 -3.60 -33.27
C LEU F 47 11.22 -2.64 -32.12
N LEU F 48 11.19 -1.35 -32.43
CA LEU F 48 10.92 -0.31 -31.44
C LEU F 48 9.50 0.25 -31.56
N ILE F 49 9.14 0.75 -32.74
CA ILE F 49 7.84 1.35 -32.98
C ILE F 49 7.23 0.70 -34.20
N TYR F 50 5.94 0.39 -34.12
CA TYR F 50 5.21 -0.21 -35.26
C TYR F 50 3.92 0.56 -35.38
N ASN F 51 3.37 0.68 -36.58
CA ASN F 51 2.10 1.43 -36.80
C ASN F 51 2.28 2.87 -36.31
N THR F 52 3.39 3.52 -36.66
CA THR F 52 3.63 4.96 -36.37
C THR F 52 3.67 5.33 -34.91
N ASN F 53 2.93 4.67 -34.02
CA ASN F 53 2.77 5.07 -32.63
C ASN F 53 3.08 3.93 -31.68
N SER F 54 2.70 2.72 -32.08
CA SER F 54 2.65 1.61 -31.13
C SER F 54 4.05 1.20 -30.71
N ARG F 55 4.20 0.91 -29.43
CA ARG F 55 5.49 0.53 -28.83
C ARG F 55 5.33 -0.82 -28.16
N PRO F 56 5.98 -1.87 -28.65
CA PRO F 56 5.82 -3.19 -28.04
C PRO F 56 6.33 -3.21 -26.60
N THR F 57 5.76 -4.13 -25.83
CA THR F 57 6.18 -4.29 -24.44
C THR F 57 7.66 -4.65 -24.38
N GLY F 58 8.36 -4.05 -23.42
CA GLY F 58 9.78 -4.24 -23.25
C GLY F 58 10.62 -3.13 -23.85
N VAL F 59 10.08 -2.36 -24.78
CA VAL F 59 10.80 -1.22 -25.32
C VAL F 59 10.76 -0.08 -24.33
N PRO F 60 11.88 0.57 -24.03
CA PRO F 60 11.86 1.71 -23.10
C PRO F 60 10.98 2.83 -23.62
N SER F 61 10.37 3.57 -22.68
CA SER F 61 9.40 4.60 -23.02
C SER F 61 10.03 5.81 -23.70
N ARG F 62 11.36 5.91 -23.74
CA ARG F 62 12.01 7.05 -24.35
C ARG F 62 11.93 7.04 -25.87
N PHE F 63 11.47 5.94 -26.47
CA PHE F 63 11.29 5.88 -27.91
C PHE F 63 9.85 6.23 -28.26
N SER F 64 9.68 7.19 -29.15
CA SER F 64 8.35 7.57 -29.61
C SER F 64 8.38 7.72 -31.13
N GLY F 65 7.21 7.60 -31.75
CA GLY F 65 7.10 7.72 -33.19
C GLY F 65 5.91 8.59 -33.56
N ARG F 66 6.01 9.22 -34.74
CA ARG F 66 4.91 10.03 -35.25
C ARG F 66 5.10 10.23 -36.74
N ILE F 67 4.14 10.91 -37.35
CA ILE F 67 4.22 11.29 -38.76
C ILE F 67 4.19 12.81 -38.81
N SER F 68 5.34 13.42 -39.06
CA SER F 68 5.48 14.87 -39.12
C SER F 68 5.49 15.28 -40.58
N GLY F 69 4.61 16.20 -40.95
CA GLY F 69 4.50 16.65 -42.32
C GLY F 69 4.22 15.50 -43.27
N ASN F 70 5.21 15.13 -44.07
CA ASN F 70 5.09 14.02 -45.01
C ASN F 70 6.18 12.99 -44.77
N LYS F 71 6.57 12.77 -43.52
CA LYS F 71 7.67 11.86 -43.22
C LYS F 71 7.54 11.35 -41.79
N ALA F 72 7.89 10.09 -41.59
CA ALA F 72 7.84 9.50 -40.26
C ALA F 72 9.04 9.94 -39.44
N ALA F 73 8.82 10.14 -38.15
CA ALA F 73 9.85 10.60 -37.24
C ALA F 73 9.90 9.71 -36.00
N LEU F 74 11.10 9.28 -35.66
CA LEU F 74 11.36 8.52 -34.44
C LEU F 74 12.15 9.40 -33.49
N THR F 75 11.58 9.70 -32.34
CA THR F 75 12.21 10.59 -31.37
C THR F 75 12.72 9.80 -30.18
N ILE F 76 13.98 10.02 -29.85
CA ILE F 76 14.62 9.48 -28.65
C ILE F 76 14.82 10.64 -27.69
N THR F 77 14.18 10.57 -26.53
CA THR F 77 14.30 11.60 -25.50
C THR F 77 15.11 11.05 -24.33
N GLY F 78 16.21 11.71 -24.01
CA GLY F 78 17.10 11.22 -22.99
C GLY F 78 17.93 10.05 -23.48
N ALA F 79 18.72 10.27 -24.52
CA ALA F 79 19.50 9.21 -25.13
C ALA F 79 20.56 8.74 -24.14
N GLN F 80 20.56 7.45 -23.85
CA GLN F 80 21.53 6.84 -22.95
C GLN F 80 22.65 6.18 -23.75
N THR F 81 23.64 5.66 -23.02
CA THR F 81 24.80 5.07 -23.67
C THR F 81 24.45 3.80 -24.42
N GLU F 82 23.34 3.16 -24.07
CA GLU F 82 22.94 1.92 -24.72
C GLU F 82 22.12 2.16 -25.99
N ASP F 83 21.89 3.42 -26.35
CA ASP F 83 21.06 3.77 -27.53
C ASP F 83 21.96 4.08 -28.71
N GLU F 84 23.19 3.58 -28.69
CA GLU F 84 24.13 3.78 -29.79
C GLU F 84 24.07 2.54 -30.69
N ALA F 85 23.33 2.66 -31.79
CA ALA F 85 23.18 1.56 -32.72
C ALA F 85 22.66 2.09 -34.04
N ASP F 86 22.49 1.18 -35.00
CA ASP F 86 21.92 1.53 -36.29
C ASP F 86 20.40 1.55 -36.18
N TYR F 87 19.76 2.47 -36.89
CA TYR F 87 18.32 2.63 -36.86
C TYR F 87 17.77 2.53 -38.28
N PHE F 88 16.85 1.60 -38.49
CA PHE F 88 16.22 1.37 -39.78
C PHE F 88 14.75 1.72 -39.72
N CYS F 89 14.21 2.11 -40.87
CA CYS F 89 12.79 2.38 -41.02
C CYS F 89 12.22 1.49 -42.12
N ALA F 90 11.03 0.98 -41.89
CA ALA F 90 10.34 0.11 -42.82
C ALA F 90 8.97 0.70 -43.15
N LEU F 91 8.66 0.75 -44.43
CA LEU F 91 7.39 1.30 -44.90
C LEU F 91 6.69 0.30 -45.79
N TYR F 92 5.37 0.24 -45.68
CA TYR F 92 4.55 -0.78 -46.32
C TYR F 92 3.73 -0.17 -47.44
N LYS F 93 3.73 -0.82 -48.60
CA LYS F 93 2.80 -0.46 -49.66
C LYS F 93 1.49 -1.23 -49.50
N THR F 94 1.58 -2.55 -49.47
CA THR F 94 0.45 -3.42 -49.17
C THR F 94 0.69 -4.06 -47.81
N ALA F 95 -0.16 -5.03 -47.46
CA ALA F 95 -0.06 -5.67 -46.15
C ALA F 95 1.27 -6.39 -45.99
N LEU F 96 1.72 -7.10 -47.02
CA LEU F 96 2.93 -7.90 -46.94
C LEU F 96 4.15 -7.24 -47.56
N ASN F 97 3.96 -6.31 -48.48
CA ASN F 97 5.09 -5.68 -49.16
C ASN F 97 5.73 -4.64 -48.25
N VAL F 98 7.03 -4.80 -48.00
CA VAL F 98 7.77 -3.94 -47.10
C VAL F 98 8.94 -3.34 -47.88
N ARG F 99 9.45 -2.20 -47.41
CA ARG F 99 10.67 -1.63 -47.95
C ARG F 99 11.44 -1.03 -46.80
N PHE F 100 12.70 -1.46 -46.65
CA PHE F 100 13.58 -0.91 -45.64
C PHE F 100 14.33 0.29 -46.22
N GLY F 101 14.81 1.15 -45.32
CA GLY F 101 15.65 2.24 -45.72
C GLY F 101 17.08 2.05 -45.28
N GLY F 102 18.03 2.72 -45.93
CA GLY F 102 19.39 2.68 -45.46
C GLY F 102 19.51 3.22 -44.05
N GLY F 103 20.19 2.44 -43.20
CA GLY F 103 20.18 2.73 -41.79
C GLY F 103 20.85 4.04 -41.44
N THR F 104 20.42 4.60 -40.32
CA THR F 104 21.04 5.78 -39.73
C THR F 104 21.86 5.36 -38.51
N HIS F 105 23.12 5.77 -38.51
CA HIS F 105 24.06 5.41 -37.46
C HIS F 105 24.05 6.51 -36.41
N LEU F 106 23.46 6.21 -35.26
CA LEU F 106 23.36 7.17 -34.17
C LEU F 106 24.55 7.03 -33.25
N THR F 107 25.21 8.14 -32.94
CA THR F 107 26.37 8.17 -32.08
C THR F 107 26.05 8.93 -30.80
N VAL F 108 26.37 8.34 -29.66
CA VAL F 108 26.20 8.97 -28.37
C VAL F 108 27.55 9.52 -27.94
N LEU F 109 27.62 10.82 -27.71
CA LEU F 109 28.88 11.49 -27.41
C LEU F 109 29.13 11.54 -25.90
N VAL G 3 -38.41 34.95 2.04
CA VAL G 3 -37.50 33.96 2.61
C VAL G 3 -37.20 34.32 4.06
N ILE G 4 -37.41 33.36 4.96
CA ILE G 4 -37.31 33.59 6.40
C ILE G 4 -36.25 32.67 6.99
N GLN G 5 -35.35 33.26 7.77
CA GLN G 5 -34.37 32.53 8.55
C GLN G 5 -34.39 33.01 9.99
N GLU G 6 -33.90 32.17 10.89
CA GLU G 6 -33.81 32.56 12.29
C GLU G 6 -32.65 33.53 12.46
N PRO G 7 -32.86 34.68 13.12
CA PRO G 7 -31.80 35.68 13.22
C PRO G 7 -30.52 35.20 13.89
N ALA G 8 -30.59 34.29 14.84
CA ALA G 8 -29.39 33.85 15.53
C ALA G 8 -29.57 32.45 16.10
N MET G 9 -28.47 31.72 16.18
CA MET G 9 -28.41 30.42 16.84
C MET G 9 -27.06 30.28 17.52
N SER G 10 -27.02 29.50 18.59
CA SER G 10 -25.78 29.23 19.29
C SER G 10 -25.45 27.75 19.23
N VAL G 11 -24.15 27.45 19.21
CA VAL G 11 -23.66 26.08 19.17
C VAL G 11 -22.53 25.93 20.18
N SER G 12 -22.30 24.72 20.59
CA SER G 12 -21.12 24.40 21.38
C SER G 12 -20.10 23.68 20.52
N PRO G 13 -18.80 23.85 20.80
CA PRO G 13 -17.79 23.19 19.99
C PRO G 13 -17.96 21.68 20.01
N GLY G 14 -18.03 21.09 18.81
CA GLY G 14 -18.30 19.68 18.67
C GLY G 14 -19.76 19.30 18.68
N GLY G 15 -20.67 20.28 18.65
CA GLY G 15 -22.09 20.00 18.70
C GLY G 15 -22.71 19.82 17.33
N THR G 16 -24.03 19.72 17.32
CA THR G 16 -24.81 19.54 16.11
C THR G 16 -25.92 20.58 16.07
N VAL G 17 -26.03 21.28 14.95
CA VAL G 17 -27.02 22.34 14.78
C VAL G 17 -27.72 22.14 13.43
N THR G 18 -28.93 22.66 13.33
CA THR G 18 -29.72 22.59 12.10
C THR G 18 -30.36 23.96 11.85
N LEU G 19 -29.86 24.67 10.85
CA LEU G 19 -30.42 25.94 10.41
C LEU G 19 -31.58 25.69 9.46
N THR G 20 -32.61 26.53 9.55
CA THR G 20 -33.83 26.33 8.79
C THR G 20 -34.13 27.55 7.92
N CYS G 21 -34.51 27.28 6.67
CA CYS G 21 -34.87 28.31 5.71
C CYS G 21 -36.20 27.95 5.07
N ALA G 22 -37.15 28.88 5.09
CA ALA G 22 -38.48 28.61 4.60
C ALA G 22 -39.06 29.83 3.90
N PHE G 23 -40.03 29.58 3.02
CA PHE G 23 -40.77 30.66 2.39
C PHE G 23 -41.72 31.31 3.40
N ARG G 24 -42.28 32.45 3.00
CA ARG G 24 -43.30 33.12 3.77
C ARG G 24 -44.71 32.88 3.24
N SER G 25 -44.84 32.42 2.00
CA SER G 25 -46.16 32.17 1.42
C SER G 25 -46.23 30.89 0.62
N GLY G 26 -45.43 29.87 0.95
CA GLY G 26 -45.45 28.64 0.20
C GLY G 26 -44.53 27.61 0.82
N SER G 27 -44.40 26.49 0.12
CA SER G 27 -43.57 25.38 0.55
C SER G 27 -42.28 25.33 -0.27
N VAL G 28 -41.23 24.83 0.36
CA VAL G 28 -39.92 24.72 -0.28
C VAL G 28 -39.74 23.30 -0.78
N THR G 29 -39.42 23.16 -2.07
CA THR G 29 -39.22 21.86 -2.69
C THR G 29 -37.88 21.85 -3.40
N THR G 30 -37.60 20.73 -4.07
CA THR G 30 -36.37 20.55 -4.81
C THR G 30 -36.28 21.54 -5.97
N SER G 31 -37.42 21.85 -6.59
CA SER G 31 -37.45 22.76 -7.73
C SER G 31 -36.98 24.16 -7.37
N ASN G 32 -36.96 24.52 -6.08
CA ASN G 32 -36.49 25.83 -5.69
C ASN G 32 -34.99 25.91 -5.48
N TYR G 33 -34.29 24.78 -5.55
CA TYR G 33 -32.83 24.69 -5.42
C TYR G 33 -32.30 25.53 -4.24
N PRO G 34 -32.57 25.12 -3.00
CA PRO G 34 -31.96 25.81 -1.86
C PRO G 34 -30.45 25.84 -1.92
N SER G 35 -29.86 26.98 -1.60
CA SER G 35 -28.42 27.14 -1.55
C SER G 35 -28.04 27.81 -0.24
N TRP G 36 -26.88 27.44 0.28
CA TRP G 36 -26.42 27.93 1.56
C TRP G 36 -25.06 28.57 1.42
N PHE G 37 -24.89 29.73 2.06
CA PHE G 37 -23.70 30.53 1.93
C PHE G 37 -23.15 30.86 3.31
N GLN G 38 -21.84 30.75 3.46
CA GLN G 38 -21.14 31.12 4.69
C GLN G 38 -20.29 32.36 4.42
N GLN G 39 -20.57 33.43 5.15
CA GLN G 39 -19.90 34.71 4.96
C GLN G 39 -19.29 35.16 6.27
N THR G 40 -17.99 35.39 6.26
CA THR G 40 -17.34 36.15 7.32
C THR G 40 -17.48 37.65 7.02
N PRO G 41 -17.45 38.51 8.03
CA PRO G 41 -17.82 39.92 7.81
C PRO G 41 -17.02 40.62 6.72
N GLY G 42 -15.73 40.33 6.57
CA GLY G 42 -14.90 41.01 5.61
C GLY G 42 -14.54 40.27 4.33
N GLN G 43 -15.24 39.20 4.01
CA GLN G 43 -14.90 38.37 2.86
C GLN G 43 -16.15 38.08 2.04
N PRO G 44 -15.99 37.79 0.74
CA PRO G 44 -17.14 37.41 -0.08
C PRO G 44 -17.70 36.07 0.35
N PRO G 45 -18.98 35.82 0.08
CA PRO G 45 -19.61 34.59 0.56
C PRO G 45 -18.98 33.35 -0.04
N ARG G 46 -19.36 32.18 0.73
CA ARG G 46 -18.84 30.86 0.33
C ARG G 46 -20.01 29.91 0.14
N LEU G 47 -20.00 29.22 -1.10
CA LEU G 47 -21.08 28.28 -1.35
C LEU G 47 -20.81 26.98 -0.58
N LEU G 48 -21.76 26.58 0.26
CA LEU G 48 -21.66 25.34 1.01
C LEU G 48 -22.49 24.22 0.39
N ILE G 49 -23.79 24.45 0.22
CA ILE G 49 -24.72 23.46 -0.31
C ILE G 49 -25.51 24.10 -1.43
N TYR G 50 -25.70 23.35 -2.51
CA TYR G 50 -26.57 23.78 -3.64
C TYR G 50 -27.38 22.54 -4.02
N ASN G 51 -28.50 22.70 -4.71
CA ASN G 51 -29.39 21.56 -5.08
C ASN G 51 -29.72 20.76 -3.83
N THR G 52 -30.01 21.42 -2.71
CA THR G 52 -30.45 20.78 -1.45
C THR G 52 -29.47 19.80 -0.86
N ASN G 53 -28.63 19.12 -1.63
CA ASN G 53 -27.79 18.03 -1.15
C ASN G 53 -26.34 18.17 -1.56
N SER G 54 -26.09 18.90 -2.65
CA SER G 54 -24.79 18.87 -3.30
C SER G 54 -23.80 19.75 -2.56
N ARG G 55 -22.63 19.19 -2.28
CA ARG G 55 -21.57 19.91 -1.58
C ARG G 55 -20.37 20.06 -2.50
N PRO G 56 -19.99 21.27 -2.90
CA PRO G 56 -18.87 21.44 -3.81
C PRO G 56 -17.56 20.94 -3.22
N THR G 57 -16.64 20.58 -4.11
CA THR G 57 -15.32 20.14 -3.68
C THR G 57 -14.63 21.24 -2.88
N GLY G 58 -13.92 20.84 -1.83
CA GLY G 58 -13.26 21.77 -0.95
C GLY G 58 -14.06 22.22 0.24
N VAL G 59 -15.35 21.89 0.29
CA VAL G 59 -16.21 22.22 1.42
C VAL G 59 -16.15 21.05 2.40
N PRO G 60 -15.88 21.29 3.69
CA PRO G 60 -15.77 20.20 4.64
C PRO G 60 -17.05 19.40 4.76
N SER G 61 -16.90 18.10 5.04
CA SER G 61 -18.00 17.15 4.99
C SER G 61 -19.01 17.33 6.12
N ARG G 62 -18.70 18.14 7.13
CA ARG G 62 -19.63 18.30 8.25
C ARG G 62 -20.88 19.07 7.86
N PHE G 63 -20.88 19.74 6.71
CA PHE G 63 -22.05 20.46 6.24
C PHE G 63 -22.93 19.53 5.42
N SER G 64 -24.21 19.44 5.77
CA SER G 64 -25.15 18.63 5.03
C SER G 64 -26.42 19.43 4.82
N GLY G 65 -27.18 19.08 3.79
CA GLY G 65 -28.42 19.77 3.52
C GLY G 65 -29.54 18.83 3.18
N ARG G 66 -30.77 19.23 3.45
CA ARG G 66 -31.93 18.41 3.09
C ARG G 66 -33.17 19.28 3.13
N ILE G 67 -34.32 18.66 2.89
CA ILE G 67 -35.62 19.32 2.99
C ILE G 67 -36.43 18.60 4.05
N SER G 68 -36.73 19.30 5.14
CA SER G 68 -37.52 18.76 6.23
C SER G 68 -38.86 19.46 6.23
N GLY G 69 -39.94 18.68 6.22
CA GLY G 69 -41.27 19.28 6.15
C GLY G 69 -41.40 20.11 4.90
N ASN G 70 -41.62 21.41 5.10
CA ASN G 70 -41.70 22.37 4.00
C ASN G 70 -40.61 23.42 4.08
N LYS G 71 -39.42 23.06 4.56
CA LYS G 71 -38.34 24.02 4.71
C LYS G 71 -37.00 23.34 4.52
N ALA G 72 -36.06 24.05 3.89
CA ALA G 72 -34.72 23.53 3.73
C ALA G 72 -33.95 23.62 5.05
N ALA G 73 -33.07 22.65 5.27
CA ALA G 73 -32.33 22.55 6.51
C ALA G 73 -30.87 22.29 6.22
N LEU G 74 -30.00 23.06 6.87
CA LEU G 74 -28.56 22.89 6.80
C LEU G 74 -28.05 22.42 8.15
N THR G 75 -27.49 21.22 8.18
CA THR G 75 -27.02 20.59 9.41
C THR G 75 -25.51 20.67 9.48
N ILE G 76 -25.00 21.16 10.61
CA ILE G 76 -23.58 21.17 10.93
C ILE G 76 -23.36 20.18 12.06
N THR G 77 -22.56 19.16 11.81
CA THR G 77 -22.23 18.16 12.81
C THR G 77 -20.77 18.32 13.21
N GLY G 78 -20.53 18.39 14.52
CA GLY G 78 -19.20 18.66 15.01
C GLY G 78 -18.74 20.06 14.67
N ALA G 79 -19.53 21.05 15.09
CA ALA G 79 -19.23 22.44 14.81
C ALA G 79 -17.91 22.84 15.45
N GLN G 80 -17.06 23.51 14.67
CA GLN G 80 -15.76 23.95 15.15
C GLN G 80 -15.75 25.46 15.32
N THR G 81 -14.59 25.97 15.76
CA THR G 81 -14.47 27.39 16.03
C THR G 81 -14.57 28.22 14.75
N GLU G 82 -14.11 27.66 13.64
CA GLU G 82 -14.13 28.38 12.36
C GLU G 82 -15.54 28.54 11.80
N ASP G 83 -16.51 27.79 12.31
CA ASP G 83 -17.88 27.87 11.81
C ASP G 83 -18.67 29.04 12.39
N GLU G 84 -18.00 30.04 12.96
CA GLU G 84 -18.67 31.23 13.46
C GLU G 84 -18.73 32.25 12.33
N ALA G 85 -19.85 32.29 11.62
CA ALA G 85 -20.02 33.21 10.51
C ALA G 85 -21.51 33.45 10.30
N ASP G 86 -21.85 34.10 9.19
CA ASP G 86 -23.23 34.37 8.83
C ASP G 86 -23.65 33.38 7.75
N TYR G 87 -24.79 32.74 7.95
CA TYR G 87 -25.29 31.73 7.00
C TYR G 87 -26.53 32.26 6.30
N PHE G 88 -26.47 32.30 4.97
CA PHE G 88 -27.54 32.81 4.13
C PHE G 88 -28.15 31.69 3.33
N CYS G 89 -29.45 31.79 3.08
CA CYS G 89 -30.19 30.83 2.26
C CYS G 89 -30.72 31.52 1.01
N ALA G 90 -30.54 30.87 -0.13
CA ALA G 90 -31.02 31.37 -1.40
C ALA G 90 -32.02 30.37 -1.99
N LEU G 91 -33.18 30.87 -2.38
CA LEU G 91 -34.22 30.03 -2.96
C LEU G 91 -34.57 30.55 -4.36
N TYR G 92 -34.80 29.64 -5.28
CA TYR G 92 -35.03 29.98 -6.67
C TYR G 92 -36.48 29.78 -7.07
N LYS G 93 -36.96 30.67 -7.95
CA LYS G 93 -38.26 30.53 -8.59
C LYS G 93 -38.14 30.03 -10.02
N THR G 94 -37.23 30.61 -10.80
CA THR G 94 -36.87 30.13 -12.11
C THR G 94 -35.37 29.81 -12.12
N ALA G 95 -34.84 29.52 -13.32
CA ALA G 95 -33.43 29.18 -13.44
C ALA G 95 -32.52 30.34 -13.08
N LEU G 96 -33.02 31.58 -13.15
CA LEU G 96 -32.20 32.75 -12.87
C LEU G 96 -32.72 33.64 -11.75
N ASN G 97 -33.96 33.45 -11.30
CA ASN G 97 -34.56 34.30 -10.29
C ASN G 97 -34.19 33.74 -8.91
N VAL G 98 -33.45 34.53 -8.13
CA VAL G 98 -32.97 34.10 -6.84
C VAL G 98 -33.60 34.99 -5.78
N ARG G 99 -33.63 34.49 -4.55
CA ARG G 99 -34.06 35.30 -3.41
C ARG G 99 -33.23 34.88 -2.20
N PHE G 100 -32.40 35.79 -1.71
CA PHE G 100 -31.61 35.53 -0.53
C PHE G 100 -32.45 35.79 0.72
N GLY G 101 -32.21 34.99 1.76
CA GLY G 101 -32.88 35.20 3.02
C GLY G 101 -32.02 36.00 3.99
N GLY G 102 -32.67 36.47 5.06
CA GLY G 102 -31.95 37.15 6.12
C GLY G 102 -30.93 36.23 6.76
N GLY G 103 -29.78 36.77 7.11
CA GLY G 103 -28.71 35.94 7.63
C GLY G 103 -28.97 35.34 8.99
N THR G 104 -28.37 34.18 9.25
CA THR G 104 -28.38 33.55 10.56
C THR G 104 -26.99 33.64 11.14
N HIS G 105 -26.84 34.39 12.23
CA HIS G 105 -25.53 34.59 12.85
C HIS G 105 -25.28 33.46 13.84
N LEU G 106 -24.48 32.49 13.43
CA LEU G 106 -24.14 31.36 14.29
C LEU G 106 -22.99 31.75 15.21
N THR G 107 -23.15 31.43 16.49
CA THR G 107 -22.15 31.72 17.50
C THR G 107 -21.61 30.40 18.05
N VAL G 108 -20.30 30.22 17.96
CA VAL G 108 -19.64 29.04 18.51
C VAL G 108 -19.10 29.40 19.89
N LEU G 109 -19.55 28.67 20.90
CA LEU G 109 -19.20 28.97 22.29
C LEU G 109 -17.94 28.23 22.71
N GLU H 2 -29.16 -14.37 11.75
CA GLU H 2 -29.90 -15.45 11.10
C GLU H 2 -29.74 -16.74 11.87
N LYS H 3 -30.71 -17.05 12.73
CA LYS H 3 -30.64 -18.23 13.57
C LYS H 3 -31.96 -18.98 13.52
N LEU H 4 -31.88 -20.29 13.72
CA LEU H 4 -33.05 -21.14 13.87
C LEU H 4 -32.94 -21.92 15.17
N VAL H 5 -34.02 -21.93 15.95
CA VAL H 5 -34.04 -22.60 17.25
C VAL H 5 -35.23 -23.55 17.28
N GLU H 6 -34.97 -24.81 17.60
CA GLU H 6 -36.02 -25.83 17.68
C GLU H 6 -36.42 -26.08 19.13
N SER H 7 -37.67 -26.52 19.30
CA SER H 7 -38.21 -26.81 20.60
C SER H 7 -39.36 -27.80 20.44
N GLY H 8 -39.74 -28.42 21.55
CA GLY H 8 -40.87 -29.33 21.59
C GLY H 8 -40.52 -30.80 21.70
N GLY H 9 -39.25 -31.15 21.87
CA GLY H 9 -38.87 -32.54 21.96
C GLY H 9 -39.14 -33.12 23.34
N GLY H 10 -38.78 -34.38 23.50
CA GLY H 10 -38.96 -35.06 24.76
C GLY H 10 -39.30 -36.52 24.54
N LEU H 11 -40.00 -37.09 25.51
CA LEU H 11 -40.33 -38.52 25.54
C LEU H 11 -41.76 -38.72 25.09
N VAL H 12 -41.98 -39.69 24.22
CA VAL H 12 -43.30 -40.03 23.71
C VAL H 12 -43.45 -41.55 23.71
N GLN H 13 -44.58 -42.02 24.22
CA GLN H 13 -44.86 -43.44 24.21
C GLN H 13 -45.05 -43.92 22.77
N PRO H 14 -44.61 -45.14 22.46
CA PRO H 14 -44.77 -45.65 21.09
C PRO H 14 -46.22 -45.64 20.65
N GLY H 15 -46.49 -44.96 19.54
CA GLY H 15 -47.83 -44.80 19.01
C GLY H 15 -48.45 -43.45 19.29
N GLY H 16 -47.72 -42.54 19.95
CA GLY H 16 -48.22 -41.24 20.30
C GLY H 16 -47.99 -40.21 19.22
N SER H 17 -48.08 -38.95 19.61
CA SER H 17 -47.93 -37.84 18.67
C SER H 17 -47.08 -36.76 19.31
N LEU H 18 -46.42 -35.98 18.46
CA LEU H 18 -45.54 -34.90 18.92
C LEU H 18 -45.52 -33.80 17.89
N ARG H 19 -45.22 -32.58 18.33
CA ARG H 19 -45.12 -31.40 17.48
C ARG H 19 -43.86 -30.64 17.82
N LEU H 20 -42.98 -30.47 16.84
CA LEU H 20 -41.75 -29.72 17.00
C LEU H 20 -41.88 -28.38 16.29
N SER H 21 -41.41 -27.32 16.96
CA SER H 21 -41.50 -25.96 16.45
C SER H 21 -40.12 -25.39 16.24
N CYS H 22 -39.88 -24.87 15.04
CA CYS H 22 -38.64 -24.18 14.70
C CYS H 22 -38.94 -22.70 14.51
N VAL H 23 -38.21 -21.85 15.23
CA VAL H 23 -38.43 -20.41 15.24
C VAL H 23 -37.19 -19.75 14.66
N GLY H 24 -37.40 -18.80 13.74
CA GLY H 24 -36.30 -18.11 13.09
C GLY H 24 -36.17 -16.68 13.57
N SER H 25 -34.93 -16.24 13.71
CA SER H 25 -34.60 -14.88 14.12
C SER H 25 -33.64 -14.27 13.13
N GLY H 26 -33.93 -13.03 12.72
CA GLY H 26 -33.11 -12.31 11.79
C GLY H 26 -33.63 -12.29 10.36
N PHE H 27 -34.57 -13.17 10.02
CA PHE H 27 -35.11 -13.21 8.66
C PHE H 27 -36.56 -13.62 8.72
N THR H 28 -37.30 -13.27 7.67
CA THR H 28 -38.73 -13.57 7.61
C THR H 28 -38.95 -14.95 7.00
N PHE H 29 -39.87 -15.71 7.59
CA PHE H 29 -40.17 -17.04 7.07
C PHE H 29 -40.96 -16.99 5.78
N SER H 30 -41.49 -15.82 5.41
CA SER H 30 -42.16 -15.65 4.14
C SER H 30 -41.19 -15.66 2.97
N SER H 31 -39.89 -15.63 3.23
CA SER H 31 -38.88 -15.58 2.18
C SER H 31 -37.94 -16.78 2.21
N THR H 32 -38.29 -17.85 2.92
CA THR H 32 -37.43 -19.02 3.02
C THR H 32 -38.27 -20.28 3.11
N TYR H 33 -37.66 -21.39 2.70
CA TYR H 33 -38.23 -22.71 2.86
C TYR H 33 -37.73 -23.33 4.14
N ILE H 34 -38.40 -24.38 4.59
CA ILE H 34 -38.03 -25.06 5.84
C ILE H 34 -37.93 -26.55 5.58
N GLY H 35 -36.77 -27.13 5.91
CA GLY H 35 -36.55 -28.55 5.76
C GLY H 35 -36.34 -29.20 7.12
N TRP H 36 -36.93 -30.37 7.30
CA TRP H 36 -36.79 -31.12 8.54
C TRP H 36 -35.98 -32.38 8.27
N VAL H 37 -34.90 -32.55 9.03
CA VAL H 37 -33.94 -33.64 8.86
C VAL H 37 -33.63 -34.23 10.23
N ARG H 38 -33.65 -35.56 10.34
CA ARG H 38 -33.39 -36.22 11.60
C ARG H 38 -32.11 -37.05 11.52
N GLN H 39 -31.46 -37.22 12.67
CA GLN H 39 -30.24 -38.01 12.78
C GLN H 39 -30.38 -38.97 13.96
N ALA H 40 -30.30 -40.26 13.67
CA ALA H 40 -30.35 -41.27 14.71
C ALA H 40 -29.09 -41.17 15.59
N PRO H 41 -29.18 -41.59 16.86
CA PRO H 41 -28.00 -41.48 17.73
C PRO H 41 -26.81 -42.25 17.20
N GLY H 42 -27.05 -43.42 16.62
CA GLY H 42 -26.02 -44.10 15.86
C GLY H 42 -26.46 -44.25 14.42
N GLY H 43 -25.84 -43.50 13.53
CA GLY H 43 -26.22 -43.52 12.13
C GLY H 43 -25.97 -42.17 11.49
N GLY H 44 -26.56 -41.99 10.31
CA GLY H 44 -26.35 -40.81 9.50
C GLY H 44 -27.59 -39.94 9.41
N LEU H 45 -27.42 -38.86 8.65
CA LEU H 45 -28.50 -37.90 8.43
C LEU H 45 -29.62 -38.53 7.61
N GLU H 46 -30.85 -38.08 7.85
CA GLU H 46 -32.00 -38.57 7.13
C GLU H 46 -32.98 -37.43 6.92
N TRP H 47 -33.29 -37.14 5.66
CA TRP H 47 -34.18 -36.05 5.31
C TRP H 47 -35.63 -36.50 5.50
N LEU H 48 -36.37 -35.78 6.33
CA LEU H 48 -37.78 -36.06 6.56
C LEU H 48 -38.68 -35.33 5.59
N GLY H 49 -38.56 -34.01 5.50
CA GLY H 49 -39.48 -33.29 4.63
C GLY H 49 -39.01 -31.88 4.33
N SER H 50 -39.79 -31.20 3.50
CA SER H 50 -39.48 -29.83 3.13
C SER H 50 -40.75 -29.11 2.71
N ILE H 51 -40.88 -27.87 3.17
CA ILE H 51 -41.96 -26.97 2.78
C ILE H 51 -41.37 -25.79 2.04
N SER H 52 -42.00 -25.44 0.92
CA SER H 52 -41.49 -24.46 -0.02
C SER H 52 -41.59 -23.05 0.55
N VAL H 53 -41.12 -22.08 -0.24
CA VAL H 53 -41.12 -20.69 0.20
C VAL H 53 -42.55 -20.17 0.30
N ASN H 54 -43.37 -20.46 -0.70
CA ASN H 54 -44.74 -19.97 -0.70
C ASN H 54 -45.67 -20.81 0.17
N GLY H 55 -45.22 -22.00 0.58
CA GLY H 55 -46.03 -22.87 1.40
C GLY H 55 -47.06 -23.69 0.66
N ASP H 56 -47.03 -23.69 -0.67
CA ASP H 56 -48.01 -24.43 -1.46
C ASP H 56 -47.55 -25.84 -1.82
N ILE H 57 -46.24 -26.07 -1.92
CA ILE H 57 -45.69 -27.37 -2.28
C ILE H 57 -44.95 -27.92 -1.08
N THR H 58 -45.41 -29.07 -0.58
CA THR H 58 -44.77 -29.77 0.53
C THR H 58 -44.36 -31.15 0.06
N ASP H 59 -43.08 -31.49 0.23
CA ASP H 59 -42.54 -32.75 -0.26
C ASP H 59 -41.96 -33.52 0.91
N TYR H 60 -42.40 -34.77 1.07
CA TYR H 60 -41.97 -35.62 2.17
C TYR H 60 -41.18 -36.81 1.66
N ALA H 61 -40.44 -37.43 2.58
CA ALA H 61 -39.71 -38.65 2.26
C ALA H 61 -40.62 -39.86 2.37
N GLU H 62 -40.12 -41.01 1.92
CA GLU H 62 -40.90 -42.23 1.96
C GLU H 62 -41.14 -42.69 3.40
N SER H 63 -40.23 -42.39 4.32
CA SER H 63 -40.39 -42.78 5.70
C SER H 63 -41.27 -41.81 6.49
N ALA H 64 -41.68 -40.70 5.89
CA ALA H 64 -42.53 -39.73 6.56
C ALA H 64 -43.82 -39.42 5.81
N GLU H 65 -44.01 -39.96 4.62
CA GLU H 65 -45.22 -39.71 3.86
C GLU H 65 -46.41 -40.39 4.53
N GLY H 66 -47.47 -39.62 4.78
CA GLY H 66 -48.66 -40.14 5.41
C GLY H 66 -48.66 -40.10 6.92
N ARG H 67 -47.54 -39.76 7.54
CA ARG H 67 -47.44 -39.66 8.99
C ARG H 67 -47.05 -38.27 9.45
N PHE H 68 -46.16 -37.60 8.73
CA PHE H 68 -45.58 -36.34 9.16
C PHE H 68 -46.20 -35.20 8.36
N THR H 69 -46.52 -34.11 9.05
CA THR H 69 -47.08 -32.92 8.43
C THR H 69 -46.22 -31.71 8.76
N ILE H 70 -45.92 -30.91 7.73
CA ILE H 70 -45.08 -29.72 7.88
C ILE H 70 -45.92 -28.49 7.56
N SER H 71 -45.95 -27.53 8.47
CA SER H 71 -46.68 -26.28 8.26
C SER H 71 -45.78 -25.11 8.59
N LYS H 72 -46.06 -23.96 7.99
CA LYS H 72 -45.22 -22.78 8.15
C LYS H 72 -46.11 -21.55 8.32
N ASP H 73 -45.96 -20.86 9.44
CA ASP H 73 -46.68 -19.62 9.73
C ASP H 73 -45.70 -18.47 9.57
N ASN H 74 -45.96 -17.61 8.58
CA ASN H 74 -45.05 -16.51 8.28
C ASN H 74 -45.21 -15.38 9.28
N SER H 75 -46.42 -15.16 9.78
CA SER H 75 -46.66 -14.07 10.72
C SER H 75 -45.88 -14.28 12.01
N GLN H 76 -45.83 -15.51 12.50
CA GLN H 76 -45.08 -15.83 13.69
C GLN H 76 -43.65 -16.23 13.40
N ASN H 77 -43.26 -16.33 12.12
CA ASN H 77 -41.94 -16.81 11.73
C ASN H 77 -41.63 -18.15 12.36
N MET H 78 -42.57 -19.09 12.23
CA MET H 78 -42.38 -20.39 12.86
C MET H 78 -42.79 -21.50 11.90
N ALA H 79 -42.25 -22.69 12.13
CA ALA H 79 -42.57 -23.86 11.36
C ALA H 79 -42.82 -25.03 12.31
N TRP H 80 -43.75 -25.91 11.93
CA TRP H 80 -44.17 -27.02 12.78
C TRP H 80 -44.03 -28.33 12.01
N LEU H 81 -43.43 -29.32 12.64
CA LEU H 81 -43.42 -30.69 12.16
C LEU H 81 -44.22 -31.55 13.14
N GLN H 82 -45.25 -32.21 12.64
CA GLN H 82 -46.16 -32.98 13.46
C GLN H 82 -46.09 -34.45 13.08
N MET H 83 -45.86 -35.31 14.07
CA MET H 83 -45.77 -36.76 13.89
C MET H 83 -46.89 -37.40 14.70
N ASN H 84 -47.66 -38.29 14.06
CA ASN H 84 -48.81 -38.92 14.70
C ASN H 84 -48.81 -40.42 14.49
N SER H 85 -47.63 -41.00 14.27
CA SER H 85 -47.53 -42.45 14.10
C SER H 85 -46.25 -42.98 14.75
N LEU H 86 -45.68 -42.20 15.66
CA LEU H 86 -44.35 -42.41 16.22
C LEU H 86 -44.09 -43.87 16.59
N ARG H 87 -42.97 -44.35 16.11
CA ARG H 87 -42.52 -45.72 16.40
C ARG H 87 -41.17 -45.64 17.09
N THR H 88 -40.67 -46.73 17.62
CA THR H 88 -39.42 -46.77 18.36
C THR H 88 -38.20 -46.49 17.48
N GLU H 89 -38.35 -46.55 16.16
CA GLU H 89 -37.26 -46.23 15.25
C GLU H 89 -37.06 -44.74 15.04
N ASP H 90 -37.93 -43.90 15.60
CA ASP H 90 -37.89 -42.47 15.39
C ASP H 90 -37.12 -41.73 16.48
N THR H 91 -36.53 -42.43 17.44
CA THR H 91 -35.72 -41.79 18.46
C THR H 91 -34.49 -41.16 17.82
N ALA H 92 -34.42 -39.84 17.81
CA ALA H 92 -33.36 -39.17 17.07
C ALA H 92 -33.27 -37.71 17.47
N ARG H 93 -32.25 -37.05 16.94
CA ARG H 93 -32.11 -35.61 17.06
C ARG H 93 -32.62 -34.96 15.78
N TYR H 94 -33.62 -34.09 15.92
CA TYR H 94 -34.32 -33.49 14.80
C TYR H 94 -33.83 -32.06 14.59
N TYR H 95 -33.73 -31.67 13.32
CA TYR H 95 -33.14 -30.42 12.88
C TYR H 95 -34.08 -29.72 11.91
N CYS H 96 -34.25 -28.42 12.10
CA CYS H 96 -34.83 -27.55 11.08
C CYS H 96 -33.71 -26.80 10.37
N ALA H 97 -33.81 -26.73 9.05
CA ALA H 97 -32.73 -26.16 8.26
C ALA H 97 -33.32 -25.35 7.11
N THR H 98 -32.50 -24.44 6.59
CA THR H 98 -32.85 -23.62 5.44
C THR H 98 -31.57 -23.12 4.79
N GLY H 99 -31.71 -22.65 3.55
CA GLY H 99 -30.57 -22.15 2.80
C GLY H 99 -30.73 -20.68 2.45
N ARG H 100 -29.88 -19.85 3.02
CA ARG H 100 -29.85 -18.42 2.74
C ARG H 100 -28.43 -18.02 2.35
N PHE H 101 -28.31 -17.30 1.24
CA PHE H 101 -27.04 -16.79 0.76
C PHE H 101 -27.22 -15.32 0.40
N PHE H 102 -26.63 -14.44 1.20
CA PHE H 102 -26.69 -12.99 0.97
C PHE H 102 -28.12 -12.46 1.00
N GLY H 103 -28.98 -13.07 1.81
CA GLY H 103 -30.32 -12.55 2.02
C GLY H 103 -31.41 -13.14 1.15
N ILE H 104 -31.10 -14.13 0.32
CA ILE H 104 -32.08 -14.75 -0.56
C ILE H 104 -32.02 -16.26 -0.41
N VAL H 105 -33.11 -16.92 -0.79
CA VAL H 105 -33.29 -18.34 -0.52
C VAL H 105 -32.69 -19.16 -1.66
N VAL H 106 -31.97 -20.22 -1.30
CA VAL H 106 -31.51 -21.22 -2.24
C VAL H 106 -32.08 -22.55 -1.77
N THR H 107 -32.97 -23.14 -2.57
CA THR H 107 -33.69 -24.33 -2.14
C THR H 107 -32.80 -25.56 -2.14
N TYR H 108 -31.75 -25.56 -2.95
CA TYR H 108 -30.83 -26.69 -3.05
C TYR H 108 -29.59 -26.51 -2.19
N ALA H 109 -29.73 -25.84 -1.05
CA ALA H 109 -28.63 -25.69 -0.11
C ALA H 109 -29.21 -25.61 1.30
N MET H 110 -28.45 -26.15 2.26
CA MET H 110 -28.85 -26.15 3.67
C MET H 110 -27.65 -25.70 4.48
N ASN H 111 -27.53 -24.39 4.68
CA ASN H 111 -26.42 -23.82 5.42
C ASN H 111 -26.79 -23.29 6.80
N LEU H 112 -28.05 -22.94 7.02
CA LEU H 112 -28.50 -22.55 8.35
C LEU H 112 -29.13 -23.74 9.04
N TRP H 113 -28.61 -24.10 10.22
CA TRP H 113 -29.07 -25.26 10.96
C TRP H 113 -29.42 -24.85 12.38
N GLY H 114 -30.40 -25.54 12.95
CA GLY H 114 -30.73 -25.34 14.34
C GLY H 114 -29.94 -26.28 15.21
N PRO H 115 -29.92 -26.02 16.52
CA PRO H 115 -29.22 -26.94 17.44
C PRO H 115 -29.83 -28.33 17.45
N GLY H 116 -31.11 -28.47 17.13
CA GLY H 116 -31.77 -29.75 17.13
C GLY H 116 -32.41 -30.08 18.46
N VAL H 117 -33.42 -30.95 18.45
CA VAL H 117 -34.09 -31.38 19.68
C VAL H 117 -34.08 -32.91 19.73
N GLU H 118 -34.09 -33.43 20.94
CA GLU H 118 -34.04 -34.86 21.18
C GLU H 118 -35.46 -35.41 21.31
N VAL H 119 -35.78 -36.41 20.50
CA VAL H 119 -37.06 -37.10 20.58
C VAL H 119 -36.78 -38.57 20.92
N VAL H 120 -37.33 -39.02 22.03
CA VAL H 120 -37.19 -40.40 22.49
C VAL H 120 -38.56 -41.06 22.40
N VAL H 121 -38.59 -42.26 21.82
CA VAL H 121 -39.82 -43.03 21.69
C VAL H 121 -39.55 -44.40 22.32
N SER H 122 -39.87 -44.53 23.60
CA SER H 122 -39.66 -45.78 24.32
C SER H 122 -40.83 -46.03 25.25
N SER H 123 -41.15 -47.30 25.46
CA SER H 123 -42.22 -47.67 26.39
C SER H 123 -41.80 -47.51 27.84
N ALA H 124 -40.55 -47.83 28.17
CA ALA H 124 -40.06 -47.69 29.54
C ALA H 124 -39.81 -46.23 29.88
N VAL I 3 -28.26 -43.60 -2.44
CA VAL I 3 -27.04 -42.80 -2.38
C VAL I 3 -25.97 -43.56 -1.59
N ILE I 4 -24.79 -43.72 -2.19
CA ILE I 4 -23.74 -44.57 -1.66
C ILE I 4 -22.48 -43.74 -1.44
N GLN I 5 -21.91 -43.87 -0.24
CA GLN I 5 -20.61 -43.30 0.09
C GLN I 5 -19.72 -44.40 0.65
N GLU I 6 -18.41 -44.20 0.56
CA GLU I 6 -17.47 -45.14 1.14
C GLU I 6 -17.52 -45.02 2.66
N PRO I 7 -17.60 -46.13 3.40
CA PRO I 7 -17.83 -46.04 4.85
C PRO I 7 -16.75 -45.29 5.62
N ALA I 8 -15.48 -45.41 5.22
CA ALA I 8 -14.41 -44.74 5.94
C ALA I 8 -13.18 -44.66 5.06
N MET I 9 -12.45 -43.54 5.17
CA MET I 9 -11.17 -43.38 4.52
C MET I 9 -10.22 -42.65 5.46
N SER I 10 -8.94 -42.68 5.13
CA SER I 10 -7.89 -42.11 5.96
C SER I 10 -7.01 -41.19 5.14
N VAL I 11 -6.44 -40.19 5.81
CA VAL I 11 -5.59 -39.19 5.17
C VAL I 11 -4.34 -39.02 6.02
N SER I 12 -3.34 -38.34 5.46
CA SER I 12 -2.16 -37.93 6.22
C SER I 12 -2.16 -36.41 6.35
N PRO I 13 -1.66 -35.87 7.47
CA PRO I 13 -1.67 -34.41 7.66
C PRO I 13 -0.87 -33.71 6.58
N GLY I 14 -1.56 -32.90 5.78
CA GLY I 14 -0.95 -32.26 4.64
C GLY I 14 -1.12 -32.97 3.32
N GLY I 15 -2.00 -33.97 3.25
CA GLY I 15 -2.20 -34.75 2.05
C GLY I 15 -3.51 -34.43 1.34
N THR I 16 -3.72 -35.15 0.25
CA THR I 16 -4.88 -34.95 -0.62
C THR I 16 -5.77 -36.18 -0.59
N VAL I 17 -7.08 -35.96 -0.40
CA VAL I 17 -8.04 -37.03 -0.31
C VAL I 17 -9.23 -36.70 -1.19
N THR I 18 -9.88 -37.73 -1.74
CA THR I 18 -11.04 -37.58 -2.60
C THR I 18 -12.15 -38.52 -2.12
N LEU I 19 -13.29 -37.94 -1.74
CA LEU I 19 -14.46 -38.67 -1.32
C LEU I 19 -15.46 -38.72 -2.46
N THR I 20 -16.17 -39.85 -2.57
CA THR I 20 -17.02 -40.15 -3.70
C THR I 20 -18.46 -40.38 -3.25
N CYS I 21 -19.41 -39.85 -4.03
CA CYS I 21 -20.83 -40.03 -3.77
C CYS I 21 -21.49 -40.39 -5.10
N ALA I 22 -22.35 -41.41 -5.08
CA ALA I 22 -23.00 -41.84 -6.32
C ALA I 22 -24.34 -42.48 -6.01
N PHE I 23 -25.21 -42.47 -7.01
CA PHE I 23 -26.49 -43.17 -6.89
C PHE I 23 -26.29 -44.67 -6.93
N ARG I 24 -27.27 -45.40 -6.39
CA ARG I 24 -27.27 -46.85 -6.48
C ARG I 24 -27.91 -47.37 -7.75
N SER I 25 -28.65 -46.52 -8.48
CA SER I 25 -29.35 -46.97 -9.67
C SER I 25 -29.32 -45.96 -10.81
N GLY I 26 -28.30 -45.11 -10.89
CA GLY I 26 -28.26 -44.13 -11.94
C GLY I 26 -26.99 -43.28 -11.85
N SER I 27 -26.94 -42.29 -12.72
CA SER I 27 -25.81 -41.39 -12.81
C SER I 27 -26.11 -40.07 -12.08
N VAL I 28 -25.04 -39.34 -11.77
CA VAL I 28 -25.12 -38.08 -11.05
C VAL I 28 -24.70 -36.96 -11.98
N THR I 29 -25.55 -35.95 -12.12
CA THR I 29 -25.29 -34.80 -12.98
C THR I 29 -25.43 -33.52 -12.17
N THR I 30 -25.26 -32.38 -12.85
CA THR I 30 -25.39 -31.09 -12.20
C THR I 30 -26.81 -30.86 -11.69
N SER I 31 -27.80 -31.38 -12.42
CA SER I 31 -29.19 -31.18 -12.06
C SER I 31 -29.54 -31.81 -10.71
N ASN I 32 -28.71 -32.69 -10.20
CA ASN I 32 -28.94 -33.28 -8.88
C ASN I 32 -28.38 -32.44 -7.75
N TYR I 33 -27.68 -31.36 -8.04
CA TYR I 33 -27.06 -30.44 -7.08
C TYR I 33 -26.44 -31.16 -5.90
N PRO I 34 -25.36 -31.92 -6.09
CA PRO I 34 -24.71 -32.58 -4.96
C PRO I 34 -24.22 -31.57 -3.93
N SER I 35 -24.40 -31.91 -2.65
CA SER I 35 -23.97 -31.07 -1.55
C SER I 35 -23.17 -31.90 -0.57
N TRP I 36 -22.19 -31.28 0.07
CA TRP I 36 -21.29 -31.94 1.00
C TRP I 36 -21.37 -31.27 2.36
N PHE I 37 -21.54 -32.07 3.40
CA PHE I 37 -21.72 -31.58 4.76
C PHE I 37 -20.65 -32.17 5.65
N GLN I 38 -20.10 -31.35 6.54
CA GLN I 38 -19.15 -31.79 7.55
C GLN I 38 -19.80 -31.73 8.92
N GLN I 39 -19.78 -32.84 9.64
CA GLN I 39 -20.43 -32.95 10.94
C GLN I 39 -19.47 -33.53 11.95
N THR I 40 -19.28 -32.83 13.06
CA THR I 40 -18.69 -33.40 14.26
C THR I 40 -19.80 -33.97 15.13
N PRO I 41 -19.50 -34.98 15.96
CA PRO I 41 -20.58 -35.67 16.69
C PRO I 41 -21.47 -34.76 17.53
N GLY I 42 -20.91 -33.72 18.15
CA GLY I 42 -21.65 -32.86 19.04
C GLY I 42 -22.16 -31.56 18.46
N GLN I 43 -22.11 -31.38 17.15
CA GLN I 43 -22.49 -30.13 16.51
C GLN I 43 -23.35 -30.41 15.28
N PRO I 44 -24.19 -29.46 14.88
CA PRO I 44 -24.98 -29.63 13.67
C PRO I 44 -24.11 -29.63 12.42
N PRO I 45 -24.60 -30.18 11.31
CA PRO I 45 -23.77 -30.25 10.10
C PRO I 45 -23.44 -28.88 9.55
N ARG I 46 -22.35 -28.84 8.77
CA ARG I 46 -21.85 -27.61 8.18
C ARG I 46 -21.74 -27.81 6.67
N LEU I 47 -22.36 -26.92 5.91
CA LEU I 47 -22.30 -27.01 4.45
C LEU I 47 -20.92 -26.60 3.96
N LEU I 48 -20.33 -27.43 3.12
CA LEU I 48 -19.02 -27.16 2.54
C LEU I 48 -19.09 -26.82 1.06
N ILE I 49 -19.75 -27.65 0.26
CA ILE I 49 -19.88 -27.44 -1.17
C ILE I 49 -21.32 -27.71 -1.57
N TYR I 50 -21.91 -26.80 -2.34
CA TYR I 50 -23.26 -26.99 -2.91
C TYR I 50 -23.12 -26.73 -4.42
N ASN I 51 -24.04 -27.19 -5.24
CA ASN I 51 -24.00 -26.99 -6.72
C ASN I 51 -22.65 -27.42 -7.29
N THR I 52 -22.09 -28.57 -6.88
CA THR I 52 -20.85 -29.16 -7.45
C THR I 52 -19.64 -28.26 -7.49
N ASN I 53 -19.74 -26.97 -7.15
CA ASN I 53 -18.64 -26.03 -7.29
C ASN I 53 -18.67 -24.91 -6.28
N SER I 54 -19.85 -24.56 -5.78
CA SER I 54 -20.01 -23.34 -4.99
C SER I 54 -19.57 -23.59 -3.56
N ARG I 55 -18.58 -22.83 -3.12
CA ARG I 55 -18.07 -22.91 -1.75
C ARG I 55 -18.52 -21.69 -0.99
N PRO I 56 -19.37 -21.83 0.03
CA PRO I 56 -19.88 -20.66 0.75
C PRO I 56 -18.77 -19.89 1.45
N THR I 57 -19.06 -18.63 1.75
CA THR I 57 -18.12 -17.78 2.46
C THR I 57 -17.83 -18.35 3.84
N GLY I 58 -16.55 -18.35 4.21
CA GLY I 58 -16.10 -18.89 5.47
C GLY I 58 -15.56 -20.30 5.39
N VAL I 59 -15.88 -21.03 4.34
CA VAL I 59 -15.34 -22.38 4.15
C VAL I 59 -13.93 -22.28 3.57
N PRO I 60 -12.95 -22.94 4.18
CA PRO I 60 -11.57 -22.84 3.67
C PRO I 60 -11.43 -23.38 2.26
N SER I 61 -10.47 -22.82 1.53
CA SER I 61 -10.34 -23.08 0.10
C SER I 61 -9.84 -24.49 -0.22
N ARG I 62 -9.39 -25.25 0.77
CA ARG I 62 -8.87 -26.59 0.50
C ARG I 62 -9.98 -27.58 0.13
N PHE I 63 -11.24 -27.20 0.30
CA PHE I 63 -12.35 -28.05 -0.10
C PHE I 63 -12.78 -27.69 -1.52
N SER I 64 -12.83 -28.69 -2.39
CA SER I 64 -13.27 -28.48 -3.77
C SER I 64 -14.24 -29.59 -4.14
N GLY I 65 -15.09 -29.30 -5.12
CA GLY I 65 -16.04 -30.29 -5.55
C GLY I 65 -16.08 -30.42 -7.06
N ARG I 66 -16.52 -31.57 -7.56
CA ARG I 66 -16.64 -31.77 -9.00
C ARG I 66 -17.51 -32.98 -9.26
N ILE I 67 -17.79 -33.22 -10.54
CA ILE I 67 -18.44 -34.43 -10.98
C ILE I 67 -17.47 -35.21 -11.85
N SER I 68 -17.00 -36.34 -11.35
CA SER I 68 -16.06 -37.19 -12.07
C SER I 68 -16.80 -38.43 -12.56
N GLY I 69 -16.68 -38.71 -13.85
CA GLY I 69 -17.39 -39.84 -14.42
C GLY I 69 -18.88 -39.68 -14.22
N ASN I 70 -19.44 -40.54 -13.37
CA ASN I 70 -20.86 -40.50 -13.02
C ASN I 70 -21.05 -40.39 -11.52
N LYS I 71 -20.18 -39.66 -10.84
CA LYS I 71 -20.26 -39.57 -9.39
C LYS I 71 -19.68 -38.25 -8.91
N ALA I 72 -20.29 -37.67 -7.88
CA ALA I 72 -19.79 -36.46 -7.27
C ALA I 72 -18.54 -36.76 -6.43
N ALA I 73 -17.63 -35.79 -6.40
CA ALA I 73 -16.35 -35.96 -5.73
C ALA I 73 -16.01 -34.71 -4.94
N LEU I 74 -15.56 -34.90 -3.71
CA LEU I 74 -15.09 -33.84 -2.83
C LEU I 74 -13.62 -34.05 -2.54
N THR I 75 -12.80 -33.07 -2.87
CA THR I 75 -11.35 -33.16 -2.72
C THR I 75 -10.89 -32.22 -1.62
N ILE I 76 -10.14 -32.76 -0.67
CA ILE I 76 -9.47 -31.98 0.36
C ILE I 76 -7.98 -32.03 0.06
N THR I 77 -7.39 -30.87 -0.20
CA THR I 77 -5.97 -30.75 -0.51
C THR I 77 -5.27 -30.13 0.68
N GLY I 78 -4.26 -30.83 1.21
CA GLY I 78 -3.58 -30.36 2.40
C GLY I 78 -4.45 -30.48 3.62
N ALA I 79 -4.87 -31.70 3.93
CA ALA I 79 -5.76 -31.94 5.06
C ALA I 79 -5.07 -31.59 6.37
N GLN I 80 -5.80 -30.91 7.24
CA GLN I 80 -5.30 -30.53 8.55
C GLN I 80 -5.89 -31.46 9.61
N THR I 81 -5.48 -31.24 10.87
CA THR I 81 -5.93 -32.12 11.95
C THR I 81 -7.39 -31.86 12.31
N GLU I 82 -7.93 -30.72 11.90
CA GLU I 82 -9.31 -30.38 12.19
C GLU I 82 -10.28 -30.84 11.11
N ASP I 83 -9.79 -31.54 10.09
CA ASP I 83 -10.63 -32.07 9.02
C ASP I 83 -11.12 -33.48 9.31
N GLU I 84 -10.89 -33.99 10.51
CA GLU I 84 -11.35 -35.31 10.91
C GLU I 84 -12.77 -35.18 11.42
N ALA I 85 -13.74 -35.58 10.59
CA ALA I 85 -15.15 -35.50 10.93
C ALA I 85 -15.93 -36.37 9.97
N ASP I 86 -17.24 -36.46 10.20
CA ASP I 86 -18.12 -37.18 9.30
C ASP I 86 -18.44 -36.31 8.09
N TYR I 87 -18.50 -36.92 6.92
CA TYR I 87 -18.75 -36.21 5.67
C TYR I 87 -19.95 -36.84 4.97
N PHE I 88 -21.00 -36.05 4.75
CA PHE I 88 -22.24 -36.53 4.18
C PHE I 88 -22.45 -35.91 2.81
N CYS I 89 -23.10 -36.69 1.93
CA CYS I 89 -23.44 -36.24 0.59
C CYS I 89 -24.95 -36.18 0.44
N ALA I 90 -25.42 -35.15 -0.25
CA ALA I 90 -26.84 -34.95 -0.50
C ALA I 90 -27.07 -34.83 -2.00
N LEU I 91 -28.05 -35.56 -2.50
CA LEU I 91 -28.40 -35.53 -3.91
C LEU I 91 -29.87 -35.19 -4.07
N TYR I 92 -30.19 -34.38 -5.07
CA TYR I 92 -31.52 -33.86 -5.27
C TYR I 92 -32.19 -34.50 -6.49
N LYS I 93 -33.49 -34.76 -6.37
CA LYS I 93 -34.29 -35.17 -7.50
C LYS I 93 -35.13 -34.02 -8.03
N THR I 94 -35.84 -33.33 -7.14
CA THR I 94 -36.57 -32.12 -7.49
C THR I 94 -36.00 -30.95 -6.71
N ALA I 95 -36.67 -29.79 -6.77
CA ALA I 95 -36.18 -28.61 -6.08
C ALA I 95 -36.10 -28.82 -4.56
N LEU I 96 -36.97 -29.67 -4.01
CA LEU I 96 -37.01 -29.88 -2.57
C LEU I 96 -36.72 -31.32 -2.14
N ASN I 97 -36.76 -32.28 -3.06
CA ASN I 97 -36.53 -33.68 -2.68
C ASN I 97 -35.03 -33.92 -2.53
N VAL I 98 -34.62 -34.34 -1.34
CA VAL I 98 -33.22 -34.53 -1.02
C VAL I 98 -33.03 -35.98 -0.57
N ARG I 99 -31.82 -36.49 -0.76
CA ARG I 99 -31.44 -37.79 -0.22
C ARG I 99 -30.02 -37.69 0.31
N PHE I 100 -29.85 -38.03 1.59
CA PHE I 100 -28.55 -38.03 2.23
C PHE I 100 -27.92 -39.40 2.10
N GLY I 101 -26.61 -39.42 1.92
CA GLY I 101 -25.89 -40.67 1.92
C GLY I 101 -25.30 -41.00 3.27
N GLY I 102 -24.91 -42.26 3.45
CA GLY I 102 -24.23 -42.66 4.66
C GLY I 102 -22.90 -41.93 4.79
N GLY I 103 -22.52 -41.67 6.05
CA GLY I 103 -21.34 -40.86 6.29
C GLY I 103 -20.07 -41.56 5.85
N THR I 104 -19.07 -40.74 5.53
CA THR I 104 -17.72 -41.21 5.25
C THR I 104 -16.83 -40.71 6.37
N HIS I 105 -16.35 -41.63 7.21
CA HIS I 105 -15.57 -41.25 8.38
C HIS I 105 -14.12 -41.01 7.96
N LEU I 106 -13.71 -39.75 7.93
CA LEU I 106 -12.35 -39.40 7.56
C LEU I 106 -11.49 -39.30 8.81
N THR I 107 -10.35 -39.97 8.79
CA THR I 107 -9.43 -39.99 9.92
C THR I 107 -8.13 -39.31 9.51
N VAL I 108 -7.69 -38.34 10.29
CA VAL I 108 -6.44 -37.64 10.05
C VAL I 108 -5.39 -38.20 10.99
N LEU I 109 -4.36 -38.82 10.42
CA LEU I 109 -3.31 -39.44 11.21
C LEU I 109 -2.21 -38.45 11.55
N LEU J 2 -16.29 0.17 -21.70
CA LEU J 2 -16.42 1.08 -22.83
C LEU J 2 -17.72 0.81 -23.56
N PHE J 3 -18.59 1.83 -23.68
CA PHE J 3 -19.96 1.65 -24.20
C PHE J 3 -20.11 2.02 -25.67
N GLY J 4 -19.25 2.86 -26.21
CA GLY J 4 -19.29 3.11 -27.66
C GLY J 4 -20.05 4.34 -28.07
N ALA J 5 -20.18 5.33 -27.19
CA ALA J 5 -20.85 6.56 -27.63
C ALA J 5 -19.81 7.64 -27.86
N ILE J 6 -19.22 8.17 -26.80
CA ILE J 6 -18.14 9.18 -26.96
C ILE J 6 -17.06 8.58 -27.86
N ALA J 7 -16.80 9.17 -29.03
CA ALA J 7 -15.86 8.64 -30.04
C ALA J 7 -16.32 7.25 -30.47
N GLY J 8 -17.57 7.13 -30.89
CA GLY J 8 -18.15 5.84 -31.29
C GLY J 8 -19.22 6.14 -32.30
N PHE J 9 -20.47 5.78 -32.04
CA PHE J 9 -21.46 6.19 -33.02
C PHE J 9 -21.78 7.67 -32.97
N ILE J 10 -21.29 8.39 -31.96
CA ILE J 10 -21.26 9.84 -31.97
C ILE J 10 -19.79 10.24 -32.07
N GLU J 11 -19.41 10.79 -33.22
CA GLU J 11 -18.00 10.95 -33.57
C GLU J 11 -17.37 12.23 -33.06
N GLY J 12 -18.14 13.12 -32.44
CA GLY J 12 -17.56 14.36 -31.98
C GLY J 12 -18.40 15.14 -31.00
N GLY J 13 -17.75 15.92 -30.14
CA GLY J 13 -18.45 16.78 -29.23
C GLY J 13 -18.89 18.07 -29.88
N TRP J 14 -19.74 18.80 -29.17
CA TRP J 14 -20.28 20.07 -29.64
C TRP J 14 -19.68 21.21 -28.84
N THR J 15 -18.96 22.10 -29.54
CA THR J 15 -18.40 23.27 -28.88
C THR J 15 -19.48 24.31 -28.60
N GLY J 16 -20.49 24.38 -29.47
CA GLY J 16 -21.55 25.34 -29.29
C GLY J 16 -22.39 25.11 -28.04
N MET J 17 -22.62 23.85 -27.70
CA MET J 17 -23.46 23.52 -26.55
C MET J 17 -22.62 23.69 -25.29
N VAL J 18 -22.82 24.81 -24.59
CA VAL J 18 -22.00 25.16 -23.44
C VAL J 18 -22.76 25.17 -22.12
N ASP J 19 -24.07 24.95 -22.12
CA ASP J 19 -24.84 24.98 -20.88
C ASP J 19 -24.98 23.63 -20.21
N GLY J 20 -24.07 22.69 -20.50
CA GLY J 20 -24.13 21.40 -19.86
C GLY J 20 -23.10 20.45 -20.45
N TRP J 21 -23.16 19.19 -20.01
CA TRP J 21 -22.25 18.16 -20.47
C TRP J 21 -22.87 17.26 -21.53
N TYR J 22 -24.11 16.85 -21.35
CA TYR J 22 -24.86 16.07 -22.33
C TYR J 22 -26.11 16.84 -22.70
N GLY J 23 -26.46 16.85 -23.98
CA GLY J 23 -27.56 17.68 -24.42
C GLY J 23 -28.11 17.26 -25.76
N TYR J 24 -29.04 18.07 -26.24
CA TYR J 24 -29.77 17.84 -27.48
C TYR J 24 -29.59 19.03 -28.41
N HIS J 25 -29.76 18.77 -29.70
CA HIS J 25 -29.74 19.79 -30.74
C HIS J 25 -30.93 19.52 -31.64
N HIS J 26 -31.86 20.46 -31.69
CA HIS J 26 -33.09 20.26 -32.44
C HIS J 26 -33.16 21.18 -33.64
N GLN J 27 -33.76 20.66 -34.71
CA GLN J 27 -33.95 21.39 -35.96
C GLN J 27 -35.42 21.23 -36.35
N ASN J 28 -36.20 22.29 -36.19
CA ASN J 28 -37.62 22.36 -36.53
C ASN J 28 -37.82 23.50 -37.53
N GLU J 29 -39.04 23.59 -38.06
CA GLU J 29 -39.39 24.74 -38.88
C GLU J 29 -39.44 26.03 -38.06
N GLN J 30 -39.47 25.93 -36.73
CA GLN J 30 -39.33 27.11 -35.89
C GLN J 30 -37.88 27.48 -35.63
N GLY J 31 -36.93 26.65 -36.00
CA GLY J 31 -35.52 27.00 -35.89
C GLY J 31 -34.67 25.87 -35.34
N SER J 32 -33.40 26.16 -35.15
CA SER J 32 -32.45 25.20 -34.62
C SER J 32 -31.92 25.69 -33.29
N GLY J 33 -31.47 24.75 -32.45
CA GLY J 33 -30.95 25.15 -31.16
C GLY J 33 -30.30 24.01 -30.41
N TYR J 34 -29.48 24.39 -29.44
CA TYR J 34 -28.92 23.48 -28.46
C TYR J 34 -29.65 23.62 -27.14
N ALA J 35 -29.69 22.54 -26.38
CA ALA J 35 -30.34 22.55 -25.07
C ALA J 35 -29.74 21.40 -24.26
N ALA J 36 -29.00 21.75 -23.22
CA ALA J 36 -28.36 20.72 -22.42
C ALA J 36 -29.39 20.00 -21.56
N ASP J 37 -29.08 18.74 -21.23
CA ASP J 37 -29.87 17.97 -20.29
C ASP J 37 -29.30 18.24 -18.89
N LEU J 38 -30.03 19.04 -18.11
CA LEU J 38 -29.50 19.52 -16.84
C LEU J 38 -29.49 18.44 -15.77
N LYS J 39 -30.47 17.54 -15.76
CA LYS J 39 -30.54 16.53 -14.72
C LYS J 39 -29.36 15.56 -14.80
N SER J 40 -29.08 15.04 -15.99
CA SER J 40 -27.96 14.13 -16.16
C SER J 40 -26.64 14.85 -15.86
N THR J 41 -26.52 16.10 -16.28
CA THR J 41 -25.32 16.87 -16.01
C THR J 41 -25.10 17.06 -14.52
N GLN J 42 -26.17 17.35 -13.78
CA GLN J 42 -26.07 17.52 -12.34
C GLN J 42 -25.71 16.21 -11.66
N ASN J 43 -26.29 15.11 -12.12
CA ASN J 43 -25.94 13.81 -11.56
C ASN J 43 -24.46 13.51 -11.76
N ALA J 44 -23.96 13.77 -12.97
CA ALA J 44 -22.54 13.57 -13.24
C ALA J 44 -21.67 14.46 -12.37
N ILE J 45 -22.08 15.73 -12.22
CA ILE J 45 -21.31 16.63 -11.36
C ILE J 45 -21.25 16.10 -9.94
N ASP J 46 -22.38 15.65 -9.40
CA ASP J 46 -22.41 15.12 -8.05
C ASP J 46 -21.51 13.91 -7.90
N LYS J 47 -21.54 12.99 -8.87
CA LYS J 47 -20.77 11.76 -8.71
C LYS J 47 -19.27 12.01 -8.88
N ILE J 48 -18.88 12.87 -9.82
CA ILE J 48 -17.46 13.20 -9.99
C ILE J 48 -16.96 13.98 -8.78
N THR J 49 -17.81 14.85 -8.23
CA THR J 49 -17.46 15.56 -6.99
C THR J 49 -17.23 14.56 -5.86
N ASN J 50 -18.09 13.56 -5.74
CA ASN J 50 -17.93 12.56 -4.70
C ASN J 50 -16.65 11.77 -4.89
N LYS J 51 -16.32 11.43 -6.13
CA LYS J 51 -15.08 10.72 -6.40
C LYS J 51 -13.85 11.55 -6.02
N VAL J 52 -13.87 12.84 -6.37
CA VAL J 52 -12.75 13.72 -6.00
C VAL J 52 -12.63 13.82 -4.49
N ASN J 53 -13.76 13.97 -3.80
CA ASN J 53 -13.74 14.03 -2.34
C ASN J 53 -13.19 12.74 -1.73
N SER J 54 -13.60 11.59 -2.27
CA SER J 54 -13.12 10.32 -1.76
C SER J 54 -11.62 10.17 -1.95
N VAL J 55 -11.10 10.58 -3.10
CA VAL J 55 -9.66 10.47 -3.33
C VAL J 55 -8.90 11.43 -2.43
N ILE J 56 -9.39 12.66 -2.27
CA ILE J 56 -8.64 13.68 -1.54
C ILE J 56 -8.83 13.54 -0.03
N GLU J 57 -10.07 13.35 0.43
CA GLU J 57 -10.42 13.45 1.85
C GLU J 57 -10.47 12.11 2.54
N LYS J 58 -9.60 11.16 2.17
CA LYS J 58 -9.50 9.88 2.86
C LYS J 58 -8.07 9.61 3.32
N MET J 59 -7.20 10.61 3.30
CA MET J 59 -5.77 10.39 3.57
C MET J 59 -5.50 10.12 5.04
N ASN J 60 -6.10 10.91 5.94
CA ASN J 60 -5.90 10.79 7.38
C ASN J 60 -4.42 10.93 7.74
N THR J 61 -3.90 12.13 7.50
CA THR J 61 -2.51 12.42 7.84
C THR J 61 -2.39 12.79 9.32
N GLN J 62 -1.21 12.54 9.89
CA GLN J 62 -0.91 12.87 11.27
C GLN J 62 0.41 13.63 11.35
N PHE J 63 0.56 14.37 12.45
CA PHE J 63 1.78 15.14 12.67
C PHE J 63 2.97 14.21 12.80
N THR J 64 4.06 14.55 12.12
CA THR J 64 5.26 13.73 12.14
C THR J 64 6.46 14.57 11.73
N ALA J 65 7.64 14.07 12.08
CA ALA J 65 8.91 14.67 11.67
C ALA J 65 9.80 13.55 11.17
N VAL J 66 9.89 13.39 9.85
CA VAL J 66 10.59 12.25 9.28
C VAL J 66 12.10 12.36 9.44
N GLY J 67 12.64 13.56 9.65
CA GLY J 67 14.07 13.72 9.79
C GLY J 67 14.62 13.16 11.08
N LYS J 68 15.69 12.38 11.00
CA LYS J 68 16.36 11.84 12.17
C LYS J 68 17.87 11.99 12.01
N GLU J 69 18.55 12.22 13.12
CA GLU J 69 19.99 12.42 13.12
C GLU J 69 20.67 11.28 13.88
N PHE J 70 21.70 10.71 13.26
CA PHE J 70 22.47 9.64 13.86
C PHE J 70 23.94 9.95 13.71
N ASN J 71 24.73 9.46 14.67
CA ASN J 71 26.17 9.72 14.67
C ASN J 71 26.89 8.65 13.86
N HIS J 72 28.21 8.78 13.78
CA HIS J 72 29.04 7.89 12.92
C HIS J 72 28.96 6.43 13.36
N LEU J 73 28.65 6.17 14.62
CA LEU J 73 28.64 4.82 15.15
C LEU J 73 27.25 4.19 15.13
N GLU J 74 26.28 4.86 14.51
CA GLU J 74 24.90 4.40 14.43
C GLU J 74 24.46 4.29 12.98
N LYS J 75 25.32 3.71 12.15
CA LYS J 75 25.03 3.60 10.72
C LYS J 75 23.91 2.60 10.44
N ARG J 76 23.83 1.54 11.23
CA ARG J 76 22.80 0.53 11.01
C ARG J 76 21.40 1.10 11.21
N ILE J 77 21.21 1.90 12.26
CA ILE J 77 19.89 2.47 12.53
C ILE J 77 19.54 3.50 11.46
N GLU J 78 20.54 4.24 10.98
CA GLU J 78 20.34 5.17 9.88
C GLU J 78 19.91 4.42 8.61
N ASN J 79 20.52 3.26 8.36
CA ASN J 79 20.11 2.44 7.23
C ASN J 79 18.69 1.93 7.40
N LEU J 80 18.31 1.57 8.62
CA LEU J 80 16.94 1.14 8.88
C LEU J 80 15.94 2.27 8.60
N ASN J 81 16.28 3.48 9.04
CA ASN J 81 15.43 4.63 8.78
C ASN J 81 15.31 4.89 7.28
N LYS J 82 16.43 4.80 6.57
CA LYS J 82 16.39 4.99 5.10
C LYS J 82 15.48 3.93 4.49
N LYS J 83 15.63 2.68 4.92
CA LYS J 83 14.81 1.62 4.37
C LYS J 83 13.34 1.89 4.58
N VAL J 84 12.96 2.35 5.77
CA VAL J 84 11.57 2.68 6.04
C VAL J 84 11.09 3.77 5.10
N ASP J 85 11.89 4.83 4.96
CA ASP J 85 11.51 5.94 4.10
C ASP J 85 11.36 5.51 2.64
N ASP J 86 12.31 4.73 2.15
CA ASP J 86 12.26 4.27 0.76
C ASP J 86 11.08 3.35 0.52
N GLY J 87 10.79 2.46 1.47
CA GLY J 87 9.62 1.59 1.31
C GLY J 87 8.33 2.38 1.27
N PHE J 88 8.19 3.37 2.15
CA PHE J 88 7.00 4.21 2.11
C PHE J 88 6.90 4.96 0.79
N LEU J 89 8.02 5.49 0.30
CA LEU J 89 8.01 6.22 -0.96
C LEU J 89 7.58 5.31 -2.11
N ASP J 90 8.12 4.09 -2.16
CA ASP J 90 7.77 3.17 -3.23
C ASP J 90 6.29 2.79 -3.18
N ILE J 91 5.80 2.45 -1.98
CA ILE J 91 4.40 2.08 -1.84
C ILE J 91 3.50 3.22 -2.29
N TRP J 92 3.80 4.43 -1.83
CA TRP J 92 2.91 5.55 -2.12
C TRP J 92 2.95 5.95 -3.59
N THR J 93 4.14 5.93 -4.21
CA THR J 93 4.19 6.28 -5.63
C THR J 93 3.46 5.25 -6.48
N TYR J 94 3.65 3.97 -6.19
CA TYR J 94 2.93 2.95 -6.97
C TYR J 94 1.43 3.08 -6.78
N ASN J 95 0.98 3.24 -5.54
CA ASN J 95 -0.45 3.33 -5.26
C ASN J 95 -1.06 4.56 -5.92
N ALA J 96 -0.39 5.72 -5.81
CA ALA J 96 -0.94 6.95 -6.38
C ALA J 96 -1.05 6.85 -7.89
N GLU J 97 0.03 6.39 -8.55
CA GLU J 97 -0.01 6.26 -10.00
C GLU J 97 -1.12 5.32 -10.45
N LEU J 98 -1.18 4.12 -9.86
CA LEU J 98 -2.20 3.17 -10.26
C LEU J 98 -3.60 3.68 -9.98
N LEU J 99 -3.81 4.34 -8.84
CA LEU J 99 -5.13 4.87 -8.50
C LEU J 99 -5.58 5.91 -9.53
N VAL J 100 -4.69 6.85 -9.88
CA VAL J 100 -5.07 7.87 -10.85
C VAL J 100 -5.37 7.23 -12.21
N LEU J 101 -4.53 6.28 -12.62
CA LEU J 101 -4.74 5.64 -13.91
C LEU J 101 -6.07 4.90 -13.96
N LEU J 102 -6.45 4.23 -12.87
CA LEU J 102 -7.70 3.48 -12.87
C LEU J 102 -8.92 4.39 -12.81
N GLU J 103 -8.86 5.43 -11.96
CA GLU J 103 -10.02 6.30 -11.83
C GLU J 103 -10.24 7.15 -13.07
N ASN J 104 -9.17 7.42 -13.83
CA ASN J 104 -9.36 8.10 -15.11
C ASN J 104 -10.21 7.24 -16.05
N GLU J 105 -9.93 5.94 -16.12
CA GLU J 105 -10.78 5.01 -16.85
C GLU J 105 -12.21 5.03 -16.34
N ARG J 106 -12.36 4.96 -15.02
CA ARG J 106 -13.70 4.93 -14.46
C ARG J 106 -14.48 6.17 -14.86
N THR J 107 -13.85 7.34 -14.81
CA THR J 107 -14.54 8.57 -15.15
C THR J 107 -14.92 8.63 -16.63
N LEU J 108 -13.97 8.25 -17.51
CA LEU J 108 -14.25 8.33 -18.93
C LEU J 108 -15.36 7.36 -19.34
N ASP J 109 -15.31 6.12 -18.86
CA ASP J 109 -16.40 5.19 -19.13
C ASP J 109 -17.70 5.62 -18.45
N TYR J 110 -17.63 6.31 -17.31
CA TYR J 110 -18.84 6.82 -16.68
C TYR J 110 -19.53 7.84 -17.58
N HIS J 111 -18.77 8.74 -18.18
CA HIS J 111 -19.36 9.70 -19.11
C HIS J 111 -19.91 9.02 -20.36
N ASP J 112 -19.14 8.07 -20.90
CA ASP J 112 -19.60 7.34 -22.08
C ASP J 112 -20.87 6.56 -21.81
N SER J 113 -21.06 6.06 -20.59
CA SER J 113 -22.30 5.38 -20.25
C SER J 113 -23.47 6.35 -20.19
N ASN J 114 -23.24 7.56 -19.68
CA ASN J 114 -24.28 8.58 -19.58
C ASN J 114 -24.80 8.97 -20.95
N VAL J 115 -23.89 9.19 -21.90
CA VAL J 115 -24.32 9.55 -23.26
C VAL J 115 -25.17 8.44 -23.88
N LYS J 116 -24.72 7.20 -23.74
CA LYS J 116 -25.47 6.05 -24.28
C LYS J 116 -26.84 6.01 -23.63
N ASN J 117 -26.89 6.12 -22.31
CA ASN J 117 -28.18 6.04 -21.62
C ASN J 117 -29.14 7.12 -22.11
N LEU J 118 -28.65 8.33 -22.33
CA LEU J 118 -29.51 9.37 -22.89
C LEU J 118 -30.02 8.97 -24.27
N TYR J 119 -29.15 8.44 -25.12
CA TYR J 119 -29.56 8.04 -26.46
C TYR J 119 -30.61 6.92 -26.42
N GLU J 120 -30.45 6.00 -25.49
CA GLU J 120 -31.39 4.85 -25.47
C GLU J 120 -32.70 5.30 -24.86
N LYS J 121 -32.64 6.20 -23.90
CA LYS J 121 -33.88 6.72 -23.33
C LYS J 121 -34.70 7.44 -24.41
N VAL J 122 -34.05 8.29 -25.20
CA VAL J 122 -34.76 8.99 -26.27
C VAL J 122 -35.30 8.00 -27.29
N ARG J 123 -34.47 7.01 -27.67
CA ARG J 123 -34.88 6.05 -28.69
C ARG J 123 -36.07 5.22 -28.23
N ASN J 124 -36.02 4.71 -27.00
CA ASN J 124 -37.15 3.94 -26.47
C ASN J 124 -38.37 4.81 -26.29
N GLN J 125 -38.17 6.11 -26.10
CA GLN J 125 -39.31 7.01 -25.92
C GLN J 125 -39.98 7.35 -27.25
N LEU J 126 -39.23 7.38 -28.35
CA LEU J 126 -39.82 7.68 -29.66
C LEU J 126 -40.31 6.45 -30.41
N LYS J 127 -39.73 5.28 -30.15
CA LYS J 127 -40.04 4.04 -30.87
C LYS J 127 -39.92 4.21 -32.38
N ASN J 128 -40.97 3.89 -33.12
CA ASN J 128 -40.93 3.92 -34.57
C ASN J 128 -41.50 5.19 -35.18
N ASN J 129 -41.78 6.22 -34.36
CA ASN J 129 -42.18 7.50 -34.90
C ASN J 129 -41.02 8.25 -35.54
N ALA J 130 -39.79 7.80 -35.30
CA ALA J 130 -38.60 8.45 -35.84
C ALA J 130 -37.73 7.41 -36.51
N LYS J 131 -36.78 7.90 -37.30
CA LYS J 131 -35.81 7.07 -38.00
C LYS J 131 -34.43 7.36 -37.44
N GLU J 132 -33.66 6.30 -37.19
CA GLU J 132 -32.32 6.42 -36.64
C GLU J 132 -31.34 6.62 -37.78
N ILE J 133 -30.73 7.80 -37.86
CA ILE J 133 -29.81 8.11 -38.95
C ILE J 133 -28.54 7.29 -38.83
N GLY J 134 -27.98 7.22 -37.62
CA GLY J 134 -26.74 6.49 -37.42
C GLY J 134 -25.65 7.34 -36.81
N ASN J 135 -25.61 8.62 -37.16
CA ASN J 135 -24.65 9.55 -36.57
C ASN J 135 -24.94 9.82 -35.11
N GLY J 136 -26.11 9.43 -34.59
CA GLY J 136 -26.54 9.76 -33.20
C GLY J 136 -27.81 10.60 -33.25
N CYS J 137 -28.44 10.70 -34.42
CA CYS J 137 -29.58 11.61 -34.65
C CYS J 137 -30.88 10.85 -34.93
N PHE J 138 -32.03 11.53 -34.87
CA PHE J 138 -33.36 10.92 -35.05
C PHE J 138 -34.16 11.85 -35.94
N GLU J 139 -34.54 11.41 -37.14
CA GLU J 139 -35.37 12.23 -38.03
C GLU J 139 -36.82 11.83 -37.83
N PHE J 140 -37.66 12.78 -37.46
CA PHE J 140 -39.06 12.50 -37.19
C PHE J 140 -39.83 12.23 -38.47
N TYR J 141 -40.71 11.23 -38.42
CA TYR J 141 -41.64 11.00 -39.51
C TYR J 141 -42.86 11.91 -39.43
N HIS J 142 -43.06 12.58 -38.31
CA HIS J 142 -44.18 13.47 -38.10
C HIS J 142 -43.66 14.86 -37.76
N LYS J 143 -44.30 15.89 -38.30
CA LYS J 143 -43.89 17.25 -38.03
C LYS J 143 -44.34 17.67 -36.64
N CYS J 144 -43.38 17.87 -35.74
CA CYS J 144 -43.74 18.24 -34.38
C CYS J 144 -42.89 19.43 -33.95
N ASP J 145 -43.51 20.30 -33.15
CA ASP J 145 -43.01 21.63 -32.85
C ASP J 145 -42.12 21.62 -31.61
N ASN J 146 -41.86 22.83 -31.10
CA ASN J 146 -40.98 22.97 -29.94
C ASN J 146 -41.54 22.29 -28.70
N THR J 147 -42.86 22.29 -28.54
CA THR J 147 -43.46 21.60 -27.40
C THR J 147 -43.19 20.10 -27.46
N CYS J 148 -43.24 19.53 -28.66
CA CYS J 148 -42.98 18.11 -28.83
C CYS J 148 -41.57 17.73 -28.39
N MET J 149 -40.57 18.50 -28.81
CA MET J 149 -39.21 18.16 -28.41
C MET J 149 -38.93 18.55 -26.96
N GLU J 150 -39.60 19.56 -26.42
CA GLU J 150 -39.50 19.81 -24.99
C GLU J 150 -40.05 18.61 -24.22
N SER J 151 -41.12 17.99 -24.73
CA SER J 151 -41.65 16.77 -24.12
C SER J 151 -40.69 15.60 -24.25
N VAL J 152 -40.04 15.47 -25.40
CA VAL J 152 -39.08 14.38 -25.59
C VAL J 152 -37.91 14.54 -24.62
N LYS J 153 -37.42 15.78 -24.47
CA LYS J 153 -36.37 16.05 -23.51
C LYS J 153 -36.85 15.76 -22.08
N ASN J 154 -38.08 16.17 -21.76
CA ASN J 154 -38.61 15.92 -20.43
C ASN J 154 -38.83 14.44 -20.18
N GLY J 155 -39.37 13.74 -21.17
CA GLY J 155 -39.66 12.33 -21.01
C GLY J 155 -41.14 12.03 -21.06
N THR J 156 -41.91 12.95 -21.66
CA THR J 156 -43.36 12.83 -21.71
C THR J 156 -43.87 12.80 -23.14
N TYR J 157 -43.15 12.12 -24.03
CA TYR J 157 -43.57 12.03 -25.43
C TYR J 157 -44.85 11.23 -25.53
N ASP J 158 -45.86 11.82 -26.17
CA ASP J 158 -47.15 11.17 -26.36
C ASP J 158 -47.11 10.42 -27.68
N TYR J 159 -46.64 9.19 -27.63
CA TYR J 159 -46.57 8.34 -28.85
C TYR J 159 -47.95 8.20 -29.45
N PRO J 160 -49.02 7.76 -28.76
CA PRO J 160 -50.31 7.57 -29.45
C PRO J 160 -50.80 8.81 -30.17
N LYS J 161 -50.45 10.00 -29.68
CA LYS J 161 -50.90 11.23 -30.31
C LYS J 161 -50.39 11.37 -31.73
N TYR J 162 -49.10 11.05 -31.94
CA TYR J 162 -48.46 11.24 -33.24
C TYR J 162 -48.35 9.95 -34.03
N SER J 163 -48.88 8.83 -33.52
CA SER J 163 -48.72 7.56 -34.22
C SER J 163 -49.41 7.56 -35.57
N GLU J 164 -50.69 7.93 -35.61
CA GLU J 164 -51.44 7.92 -36.87
C GLU J 164 -50.83 8.86 -37.88
N GLU J 165 -50.35 10.02 -37.42
CA GLU J 165 -49.64 10.93 -38.32
C GLU J 165 -48.36 10.30 -38.84
N ALA J 166 -47.65 9.57 -37.99
CA ALA J 166 -46.37 8.97 -38.39
C ALA J 166 -46.57 7.75 -39.28
N LYS J 167 -47.69 7.05 -39.14
CA LYS J 167 -47.91 5.85 -39.93
C LYS J 167 -48.00 6.17 -41.43
N LEU J 168 -48.69 7.25 -41.77
CA LEU J 168 -48.87 7.61 -43.17
C LEU J 168 -47.55 7.93 -43.87
N ASN J 169 -46.62 8.61 -43.19
CA ASN J 169 -45.36 8.99 -43.80
C ASN J 169 -44.27 7.93 -43.69
N ARG J 170 -44.51 6.87 -42.94
CA ARG J 170 -43.52 5.83 -42.77
C ARG J 170 -43.59 4.82 -43.90
N LEU K 2 -20.07 -6.31 -17.22
CA LEU K 2 -20.12 -7.30 -18.29
C LEU K 2 -21.14 -6.92 -19.35
N PHE K 3 -20.80 -7.15 -20.62
CA PHE K 3 -21.66 -6.63 -21.73
C PHE K 3 -22.49 -7.69 -22.41
N GLY K 4 -22.13 -8.96 -22.32
CA GLY K 4 -23.02 -10.02 -22.82
C GLY K 4 -22.64 -10.66 -24.12
N ALA K 5 -21.41 -10.49 -24.60
CA ALA K 5 -21.09 -11.05 -25.93
C ALA K 5 -20.24 -12.31 -25.78
N ILE K 6 -19.01 -12.18 -25.30
CA ILE K 6 -18.13 -13.36 -25.11
C ILE K 6 -18.79 -14.26 -24.07
N ALA K 7 -18.96 -15.54 -24.40
CA ALA K 7 -19.61 -16.52 -23.51
C ALA K 7 -21.02 -16.03 -23.19
N GLY K 8 -21.74 -15.56 -24.21
CA GLY K 8 -23.10 -15.03 -24.02
C GLY K 8 -23.91 -15.13 -25.28
N PHE K 9 -24.23 -14.00 -25.91
CA PHE K 9 -25.00 -14.02 -27.18
C PHE K 9 -24.15 -14.71 -28.24
N ILE K 10 -22.84 -14.53 -28.24
CA ILE K 10 -21.96 -15.31 -29.15
C ILE K 10 -21.44 -16.42 -28.24
N GLU K 11 -21.94 -17.65 -28.39
CA GLU K 11 -21.66 -18.70 -27.42
C GLU K 11 -20.27 -19.29 -27.53
N GLY K 12 -19.52 -19.01 -28.59
CA GLY K 12 -18.23 -19.63 -28.73
C GLY K 12 -17.26 -18.94 -29.65
N GLY K 13 -15.97 -19.09 -29.36
CA GLY K 13 -14.92 -18.55 -30.19
C GLY K 13 -14.66 -19.42 -31.40
N TRP K 14 -13.82 -18.90 -32.29
CA TRP K 14 -13.50 -19.57 -33.55
C TRP K 14 -12.01 -19.90 -33.56
N THR K 15 -11.70 -21.20 -33.61
CA THR K 15 -10.31 -21.62 -33.72
C THR K 15 -9.77 -21.35 -35.12
N GLY K 16 -10.65 -21.39 -36.12
CA GLY K 16 -10.23 -21.14 -37.49
C GLY K 16 -9.83 -19.71 -37.78
N MET K 17 -10.30 -18.76 -36.97
CA MET K 17 -9.91 -17.37 -37.14
C MET K 17 -8.61 -17.14 -36.39
N VAL K 18 -7.54 -16.85 -37.14
CA VAL K 18 -6.21 -16.69 -36.57
C VAL K 18 -5.57 -15.37 -36.92
N ASP K 19 -6.23 -14.50 -37.67
CA ASP K 19 -5.66 -13.23 -38.09
C ASP K 19 -6.04 -12.07 -37.17
N GLY K 20 -6.79 -12.33 -36.11
CA GLY K 20 -7.14 -11.26 -35.20
C GLY K 20 -8.01 -11.77 -34.07
N TRP K 21 -8.20 -10.91 -33.08
CA TRP K 21 -9.00 -11.25 -31.91
C TRP K 21 -10.49 -11.21 -32.19
N TYR K 22 -10.95 -10.27 -33.01
CA TYR K 22 -12.35 -10.12 -33.35
C TYR K 22 -12.47 -10.15 -34.87
N GLY K 23 -13.59 -10.66 -35.36
CA GLY K 23 -13.73 -10.77 -36.80
C GLY K 23 -15.08 -11.22 -37.31
N TYR K 24 -15.12 -11.52 -38.61
CA TYR K 24 -16.34 -11.84 -39.33
C TYR K 24 -16.18 -13.17 -40.02
N HIS K 25 -17.29 -13.88 -40.17
CA HIS K 25 -17.38 -15.08 -40.99
C HIS K 25 -18.50 -14.88 -41.99
N HIS K 26 -18.16 -14.87 -43.28
CA HIS K 26 -19.12 -14.60 -44.32
C HIS K 26 -19.41 -15.87 -45.12
N GLN K 27 -20.70 -16.04 -45.44
CA GLN K 27 -21.20 -17.18 -46.20
C GLN K 27 -21.99 -16.62 -47.38
N ASN K 28 -21.45 -16.81 -48.58
CA ASN K 28 -21.97 -16.25 -49.81
C ASN K 28 -22.14 -17.35 -50.86
N GLU K 29 -22.49 -16.93 -52.07
CA GLU K 29 -22.48 -17.85 -53.21
C GLU K 29 -21.09 -17.97 -53.82
N GLN K 30 -20.18 -17.05 -53.52
CA GLN K 30 -18.81 -17.14 -53.98
C GLN K 30 -17.92 -17.95 -53.04
N GLY K 31 -18.43 -18.33 -51.87
CA GLY K 31 -17.65 -19.10 -50.91
C GLY K 31 -17.68 -18.52 -49.52
N SER K 32 -17.38 -19.34 -48.52
CA SER K 32 -17.34 -18.92 -47.13
C SER K 32 -15.92 -18.55 -46.73
N GLY K 33 -15.82 -17.85 -45.61
CA GLY K 33 -14.49 -17.51 -45.12
C GLY K 33 -14.55 -16.72 -43.82
N TYR K 34 -13.38 -16.66 -43.18
CA TYR K 34 -13.15 -15.80 -42.03
C TYR K 34 -12.34 -14.58 -42.44
N ALA K 35 -12.47 -13.51 -41.66
CA ALA K 35 -11.74 -12.27 -41.93
C ALA K 35 -11.70 -11.45 -40.66
N ALA K 36 -10.50 -11.16 -40.17
CA ALA K 36 -10.36 -10.42 -38.93
C ALA K 36 -10.66 -8.94 -39.13
N ASP K 37 -11.00 -8.27 -38.04
CA ASP K 37 -11.15 -6.81 -38.01
C ASP K 37 -9.83 -6.24 -37.51
N LEU K 38 -8.98 -5.82 -38.45
CA LEU K 38 -7.62 -5.43 -38.10
C LEU K 38 -7.58 -4.20 -37.21
N LYS K 39 -8.46 -3.22 -37.46
CA LYS K 39 -8.44 -1.99 -36.67
C LYS K 39 -8.78 -2.25 -35.21
N SER K 40 -9.86 -2.97 -34.95
CA SER K 40 -10.26 -3.25 -33.57
C SER K 40 -9.19 -4.10 -32.87
N THR K 41 -8.65 -5.10 -33.57
CA THR K 41 -7.59 -5.91 -33.00
C THR K 41 -6.37 -5.09 -32.65
N GLN K 42 -5.97 -4.17 -33.53
CA GLN K 42 -4.81 -3.34 -33.24
C GLN K 42 -5.07 -2.38 -32.07
N ASN K 43 -6.26 -1.81 -32.00
CA ASN K 43 -6.60 -0.95 -30.87
C ASN K 43 -6.53 -1.73 -29.57
N ALA K 44 -7.06 -2.96 -29.57
CA ALA K 44 -6.99 -3.79 -28.38
C ALA K 44 -5.55 -4.12 -28.01
N ILE K 45 -4.72 -4.42 -29.01
CA ILE K 45 -3.32 -4.73 -28.75
C ILE K 45 -2.63 -3.53 -28.12
N ASP K 46 -2.87 -2.34 -28.67
CA ASP K 46 -2.26 -1.13 -28.13
C ASP K 46 -2.68 -0.88 -26.69
N LYS K 47 -3.96 -1.02 -26.39
CA LYS K 47 -4.42 -0.76 -25.03
C LYS K 47 -3.95 -1.83 -24.03
N ILE K 48 -3.87 -3.09 -24.44
CA ILE K 48 -3.35 -4.12 -23.55
C ILE K 48 -1.87 -3.91 -23.31
N THR K 49 -1.12 -3.51 -24.34
CA THR K 49 0.28 -3.17 -24.16
C THR K 49 0.42 -2.02 -23.19
N ASN K 50 -0.46 -1.02 -23.30
CA ASN K 50 -0.45 0.10 -22.37
C ASN K 50 -0.69 -0.36 -20.94
N LYS K 51 -1.65 -1.27 -20.74
CA LYS K 51 -1.95 -1.75 -19.39
C LYS K 51 -0.77 -2.50 -18.81
N VAL K 52 -0.14 -3.37 -19.61
CA VAL K 52 1.03 -4.10 -19.14
C VAL K 52 2.16 -3.14 -18.78
N ASN K 53 2.40 -2.14 -19.64
CA ASN K 53 3.45 -1.18 -19.36
C ASN K 53 3.17 -0.39 -18.09
N SER K 54 1.91 -0.01 -17.87
CA SER K 54 1.55 0.70 -16.65
C SER K 54 1.78 -0.16 -15.42
N VAL K 55 1.44 -1.43 -15.49
CA VAL K 55 1.61 -2.31 -14.33
C VAL K 55 3.10 -2.53 -14.06
N ILE K 56 3.92 -2.65 -15.10
CA ILE K 56 5.32 -3.00 -14.90
C ILE K 56 6.17 -1.76 -14.64
N GLU K 57 6.04 -0.74 -15.47
CA GLU K 57 6.99 0.38 -15.51
C GLU K 57 6.59 1.52 -14.57
N LYS K 58 5.85 1.23 -13.50
CA LYS K 58 5.51 2.25 -12.52
C LYS K 58 6.05 1.91 -11.13
N MET K 59 6.90 0.90 -11.03
CA MET K 59 7.31 0.44 -9.68
C MET K 59 8.37 1.37 -9.07
N ASN K 60 9.31 1.86 -9.87
CA ASN K 60 10.34 2.79 -9.41
C ASN K 60 11.11 2.21 -8.22
N THR K 61 11.82 1.12 -8.49
CA THR K 61 12.69 0.51 -7.49
C THR K 61 13.99 1.31 -7.36
N GLN K 62 14.71 1.03 -6.28
CA GLN K 62 15.96 1.72 -6.02
C GLN K 62 16.88 0.81 -5.21
N PHE K 63 18.17 1.13 -5.23
CA PHE K 63 19.17 0.29 -4.59
C PHE K 63 18.94 0.21 -3.08
N THR K 64 19.04 -1.01 -2.55
CA THR K 64 18.86 -1.23 -1.12
C THR K 64 19.53 -2.53 -0.73
N ALA K 65 19.82 -2.66 0.56
CA ALA K 65 20.33 -3.89 1.17
C ALA K 65 19.43 -4.21 2.35
N VAL K 66 18.53 -5.18 2.16
CA VAL K 66 17.53 -5.48 3.17
C VAL K 66 18.18 -6.05 4.43
N GLY K 67 19.15 -6.95 4.26
CA GLY K 67 19.71 -7.65 5.41
C GLY K 67 20.48 -6.73 6.32
N LYS K 68 20.24 -6.86 7.63
CA LYS K 68 20.96 -6.15 8.66
C LYS K 68 21.38 -7.13 9.74
N GLU K 69 22.53 -6.87 10.35
CA GLU K 69 23.09 -7.74 11.37
C GLU K 69 23.16 -7.01 12.71
N PHE K 70 22.62 -7.64 13.74
CA PHE K 70 22.60 -7.09 15.09
C PHE K 70 23.11 -8.13 16.06
N ASN K 71 23.76 -7.67 17.13
CA ASN K 71 24.29 -8.58 18.14
C ASN K 71 23.19 -8.95 19.14
N HIS K 72 23.59 -9.69 20.18
CA HIS K 72 22.62 -10.26 21.09
C HIS K 72 22.04 -9.25 22.08
N LEU K 73 22.59 -8.03 22.14
CA LEU K 73 22.08 -6.98 23.00
C LEU K 73 21.29 -5.94 22.22
N GLU K 74 20.95 -6.24 20.97
CA GLU K 74 20.14 -5.37 20.13
C GLU K 74 18.93 -6.12 19.60
N LYS K 75 18.24 -6.84 20.48
CA LYS K 75 17.08 -7.62 20.08
C LYS K 75 15.90 -6.74 19.70
N ARG K 76 15.74 -5.60 20.37
CA ARG K 76 14.63 -4.70 20.06
C ARG K 76 14.76 -4.13 18.66
N ILE K 77 15.96 -3.73 18.27
CA ILE K 77 16.17 -3.15 16.94
C ILE K 77 15.98 -4.22 15.88
N GLU K 78 16.43 -5.44 16.16
CA GLU K 78 16.20 -6.55 15.24
C GLU K 78 14.71 -6.82 15.06
N ASN K 79 13.95 -6.78 16.16
CA ASN K 79 12.51 -6.98 16.06
C ASN K 79 11.84 -5.84 15.30
N LEU K 80 12.35 -4.61 15.45
CA LEU K 80 11.84 -3.49 14.67
C LEU K 80 12.09 -3.69 13.18
N ASN K 81 13.29 -4.15 12.83
CA ASN K 81 13.61 -4.45 11.44
C ASN K 81 12.71 -5.53 10.89
N LYS K 82 12.46 -6.57 11.68
CA LYS K 82 11.55 -7.63 11.28
C LYS K 82 10.14 -7.09 11.06
N LYS K 83 9.71 -6.19 11.94
CA LYS K 83 8.38 -5.58 11.79
C LYS K 83 8.27 -4.80 10.50
N VAL K 84 9.31 -4.04 10.17
CA VAL K 84 9.31 -3.28 8.92
C VAL K 84 9.23 -4.23 7.72
N ASP K 85 10.06 -5.27 7.74
CA ASP K 85 10.09 -6.22 6.62
C ASP K 85 8.75 -6.91 6.44
N ASP K 86 8.16 -7.37 7.54
CA ASP K 86 6.86 -8.05 7.50
C ASP K 86 5.76 -7.12 7.03
N GLY K 87 5.75 -5.87 7.51
CA GLY K 87 4.73 -4.93 7.06
C GLY K 87 4.83 -4.67 5.57
N PHE K 88 6.04 -4.46 5.06
CA PHE K 88 6.21 -4.27 3.64
C PHE K 88 5.77 -5.50 2.85
N LEU K 89 6.10 -6.69 3.36
CA LEU K 89 5.71 -7.92 2.68
C LEU K 89 4.21 -8.04 2.58
N ASP K 90 3.50 -7.82 3.69
CA ASP K 90 2.04 -7.92 3.67
C ASP K 90 1.42 -6.88 2.74
N ILE K 91 1.90 -5.63 2.81
CA ILE K 91 1.35 -4.59 1.94
C ILE K 91 1.53 -4.96 0.48
N TRP K 92 2.74 -5.38 0.10
CA TRP K 92 3.01 -5.65 -1.30
C TRP K 92 2.27 -6.89 -1.78
N THR K 93 2.16 -7.93 -0.96
CA THR K 93 1.44 -9.11 -1.40
C THR K 93 -0.05 -8.82 -1.59
N TYR K 94 -0.66 -8.10 -0.63
CA TYR K 94 -2.07 -7.76 -0.79
C TYR K 94 -2.31 -6.89 -2.00
N ASN K 95 -1.46 -5.88 -2.20
CA ASN K 95 -1.62 -4.98 -3.34
C ASN K 95 -1.45 -5.72 -4.65
N ALA K 96 -0.45 -6.61 -4.75
CA ALA K 96 -0.20 -7.34 -5.98
C ALA K 96 -1.37 -8.27 -6.33
N GLU K 97 -1.84 -9.05 -5.36
CA GLU K 97 -2.98 -9.92 -5.61
C GLU K 97 -4.19 -9.12 -6.07
N LEU K 98 -4.57 -8.09 -5.31
CA LEU K 98 -5.78 -7.35 -5.66
C LEU K 98 -5.65 -6.64 -6.99
N LEU K 99 -4.46 -6.09 -7.28
CA LEU K 99 -4.23 -5.42 -8.56
C LEU K 99 -4.41 -6.38 -9.72
N VAL K 100 -3.82 -7.56 -9.63
CA VAL K 100 -3.94 -8.53 -10.72
C VAL K 100 -5.40 -8.96 -10.89
N LEU K 101 -6.08 -9.21 -9.77
CA LEU K 101 -7.47 -9.63 -9.83
C LEU K 101 -8.35 -8.56 -10.48
N LEU K 102 -8.08 -7.29 -10.20
CA LEU K 102 -8.87 -6.22 -10.79
C LEU K 102 -8.57 -6.07 -12.28
N GLU K 103 -7.30 -6.01 -12.65
CA GLU K 103 -6.97 -5.82 -14.05
C GLU K 103 -7.43 -6.98 -14.92
N ASN K 104 -7.51 -8.19 -14.37
CA ASN K 104 -7.98 -9.30 -15.17
C ASN K 104 -9.45 -9.11 -15.59
N GLU K 105 -10.31 -8.73 -14.65
CA GLU K 105 -11.70 -8.49 -15.00
C GLU K 105 -11.82 -7.30 -15.94
N ARG K 106 -11.02 -6.25 -15.71
CA ARG K 106 -11.07 -5.12 -16.62
C ARG K 106 -10.71 -5.53 -18.04
N THR K 107 -9.68 -6.35 -18.19
CA THR K 107 -9.27 -6.81 -19.52
C THR K 107 -10.35 -7.64 -20.19
N LEU K 108 -10.92 -8.58 -19.45
CA LEU K 108 -11.95 -9.44 -20.04
C LEU K 108 -13.19 -8.64 -20.43
N ASP K 109 -13.60 -7.70 -19.58
CA ASP K 109 -14.74 -6.85 -19.92
C ASP K 109 -14.44 -5.95 -21.10
N TYR K 110 -13.18 -5.49 -21.23
CA TYR K 110 -12.80 -4.70 -22.39
C TYR K 110 -12.95 -5.50 -23.67
N HIS K 111 -12.52 -6.75 -23.66
CA HIS K 111 -12.68 -7.61 -24.83
C HIS K 111 -14.17 -7.84 -25.15
N ASP K 112 -14.96 -8.08 -24.11
CA ASP K 112 -16.40 -8.29 -24.32
C ASP K 112 -17.04 -7.06 -24.93
N SER K 113 -16.67 -5.87 -24.44
CA SER K 113 -17.19 -4.63 -24.99
C SER K 113 -16.78 -4.44 -26.44
N ASN K 114 -15.55 -4.82 -26.78
CA ASN K 114 -15.11 -4.71 -28.17
C ASN K 114 -15.97 -5.57 -29.09
N VAL K 115 -16.24 -6.81 -28.67
CA VAL K 115 -17.08 -7.68 -29.49
C VAL K 115 -18.49 -7.11 -29.62
N LYS K 116 -19.06 -6.62 -28.52
CA LYS K 116 -20.40 -6.05 -28.58
C LYS K 116 -20.46 -4.83 -29.48
N ASN K 117 -19.43 -3.99 -29.43
CA ASN K 117 -19.41 -2.80 -30.26
C ASN K 117 -19.30 -3.15 -31.74
N LEU K 118 -18.50 -4.18 -32.06
CA LEU K 118 -18.45 -4.65 -33.44
C LEU K 118 -19.84 -5.10 -33.92
N TYR K 119 -20.53 -5.87 -33.09
CA TYR K 119 -21.86 -6.33 -33.43
C TYR K 119 -22.83 -5.17 -33.64
N GLU K 120 -22.77 -4.19 -32.74
CA GLU K 120 -23.69 -3.05 -32.84
C GLU K 120 -23.40 -2.21 -34.08
N LYS K 121 -22.12 -2.04 -34.42
CA LYS K 121 -21.79 -1.31 -35.64
C LYS K 121 -22.35 -2.01 -36.87
N VAL K 122 -22.18 -3.33 -36.95
CA VAL K 122 -22.71 -4.06 -38.11
C VAL K 122 -24.22 -3.97 -38.16
N ARG K 123 -24.87 -4.10 -36.99
CA ARG K 123 -26.33 -4.02 -36.94
C ARG K 123 -26.85 -2.66 -37.38
N ASN K 124 -26.20 -1.59 -36.91
CA ASN K 124 -26.63 -0.25 -37.28
C ASN K 124 -26.39 0.02 -38.76
N GLN K 125 -25.32 -0.54 -39.33
CA GLN K 125 -25.12 -0.42 -40.77
C GLN K 125 -26.22 -1.12 -41.54
N LEU K 126 -26.54 -2.36 -41.17
CA LEU K 126 -27.47 -3.17 -41.95
C LEU K 126 -28.92 -2.74 -41.80
N LYS K 127 -29.36 -2.37 -40.59
CA LYS K 127 -30.75 -2.02 -40.33
C LYS K 127 -31.68 -3.16 -40.72
N ASN K 128 -32.77 -2.85 -41.41
CA ASN K 128 -33.78 -3.84 -41.75
C ASN K 128 -33.48 -4.58 -43.05
N ASN K 129 -32.34 -4.31 -43.69
CA ASN K 129 -31.94 -5.08 -44.85
C ASN K 129 -31.54 -6.50 -44.49
N ALA K 130 -31.26 -6.76 -43.22
CA ALA K 130 -30.87 -8.09 -42.76
C ALA K 130 -31.73 -8.48 -41.57
N LYS K 131 -31.77 -9.78 -41.31
CA LYS K 131 -32.51 -10.33 -40.18
C LYS K 131 -31.52 -10.90 -39.17
N GLU K 132 -31.74 -10.60 -37.90
CA GLU K 132 -30.86 -11.08 -36.83
C GLU K 132 -31.27 -12.48 -36.41
N ILE K 133 -30.41 -13.47 -36.68
CA ILE K 133 -30.71 -14.84 -36.28
C ILE K 133 -30.62 -14.98 -34.77
N GLY K 134 -29.59 -14.42 -34.15
CA GLY K 134 -29.42 -14.44 -32.71
C GLY K 134 -28.09 -14.99 -32.24
N ASN K 135 -27.50 -15.93 -32.98
CA ASN K 135 -26.19 -16.45 -32.61
C ASN K 135 -25.10 -15.40 -32.69
N GLY K 136 -25.41 -14.23 -33.23
CA GLY K 136 -24.38 -13.22 -33.51
C GLY K 136 -24.30 -13.10 -35.02
N CYS K 137 -25.25 -13.69 -35.74
CA CYS K 137 -25.22 -13.74 -37.21
C CYS K 137 -26.30 -12.84 -37.83
N PHE K 138 -26.24 -12.58 -39.14
CA PHE K 138 -27.21 -11.71 -39.86
C PHE K 138 -27.47 -12.29 -41.24
N GLU K 139 -28.72 -12.66 -41.55
CA GLU K 139 -29.06 -13.20 -42.85
C GLU K 139 -29.62 -12.09 -43.73
N PHE K 140 -29.00 -11.90 -44.89
CA PHE K 140 -29.35 -10.81 -45.78
C PHE K 140 -30.64 -11.12 -46.53
N TYR K 141 -31.52 -10.13 -46.64
CA TYR K 141 -32.70 -10.26 -47.48
C TYR K 141 -32.37 -10.06 -48.95
N HIS K 142 -31.22 -9.47 -49.25
CA HIS K 142 -30.79 -9.21 -50.61
C HIS K 142 -29.50 -9.95 -50.88
N LYS K 143 -29.42 -10.58 -52.05
CA LYS K 143 -28.18 -11.22 -52.45
C LYS K 143 -27.10 -10.17 -52.69
N CYS K 144 -26.04 -10.22 -51.89
CA CYS K 144 -24.95 -9.28 -52.05
C CYS K 144 -23.63 -10.01 -51.93
N ASP K 145 -22.70 -9.65 -52.81
CA ASP K 145 -21.47 -10.39 -53.07
C ASP K 145 -20.34 -9.91 -52.17
N ASN K 146 -19.12 -10.30 -52.54
CA ASN K 146 -17.94 -10.01 -51.72
C ASN K 146 -17.70 -8.52 -51.55
N THR K 147 -18.03 -7.73 -52.57
CA THR K 147 -17.88 -6.27 -52.44
C THR K 147 -18.82 -5.74 -51.36
N CYS K 148 -20.04 -6.25 -51.30
CA CYS K 148 -20.98 -5.84 -50.26
C CYS K 148 -20.45 -6.14 -48.87
N MET K 149 -19.92 -7.35 -48.66
CA MET K 149 -19.41 -7.71 -47.35
C MET K 149 -18.12 -6.98 -47.00
N GLU K 150 -17.25 -6.72 -47.97
CA GLU K 150 -16.09 -5.88 -47.70
C GLU K 150 -16.51 -4.46 -47.35
N SER K 151 -17.59 -3.96 -47.96
CA SER K 151 -18.10 -2.64 -47.58
C SER K 151 -18.67 -2.66 -46.16
N VAL K 152 -19.37 -3.73 -45.80
CA VAL K 152 -19.90 -3.84 -44.44
C VAL K 152 -18.76 -3.87 -43.43
N LYS K 153 -17.73 -4.67 -43.71
CA LYS K 153 -16.56 -4.71 -42.83
C LYS K 153 -15.87 -3.35 -42.75
N ASN K 154 -15.75 -2.66 -43.89
CA ASN K 154 -15.09 -1.37 -43.91
C ASN K 154 -15.93 -0.28 -43.25
N GLY K 155 -17.25 -0.38 -43.34
CA GLY K 155 -18.13 0.60 -42.74
C GLY K 155 -18.74 1.54 -43.75
N THR K 156 -18.89 1.06 -44.99
CA THR K 156 -19.43 1.86 -46.07
C THR K 156 -20.60 1.16 -46.75
N TYR K 157 -21.45 0.49 -45.99
CA TYR K 157 -22.60 -0.19 -46.55
C TYR K 157 -23.56 0.81 -47.16
N ASP K 158 -24.01 0.51 -48.37
CA ASP K 158 -24.91 1.40 -49.12
C ASP K 158 -26.33 0.88 -48.97
N TYR K 159 -26.99 1.34 -47.91
CA TYR K 159 -28.36 0.94 -47.58
C TYR K 159 -29.36 1.24 -48.68
N PRO K 160 -29.43 2.46 -49.22
CA PRO K 160 -30.45 2.73 -50.25
C PRO K 160 -30.25 1.95 -51.54
N LYS K 161 -29.03 1.52 -51.83
CA LYS K 161 -28.80 0.71 -53.02
C LYS K 161 -29.56 -0.62 -52.95
N TYR K 162 -29.52 -1.27 -51.79
CA TYR K 162 -30.14 -2.58 -51.62
C TYR K 162 -31.51 -2.50 -50.95
N SER K 163 -31.99 -1.31 -50.62
CA SER K 163 -33.27 -1.18 -49.92
C SER K 163 -34.42 -1.73 -50.76
N GLU K 164 -34.43 -1.39 -52.04
CA GLU K 164 -35.51 -1.84 -52.92
C GLU K 164 -35.50 -3.35 -53.07
N GLU K 165 -34.31 -3.94 -53.23
CA GLU K 165 -34.22 -5.39 -53.38
C GLU K 165 -34.60 -6.09 -52.09
N ALA K 166 -34.26 -5.52 -50.94
CA ALA K 166 -34.58 -6.15 -49.67
C ALA K 166 -36.05 -6.01 -49.32
N LYS K 167 -36.71 -4.95 -49.80
CA LYS K 167 -38.12 -4.75 -49.48
C LYS K 167 -38.98 -5.87 -50.06
N LEU K 168 -38.64 -6.32 -51.27
CA LEU K 168 -39.44 -7.36 -51.92
C LEU K 168 -39.41 -8.67 -51.14
N ASN K 169 -38.24 -9.08 -50.64
CA ASN K 169 -38.09 -10.37 -49.99
C ASN K 169 -38.45 -10.33 -48.51
N ARG K 170 -38.78 -9.16 -47.98
CA ARG K 170 -39.12 -9.04 -46.57
C ARG K 170 -40.60 -9.36 -46.35
N LEU L 2 -22.18 1.96 -15.59
CA LEU L 2 -23.61 2.03 -15.31
C LEU L 2 -24.40 1.66 -16.55
N PHE L 3 -25.21 0.59 -16.49
CA PHE L 3 -25.88 0.04 -17.70
C PHE L 3 -27.29 0.58 -17.90
N GLY L 4 -27.95 1.07 -16.86
CA GLY L 4 -29.25 1.73 -17.05
C GLY L 4 -30.45 0.91 -16.70
N ALA L 5 -30.33 -0.12 -15.89
CA ALA L 5 -31.52 -0.97 -15.64
C ALA L 5 -32.04 -0.82 -14.21
N ILE L 6 -31.17 -0.92 -13.22
CA ILE L 6 -31.60 -0.73 -11.79
C ILE L 6 -31.69 0.79 -11.58
N ALA L 7 -32.89 1.31 -11.31
CA ALA L 7 -33.14 2.77 -11.13
C ALA L 7 -33.13 3.48 -12.49
N GLY L 8 -33.26 2.73 -13.58
CA GLY L 8 -33.33 3.32 -14.92
C GLY L 8 -34.61 2.88 -15.57
N PHE L 9 -34.54 2.22 -16.73
CA PHE L 9 -35.80 1.91 -17.40
C PHE L 9 -36.65 0.91 -16.62
N ILE L 10 -36.12 0.35 -15.54
CA ILE L 10 -36.91 -0.39 -14.57
C ILE L 10 -36.85 0.41 -13.28
N GLU L 11 -37.90 1.18 -13.02
CA GLU L 11 -37.86 2.21 -11.99
C GLU L 11 -37.82 1.68 -10.56
N GLY L 12 -38.34 0.48 -10.32
CA GLY L 12 -38.38 -0.02 -8.96
C GLY L 12 -38.26 -1.52 -8.84
N GLY L 13 -37.83 -1.99 -7.67
CA GLY L 13 -37.70 -3.39 -7.41
C GLY L 13 -39.01 -4.02 -6.97
N TRP L 14 -39.01 -5.35 -6.92
CA TRP L 14 -40.19 -6.13 -6.56
C TRP L 14 -39.98 -6.74 -5.18
N THR L 15 -40.83 -6.36 -4.23
CA THR L 15 -40.73 -6.91 -2.89
C THR L 15 -41.29 -8.32 -2.81
N GLY L 16 -42.35 -8.61 -3.58
CA GLY L 16 -42.96 -9.92 -3.54
C GLY L 16 -42.12 -11.02 -4.16
N MET L 17 -41.18 -10.67 -5.03
CA MET L 17 -40.29 -11.64 -5.64
C MET L 17 -39.16 -11.90 -4.66
N VAL L 18 -39.24 -13.03 -3.96
CA VAL L 18 -38.30 -13.35 -2.89
C VAL L 18 -37.46 -14.58 -3.16
N ASP L 19 -37.68 -15.28 -4.27
CA ASP L 19 -36.99 -16.51 -4.58
C ASP L 19 -35.76 -16.30 -5.46
N GLY L 20 -35.19 -15.10 -5.47
CA GLY L 20 -34.03 -14.84 -6.28
C GLY L 20 -33.69 -13.37 -6.26
N TRP L 21 -32.76 -13.00 -7.13
CA TRP L 21 -32.37 -11.61 -7.31
C TRP L 21 -32.93 -11.00 -8.59
N TYR L 22 -33.00 -11.78 -9.66
CA TYR L 22 -33.52 -11.35 -10.94
C TYR L 22 -34.63 -12.30 -11.36
N GLY L 23 -35.74 -11.74 -11.87
CA GLY L 23 -36.88 -12.59 -12.15
C GLY L 23 -37.91 -12.01 -13.09
N TYR L 24 -39.01 -12.73 -13.27
CA TYR L 24 -40.06 -12.40 -14.21
C TYR L 24 -41.40 -12.35 -13.48
N HIS L 25 -42.18 -11.33 -13.78
CA HIS L 25 -43.58 -11.25 -13.37
C HIS L 25 -44.45 -11.44 -14.59
N HIS L 26 -45.27 -12.49 -14.58
CA HIS L 26 -46.04 -12.88 -15.73
C HIS L 26 -47.53 -12.74 -15.44
N GLN L 27 -48.27 -12.31 -16.45
CA GLN L 27 -49.70 -12.06 -16.34
C GLN L 27 -50.39 -12.66 -17.57
N ASN L 28 -51.08 -13.78 -17.35
CA ASN L 28 -51.84 -14.49 -18.37
C ASN L 28 -53.32 -14.43 -18.01
N GLU L 29 -54.13 -15.20 -18.73
CA GLU L 29 -55.51 -15.40 -18.33
C GLU L 29 -55.66 -16.52 -17.31
N GLN L 30 -54.58 -17.28 -17.05
CA GLN L 30 -54.60 -18.25 -15.97
C GLN L 30 -54.16 -17.67 -14.63
N GLY L 31 -53.67 -16.45 -14.61
CA GLY L 31 -53.29 -15.79 -13.37
C GLY L 31 -51.90 -15.19 -13.46
N SER L 32 -51.62 -14.25 -12.56
CA SER L 32 -50.34 -13.57 -12.49
C SER L 32 -49.44 -14.26 -11.46
N GLY L 33 -48.14 -14.02 -11.59
CA GLY L 33 -47.20 -14.64 -10.69
C GLY L 33 -45.80 -14.09 -10.84
N TYR L 34 -44.97 -14.40 -9.84
CA TYR L 34 -43.55 -14.09 -9.84
C TYR L 34 -42.76 -15.38 -9.96
N ALA L 35 -41.62 -15.31 -10.64
CA ALA L 35 -40.76 -16.48 -10.82
C ALA L 35 -39.33 -16.00 -11.04
N ALA L 36 -38.43 -16.33 -10.12
CA ALA L 36 -37.07 -15.87 -10.23
C ALA L 36 -36.28 -16.68 -11.25
N ASP L 37 -35.25 -16.05 -11.81
CA ASP L 37 -34.30 -16.73 -12.68
C ASP L 37 -33.21 -17.34 -11.82
N LEU L 38 -33.26 -18.66 -11.64
CA LEU L 38 -32.37 -19.30 -10.69
C LEU L 38 -30.94 -19.36 -11.19
N LYS L 39 -30.74 -19.50 -12.51
CA LYS L 39 -29.38 -19.63 -13.05
C LYS L 39 -28.59 -18.33 -12.87
N SER L 40 -29.19 -17.20 -13.26
CA SER L 40 -28.51 -15.91 -13.11
C SER L 40 -28.27 -15.60 -11.64
N THR L 41 -29.25 -15.88 -10.80
CA THR L 41 -29.10 -15.64 -9.37
C THR L 41 -27.97 -16.47 -8.78
N GLN L 42 -27.87 -17.74 -9.17
CA GLN L 42 -26.80 -18.58 -8.67
C GLN L 42 -25.44 -18.12 -9.16
N ASN L 43 -25.36 -17.70 -10.42
CA ASN L 43 -24.10 -17.17 -10.94
C ASN L 43 -23.69 -15.93 -10.16
N ALA L 44 -24.64 -15.04 -9.88
CA ALA L 44 -24.35 -13.85 -9.10
C ALA L 44 -23.88 -14.21 -7.70
N ILE L 45 -24.52 -15.20 -7.08
CA ILE L 45 -24.11 -15.64 -5.75
C ILE L 45 -22.68 -16.15 -5.78
N ASP L 46 -22.34 -16.95 -6.79
CA ASP L 46 -20.99 -17.49 -6.89
C ASP L 46 -19.96 -16.37 -7.05
N LYS L 47 -20.26 -15.40 -7.91
CA LYS L 47 -19.29 -14.33 -8.15
C LYS L 47 -19.13 -13.42 -6.93
N ILE L 48 -20.23 -13.11 -6.25
CA ILE L 48 -20.14 -12.28 -5.05
C ILE L 48 -19.37 -13.02 -3.96
N THR L 49 -19.62 -14.32 -3.83
CA THR L 49 -18.87 -15.13 -2.86
C THR L 49 -17.39 -15.11 -3.18
N ASN L 50 -17.03 -15.17 -4.47
CA ASN L 50 -15.60 -15.19 -4.84
C ASN L 50 -15.00 -13.81 -4.58
N LYS L 51 -15.75 -12.75 -4.80
CA LYS L 51 -15.22 -11.42 -4.49
C LYS L 51 -14.98 -11.25 -3.00
N VAL L 52 -15.94 -11.67 -2.17
CA VAL L 52 -15.78 -11.55 -0.74
C VAL L 52 -14.60 -12.38 -0.26
N ASN L 53 -14.46 -13.59 -0.78
CA ASN L 53 -13.32 -14.44 -0.41
C ASN L 53 -12.01 -13.79 -0.83
N SER L 54 -11.96 -13.24 -2.04
CA SER L 54 -10.75 -12.60 -2.52
C SER L 54 -10.35 -11.43 -1.64
N VAL L 55 -11.34 -10.65 -1.20
CA VAL L 55 -11.04 -9.51 -0.33
C VAL L 55 -10.55 -9.99 1.04
N ILE L 56 -11.16 -11.05 1.56
CA ILE L 56 -10.88 -11.43 2.95
C ILE L 56 -9.61 -12.27 3.04
N GLU L 57 -9.60 -13.44 2.40
CA GLU L 57 -8.58 -14.45 2.66
C GLU L 57 -7.35 -14.28 1.79
N LYS L 58 -7.08 -13.06 1.33
CA LYS L 58 -5.82 -12.75 0.67
C LYS L 58 -4.89 -11.90 1.53
N MET L 59 -5.24 -11.65 2.79
CA MET L 59 -4.46 -10.74 3.63
C MET L 59 -3.10 -11.33 3.98
N ASN L 60 -3.04 -12.62 4.30
CA ASN L 60 -1.79 -13.31 4.63
C ASN L 60 -1.07 -12.64 5.80
N THR L 61 -1.69 -12.72 6.97
CA THR L 61 -1.09 -12.19 8.18
C THR L 61 -0.05 -13.16 8.74
N GLN L 62 0.73 -12.68 9.70
CA GLN L 62 1.73 -13.51 10.37
C GLN L 62 1.93 -13.00 11.79
N PHE L 63 2.50 -13.86 12.63
CA PHE L 63 2.64 -13.54 14.05
C PHE L 63 3.59 -12.38 14.25
N THR L 64 3.12 -11.36 14.98
CA THR L 64 3.89 -10.16 15.25
C THR L 64 3.56 -9.65 16.64
N ALA L 65 4.46 -8.85 17.19
CA ALA L 65 4.24 -8.16 18.46
C ALA L 65 4.59 -6.70 18.25
N VAL L 66 3.55 -5.86 18.08
CA VAL L 66 3.77 -4.47 17.71
C VAL L 66 4.48 -3.70 18.82
N GLY L 67 4.08 -3.91 20.07
CA GLY L 67 4.58 -3.07 21.16
C GLY L 67 6.07 -3.29 21.42
N LYS L 68 6.78 -2.18 21.62
CA LYS L 68 8.16 -2.20 22.04
C LYS L 68 8.34 -1.24 23.20
N GLU L 69 9.38 -1.48 23.99
CA GLU L 69 9.67 -0.66 25.16
C GLU L 69 11.05 -0.08 25.03
N PHE L 70 11.18 1.22 25.25
CA PHE L 70 12.43 1.95 25.13
C PHE L 70 12.61 2.83 26.35
N ASN L 71 13.87 3.08 26.72
CA ASN L 71 14.17 3.89 27.89
C ASN L 71 14.22 5.37 27.50
N HIS L 72 14.59 6.21 28.46
CA HIS L 72 14.57 7.65 28.25
C HIS L 72 15.72 8.15 27.37
N LEU L 73 16.71 7.32 27.10
CA LEU L 73 17.86 7.71 26.28
C LEU L 73 17.79 7.07 24.90
N GLU L 74 16.63 6.48 24.56
CA GLU L 74 16.43 5.83 23.27
C GLU L 74 15.20 6.42 22.60
N LYS L 75 15.12 7.75 22.58
CA LYS L 75 13.96 8.43 22.02
C LYS L 75 13.95 8.37 20.50
N ARG L 76 15.12 8.37 19.87
CA ARG L 76 15.17 8.30 18.40
C ARG L 76 14.61 6.99 17.88
N ILE L 77 14.95 5.88 18.54
CA ILE L 77 14.41 4.59 18.13
C ILE L 77 12.91 4.53 18.38
N GLU L 78 12.46 5.11 19.49
CA GLU L 78 11.02 5.15 19.78
C GLU L 78 10.27 5.94 18.73
N ASN L 79 10.83 7.07 18.29
CA ASN L 79 10.20 7.85 17.24
C ASN L 79 10.24 7.12 15.90
N LEU L 80 11.30 6.36 15.63
CA LEU L 80 11.34 5.56 14.41
C LEU L 80 10.25 4.49 14.43
N ASN L 81 10.04 3.87 15.58
CA ASN L 81 8.98 2.88 15.73
C ASN L 81 7.61 3.54 15.52
N LYS L 82 7.42 4.72 16.10
CA LYS L 82 6.17 5.45 15.90
C LYS L 82 5.96 5.80 14.43
N LYS L 83 7.03 6.18 13.74
CA LYS L 83 6.94 6.48 12.31
C LYS L 83 6.51 5.25 11.52
N VAL L 84 7.10 4.10 11.83
CA VAL L 84 6.74 2.87 11.13
C VAL L 84 5.27 2.55 11.36
N ASP L 85 4.83 2.62 12.61
CA ASP L 85 3.44 2.29 12.93
C ASP L 85 2.46 3.24 12.25
N ASP L 86 2.75 4.55 12.30
CA ASP L 86 1.88 5.54 11.68
C ASP L 86 1.82 5.39 10.17
N GLY L 87 2.97 5.12 9.54
CA GLY L 87 2.97 4.90 8.10
C GLY L 87 2.15 3.69 7.70
N PHE L 88 2.31 2.58 8.43
CA PHE L 88 1.51 1.40 8.12
C PHE L 88 0.03 1.68 8.33
N LEU L 89 -0.32 2.41 9.39
CA LEU L 89 -1.71 2.76 9.65
C LEU L 89 -2.31 3.58 8.51
N ASP L 90 -1.58 4.60 8.06
CA ASP L 90 -2.06 5.42 6.95
C ASP L 90 -2.24 4.62 5.68
N ILE L 91 -1.24 3.80 5.34
CA ILE L 91 -1.33 2.98 4.13
C ILE L 91 -2.55 2.08 4.20
N TRP L 92 -2.76 1.41 5.33
CA TRP L 92 -3.83 0.42 5.42
C TRP L 92 -5.19 1.09 5.40
N THR L 93 -5.35 2.21 6.10
CA THR L 93 -6.65 2.87 6.11
C THR L 93 -7.00 3.39 4.73
N TYR L 94 -6.03 4.00 4.03
CA TYR L 94 -6.30 4.49 2.68
C TYR L 94 -6.67 3.34 1.74
N ASN L 95 -5.89 2.27 1.77
CA ASN L 95 -6.15 1.14 0.88
C ASN L 95 -7.49 0.50 1.17
N ALA L 96 -7.83 0.35 2.46
CA ALA L 96 -9.10 -0.27 2.84
C ALA L 96 -10.29 0.54 2.34
N GLU L 97 -10.27 1.86 2.60
CA GLU L 97 -11.40 2.68 2.15
C GLU L 97 -11.54 2.65 0.63
N LEU L 98 -10.44 2.84 -0.10
CA LEU L 98 -10.54 2.87 -1.55
C LEU L 98 -10.98 1.53 -2.10
N LEU L 99 -10.47 0.44 -1.53
CA LEU L 99 -10.84 -0.92 -1.96
C LEU L 99 -12.34 -1.13 -1.80
N VAL L 100 -12.86 -0.78 -0.63
CA VAL L 100 -14.29 -0.99 -0.37
C VAL L 100 -15.14 -0.17 -1.33
N LEU L 101 -14.78 1.10 -1.55
CA LEU L 101 -15.57 1.92 -2.46
C LEU L 101 -15.56 1.37 -3.88
N LEU L 102 -14.37 0.97 -4.37
CA LEU L 102 -14.27 0.49 -5.74
C LEU L 102 -15.06 -0.81 -5.94
N GLU L 103 -14.96 -1.74 -4.99
CA GLU L 103 -15.71 -2.98 -5.13
C GLU L 103 -17.21 -2.78 -4.94
N ASN L 104 -17.63 -1.77 -4.17
CA ASN L 104 -19.06 -1.46 -4.12
C ASN L 104 -19.55 -0.96 -5.48
N GLU L 105 -18.79 -0.08 -6.13
CA GLU L 105 -19.05 0.24 -7.53
C GLU L 105 -19.18 -0.99 -8.40
N ARG L 106 -18.19 -1.88 -8.32
CA ARG L 106 -18.16 -3.05 -9.18
C ARG L 106 -19.38 -3.94 -8.96
N THR L 107 -19.75 -4.16 -7.70
CA THR L 107 -20.88 -5.04 -7.39
C THR L 107 -22.19 -4.45 -7.89
N LEU L 108 -22.40 -3.16 -7.65
CA LEU L 108 -23.64 -2.55 -8.12
C LEU L 108 -23.74 -2.59 -9.64
N ASP L 109 -22.63 -2.30 -10.33
CA ASP L 109 -22.62 -2.36 -11.78
C ASP L 109 -22.83 -3.78 -12.28
N TYR L 110 -22.31 -4.76 -11.55
CA TYR L 110 -22.49 -6.16 -11.93
C TYR L 110 -23.97 -6.56 -11.88
N HIS L 111 -24.66 -6.16 -10.81
CA HIS L 111 -26.09 -6.44 -10.74
C HIS L 111 -26.85 -5.75 -11.86
N ASP L 112 -26.50 -4.49 -12.15
CA ASP L 112 -27.15 -3.75 -13.23
C ASP L 112 -26.98 -4.47 -14.56
N SER L 113 -25.75 -4.90 -14.84
CA SER L 113 -25.43 -5.67 -16.03
C SER L 113 -26.26 -6.94 -16.12
N ASN L 114 -26.37 -7.68 -15.02
CA ASN L 114 -27.18 -8.89 -15.02
C ASN L 114 -28.63 -8.60 -15.42
N VAL L 115 -29.22 -7.57 -14.83
CA VAL L 115 -30.61 -7.24 -15.14
C VAL L 115 -30.75 -6.89 -16.63
N LYS L 116 -29.84 -6.07 -17.12
CA LYS L 116 -29.91 -5.64 -18.52
C LYS L 116 -29.76 -6.83 -19.45
N ASN L 117 -28.86 -7.75 -19.12
CA ASN L 117 -28.64 -8.92 -19.98
C ASN L 117 -29.85 -9.83 -19.99
N LEU L 118 -30.52 -9.99 -18.84
CA LEU L 118 -31.76 -10.75 -18.81
C LEU L 118 -32.82 -10.13 -19.70
N TYR L 119 -32.97 -8.80 -19.61
CA TYR L 119 -33.93 -8.10 -20.46
C TYR L 119 -33.60 -8.29 -21.93
N GLU L 120 -32.32 -8.17 -22.29
CA GLU L 120 -31.91 -8.32 -23.69
C GLU L 120 -32.16 -9.73 -24.19
N LYS L 121 -31.90 -10.73 -23.35
CA LYS L 121 -32.16 -12.11 -23.74
C LYS L 121 -33.63 -12.32 -24.06
N VAL L 122 -34.51 -11.85 -23.17
CA VAL L 122 -35.94 -12.02 -23.42
C VAL L 122 -36.36 -11.26 -24.68
N ARG L 123 -35.83 -10.06 -24.88
CA ARG L 123 -36.20 -9.27 -26.04
C ARG L 123 -35.77 -9.95 -27.34
N ASN L 124 -34.54 -10.46 -27.36
CA ASN L 124 -34.04 -11.15 -28.55
C ASN L 124 -34.79 -12.45 -28.81
N GLN L 125 -35.32 -13.07 -27.75
CA GLN L 125 -36.17 -14.25 -27.95
C GLN L 125 -37.49 -13.85 -28.60
N LEU L 126 -38.15 -12.83 -28.06
CA LEU L 126 -39.51 -12.52 -28.51
C LEU L 126 -39.52 -11.85 -29.88
N LYS L 127 -38.58 -10.93 -30.14
CA LYS L 127 -38.55 -10.14 -31.36
C LYS L 127 -39.83 -9.34 -31.54
N ASN L 128 -40.47 -9.45 -32.71
CA ASN L 128 -41.66 -8.68 -33.02
C ASN L 128 -42.95 -9.39 -32.64
N ASN L 129 -42.86 -10.57 -32.02
CA ASN L 129 -44.05 -11.22 -31.48
C ASN L 129 -44.59 -10.49 -30.25
N ALA L 130 -43.83 -9.56 -29.69
CA ALA L 130 -44.24 -8.81 -28.51
C ALA L 130 -43.91 -7.34 -28.71
N LYS L 131 -44.61 -6.50 -27.96
CA LYS L 131 -44.41 -5.06 -27.97
C LYS L 131 -43.74 -4.64 -26.67
N GLU L 132 -42.71 -3.81 -26.77
CA GLU L 132 -42.00 -3.30 -25.60
C GLU L 132 -42.78 -2.12 -25.03
N ILE L 133 -43.38 -2.31 -23.85
CA ILE L 133 -44.08 -1.22 -23.18
C ILE L 133 -43.08 -0.16 -22.72
N GLY L 134 -41.98 -0.60 -22.09
CA GLY L 134 -40.94 0.33 -21.73
C GLY L 134 -40.45 0.22 -20.30
N ASN L 135 -41.35 -0.08 -19.37
CA ASN L 135 -40.95 -0.20 -17.96
C ASN L 135 -40.12 -1.45 -17.73
N GLY L 136 -40.01 -2.35 -18.69
CA GLY L 136 -39.32 -3.64 -18.51
C GLY L 136 -40.28 -4.74 -18.91
N CYS L 137 -41.44 -4.37 -19.44
CA CYS L 137 -42.50 -5.35 -19.74
C CYS L 137 -42.65 -5.61 -21.24
N PHE L 138 -43.32 -6.72 -21.60
CA PHE L 138 -43.51 -7.13 -23.01
C PHE L 138 -44.94 -7.56 -23.17
N GLU L 139 -45.74 -6.90 -24.00
CA GLU L 139 -47.11 -7.36 -24.23
C GLU L 139 -47.12 -8.28 -25.44
N PHE L 140 -47.54 -9.52 -25.23
CA PHE L 140 -47.57 -10.48 -26.33
C PHE L 140 -48.68 -10.15 -27.32
N TYR L 141 -48.36 -10.24 -28.60
CA TYR L 141 -49.36 -10.12 -29.65
C TYR L 141 -50.16 -11.41 -29.84
N HIS L 142 -49.73 -12.50 -29.24
CA HIS L 142 -50.42 -13.78 -29.32
C HIS L 142 -50.72 -14.26 -27.91
N LYS L 143 -51.86 -14.91 -27.75
CA LYS L 143 -52.30 -15.40 -26.46
C LYS L 143 -51.60 -16.72 -26.18
N CYS L 144 -50.61 -16.69 -25.29
CA CYS L 144 -49.86 -17.89 -24.97
C CYS L 144 -49.88 -18.11 -23.47
N ASP L 145 -50.00 -19.39 -23.09
CA ASP L 145 -50.28 -19.82 -21.73
C ASP L 145 -49.00 -20.06 -20.96
N ASN L 146 -49.13 -20.75 -19.81
CA ASN L 146 -48.00 -20.94 -18.90
C ASN L 146 -46.85 -21.68 -19.57
N THR L 147 -47.13 -22.60 -20.49
CA THR L 147 -46.05 -23.31 -21.18
C THR L 147 -45.22 -22.36 -22.02
N CYS L 148 -45.86 -21.42 -22.71
CA CYS L 148 -45.15 -20.43 -23.51
C CYS L 148 -44.22 -19.58 -22.65
N MET L 149 -44.71 -19.13 -21.51
CA MET L 149 -43.89 -18.26 -20.67
C MET L 149 -42.80 -19.05 -19.95
N GLU L 150 -43.06 -20.31 -19.63
CA GLU L 150 -42.00 -21.18 -19.12
C GLU L 150 -40.93 -21.38 -20.18
N SER L 151 -41.32 -21.49 -21.45
CA SER L 151 -40.35 -21.57 -22.53
C SER L 151 -39.55 -20.29 -22.67
N VAL L 152 -40.20 -19.14 -22.54
CA VAL L 152 -39.48 -17.86 -22.60
C VAL L 152 -38.47 -17.78 -21.47
N LYS L 153 -38.88 -18.17 -20.26
CA LYS L 153 -37.96 -18.16 -19.12
C LYS L 153 -36.80 -19.12 -19.34
N ASN L 154 -37.08 -20.32 -19.84
CA ASN L 154 -36.04 -21.33 -20.03
C ASN L 154 -35.11 -20.93 -21.16
N GLY L 155 -35.66 -20.50 -22.29
CA GLY L 155 -34.85 -20.12 -23.43
C GLY L 155 -35.16 -20.93 -24.67
N THR L 156 -36.35 -21.51 -24.71
CA THR L 156 -36.77 -22.38 -25.80
C THR L 156 -38.05 -21.85 -26.45
N TYR L 157 -38.13 -20.53 -26.60
CA TYR L 157 -39.30 -19.93 -27.22
C TYR L 157 -39.34 -20.22 -28.71
N ASP L 158 -40.50 -20.65 -29.21
CA ASP L 158 -40.67 -21.03 -30.60
C ASP L 158 -41.30 -19.86 -31.34
N TYR L 159 -40.45 -19.02 -31.93
CA TYR L 159 -40.91 -17.89 -32.74
C TYR L 159 -41.73 -18.33 -33.94
N PRO L 160 -41.31 -19.31 -34.74
CA PRO L 160 -42.13 -19.73 -35.89
C PRO L 160 -43.50 -20.22 -35.51
N LYS L 161 -43.66 -20.86 -34.35
CA LYS L 161 -44.96 -21.41 -33.97
C LYS L 161 -45.99 -20.31 -33.80
N TYR L 162 -45.61 -19.18 -33.22
CA TYR L 162 -46.53 -18.10 -32.94
C TYR L 162 -46.42 -16.94 -33.93
N SER L 163 -45.54 -17.04 -34.94
CA SER L 163 -45.37 -15.92 -35.87
C SER L 163 -46.65 -15.64 -36.64
N GLU L 164 -47.30 -16.68 -37.15
CA GLU L 164 -48.52 -16.49 -37.93
C GLU L 164 -49.64 -15.92 -37.06
N GLU L 165 -49.77 -16.43 -35.83
CA GLU L 165 -50.80 -15.91 -34.94
C GLU L 165 -50.55 -14.46 -34.57
N ALA L 166 -49.29 -14.10 -34.33
CA ALA L 166 -48.95 -12.74 -33.94
C ALA L 166 -49.02 -11.75 -35.10
N LYS L 167 -48.84 -12.22 -36.33
CA LYS L 167 -48.90 -11.31 -37.47
C LYS L 167 -50.28 -10.70 -37.62
N LEU L 168 -51.34 -11.47 -37.40
CA LEU L 168 -52.69 -10.96 -37.57
C LEU L 168 -53.03 -9.85 -36.59
N ASN L 169 -52.66 -9.99 -35.32
CA ASN L 169 -52.99 -8.98 -34.32
C ASN L 169 -52.08 -7.77 -34.36
N ARG L 170 -51.01 -7.80 -35.14
CA ARG L 170 -50.08 -6.69 -35.21
C ARG L 170 -50.40 -5.79 -36.41
#